data_5SXD
#
_entry.id   5SXD
#
_cell.length_a   114.873
_cell.length_b   116.442
_cell.length_c   149.973
_cell.angle_alpha   90.000
_cell.angle_beta   90.000
_cell.angle_gamma   90.000
#
_symmetry.space_group_name_H-M   'P 21 21 21'
#
loop_
_entity.id
_entity.type
_entity.pdbx_description
1 polymer 'Phosphatidylinositol 4,5-bisphosphate 3-kinase catalytic subunit alpha isoform'
2 polymer 'Phosphatidylinositol 3-kinase regulatory subunit alpha'
3 non-polymer '2-methoxybenzoic acid'
#
loop_
_entity_poly.entity_id
_entity_poly.type
_entity_poly.pdbx_seq_one_letter_code
_entity_poly.pdbx_strand_id
1 'polypeptide(L)'
;MSYYHHHHHHDYDIPTTENLYFQGAMGSMPPRPS(SEP)GELWGIHLMPPRILVECLLPNGMIVTLECLREATLITIKHE
LFKEARKYPLHQLLQDESSYIFVSVTQEAEREEFFDETRRLCDLRLFQPFLKVIEPVGNREEKILNREIGFAIGMPVCEF
DMVKDPEVQDFRRNILNVCKEAVDLRDLNSPHSRAMYVYPPNVESSPELPKHIYNKLDKGQIIVVIWVIVSPNNDKQKYT
LKINHDCVPEQVIAEAIRKKTRSMLLSSEQLKLCVLEYQGKYILKVCGCDEYFLEKYPLSQYKYIRSCIMLGRMPNLMLM
AKESLYSQLPMDCFTMPSYSRRISTATPYMNGETSTKSLWVINSALRIKILCATYVNVNIRDIDKIYVRTGIYHGGEPLC
DNVNTQRVPCSNPRWNEWLNYDIYIPDLPRAARLCLSICSVKGRKGAKEEHCPLAWGNINLFDYTDTLVSGKMALNLWPV
PHGLEDLLNPIGVTGSNPNKETPCLELEFDWFSSVVKFPDMSVIEEHANWSVSREAGFSYSHAGLSNRLARDNELRENDK
EQLKAISTRDPLSEITEQEKDFLWSHRHYCVTIPEILPKLLLSVKWNSRDEVAQMYCLVKDWPPIKPEQAMELLDCNYPD
PMVRGFAVRCLEKYLTDDKLSQYLIQLVQVLKYEQYLDNLLVRFLLKKALTNQRIGHFFFWHLKSEMHNKTVSQRFGLLL
ESYCRACGMYLKHLNRQVEAMEKLINLTDILKQEKKDETQKVQMKFLVEQMRRPDFMDALQGFLSPLNPAHQLGNLRLEE
CRIMSSAKRPLWLNWENPDIM(SEP)ELLFQNNEIIFKNGDDLRQDMLTLQIIRIMENIWQNQGLDLRMLPYGCLSIGDC
VGLIEVVRNSHTIMQIQCKGGLKGALQFNSHTLHQWLKDKNKGEIYDAAIDLFTRSCAGYCVATFILGIGDRHNSNIMVK
DDGQLFHIDFGHFLDHKKKKFGYKRERVPFVLTQDFLIVISKGAQECTKTREFERFQEMCYKAYLAIRQHANLFINLFSM
MLGSGMPELQSFDDIAYIRKTLALDKTEQEALEYFMKQMNDAHHGGWTTKMDWIFHTIKQHALN
;
A
2 'polypeptide(L)'
;MNNNMSLQDAEWYWGDISREEVNEKLRDTADGTFLVRDASTKMHGDYTLTLRKGGNNKLIKIFHRDGKYGFSDPLTFSSV
VELINHYRNESLAQYNPKLDVKLLYPVSKYQQDQVVKEDNIEAVGKKLHEYNTQFQEKSREYDRLYEEYTRTSQEIQMKR
TAIEAFNETIKIFEEQCQTQERYSKEYIEKFKREGNEKEIQRIMHNYDKLKSRISEIIDSRRRLEEDLKKQAAEYREIDK
RMNSIKPDLIQLRKTRDQYLMWLTQKGVRQKKLNEWLGN
;
B
#
# COMPACT_ATOMS: atom_id res chain seq x y z
N SER A 2 -41.62 -30.25 -12.23
CA SER A 2 -42.47 -29.57 -11.19
C SER A 2 -41.59 -28.85 -10.21
N TYR A 3 -40.33 -29.33 -10.09
CA TYR A 3 -39.24 -28.57 -9.44
C TYR A 3 -39.08 -27.18 -10.05
N TYR A 4 -38.92 -27.15 -11.38
CA TYR A 4 -38.56 -25.94 -12.14
C TYR A 4 -39.66 -25.47 -13.12
N HIS A 5 -40.88 -25.98 -12.94
CA HIS A 5 -41.99 -25.74 -13.88
C HIS A 5 -41.60 -26.09 -15.34
N HIS A 6 -40.83 -27.17 -15.46
CA HIS A 6 -40.29 -27.61 -16.73
C HIS A 6 -39.77 -26.46 -17.61
N HIS A 7 -39.13 -25.46 -17.00
CA HIS A 7 -38.56 -24.34 -17.73
C HIS A 7 -37.14 -24.70 -18.11
N HIS A 8 -36.85 -24.57 -19.41
CA HIS A 8 -35.53 -24.89 -19.92
C HIS A 8 -34.69 -23.62 -19.96
N HIS A 9 -33.45 -23.71 -19.48
CA HIS A 9 -32.44 -22.69 -19.77
C HIS A 9 -31.66 -23.17 -20.99
N HIS A 10 -32.01 -22.58 -22.15
CA HIS A 10 -31.57 -23.08 -23.47
C HIS A 10 -30.06 -22.87 -23.75
N ASP A 11 -29.51 -21.79 -23.18
CA ASP A 11 -28.12 -21.34 -23.44
C ASP A 11 -27.08 -22.13 -22.66
N TYR A 12 -27.40 -22.43 -21.40
CA TYR A 12 -26.52 -23.15 -20.47
C TYR A 12 -25.91 -24.38 -21.11
N ASP A 13 -24.59 -24.44 -21.18
CA ASP A 13 -23.87 -25.63 -21.66
C ASP A 13 -22.80 -26.02 -20.63
N ILE A 14 -22.75 -27.30 -20.27
CA ILE A 14 -21.69 -27.81 -19.36
C ILE A 14 -20.36 -28.12 -20.06
N PRO A 15 -20.32 -28.20 -21.42
CA PRO A 15 -19.00 -28.20 -22.06
C PRO A 15 -18.14 -26.96 -21.70
N THR A 16 -17.45 -27.07 -20.55
CA THR A 16 -16.63 -26.00 -19.93
C THR A 16 -17.37 -24.63 -19.80
N THR A 17 -18.63 -24.69 -19.35
CA THR A 17 -19.54 -23.53 -19.23
C THR A 17 -19.61 -22.64 -20.49
N GLN A 23 -13.94 -19.44 -13.50
CA GLN A 23 -13.07 -20.05 -12.50
C GLN A 23 -13.82 -20.55 -11.26
N GLY A 24 -15.13 -20.33 -11.18
CA GLY A 24 -15.92 -20.79 -10.04
C GLY A 24 -15.83 -22.28 -9.74
N ALA A 25 -15.70 -23.12 -10.80
CA ALA A 25 -15.81 -24.60 -10.69
C ALA A 25 -14.71 -25.27 -9.87
N SER A 28 -10.47 -20.73 -6.89
CA SER A 28 -9.40 -19.90 -6.34
C SER A 28 -8.42 -19.41 -7.43
N MET A 29 -7.40 -18.66 -7.00
CA MET A 29 -6.24 -18.22 -7.81
C MET A 29 -6.50 -17.21 -8.98
N PRO A 30 -6.74 -15.91 -8.67
CA PRO A 30 -7.17 -14.90 -9.68
C PRO A 30 -6.20 -13.92 -10.44
N PRO A 31 -4.92 -13.72 -10.02
CA PRO A 31 -4.11 -12.65 -10.67
C PRO A 31 -3.53 -13.04 -12.07
N ARG A 32 -2.21 -13.29 -12.18
CA ARG A 32 -1.55 -13.82 -13.41
C ARG A 32 -1.51 -12.86 -14.63
N PRO A 33 -0.67 -13.13 -15.65
CA PRO A 33 0.46 -14.08 -15.65
C PRO A 33 1.81 -13.35 -15.65
N SER A 34 2.91 -14.08 -15.56
CA SER A 34 4.26 -13.47 -15.42
C SER A 34 5.37 -14.42 -15.86
N GLY A 36 8.76 -16.38 -17.22
CA GLY A 36 9.84 -16.78 -16.32
C GLY A 36 11.22 -16.81 -16.91
N GLU A 37 11.79 -18.02 -17.01
CA GLU A 37 13.21 -18.20 -17.35
C GLU A 37 13.62 -17.91 -18.79
N LEU A 38 12.63 -17.94 -19.69
CA LEU A 38 12.81 -17.69 -21.11
C LEU A 38 11.48 -17.16 -21.59
N TRP A 39 11.45 -16.53 -22.76
CA TRP A 39 10.22 -15.93 -23.25
C TRP A 39 9.15 -17.00 -23.44
N GLY A 40 8.02 -16.76 -22.78
CA GLY A 40 6.83 -17.56 -22.99
C GLY A 40 6.83 -18.94 -22.36
N ILE A 41 7.82 -19.25 -21.54
CA ILE A 41 7.95 -20.58 -20.94
C ILE A 41 8.46 -20.40 -19.49
N HIS A 42 7.79 -20.98 -18.51
CA HIS A 42 8.16 -20.76 -17.10
C HIS A 42 9.56 -21.28 -16.71
N LEU A 43 9.86 -22.51 -17.12
CA LEU A 43 11.12 -23.18 -16.78
C LEU A 43 11.77 -23.72 -18.02
N MET A 44 13.00 -23.27 -18.29
CA MET A 44 13.68 -23.75 -19.48
C MET A 44 14.01 -25.24 -19.33
N PRO A 45 13.86 -26.01 -20.43
CA PRO A 45 14.30 -27.39 -20.51
C PRO A 45 15.71 -27.64 -19.95
N PRO A 46 15.90 -28.77 -19.26
CA PRO A 46 17.12 -29.05 -18.48
C PRO A 46 18.41 -29.11 -19.32
N ARG A 47 18.24 -29.32 -20.62
CA ARG A 47 19.29 -29.27 -21.60
C ARG A 47 18.67 -28.54 -22.77
N ILE A 48 19.41 -27.58 -23.33
CA ILE A 48 18.87 -26.61 -24.29
C ILE A 48 19.95 -26.13 -25.25
N LEU A 49 19.53 -25.75 -26.45
CA LEU A 49 20.48 -25.25 -27.44
C LEU A 49 20.58 -23.73 -27.43
N VAL A 50 21.82 -23.23 -27.36
CA VAL A 50 22.07 -21.79 -27.31
C VAL A 50 23.01 -21.31 -28.42
N GLU A 51 22.50 -20.35 -29.20
CA GLU A 51 23.20 -19.83 -30.37
C GLU A 51 24.22 -18.80 -29.92
N CYS A 52 25.49 -19.12 -30.09
CA CYS A 52 26.55 -18.24 -29.66
C CYS A 52 27.11 -17.45 -30.83
N LEU A 53 26.67 -16.19 -30.93
CA LEU A 53 27.20 -15.25 -31.92
C LEU A 53 28.63 -14.76 -31.54
N LEU A 54 29.59 -14.99 -32.44
CA LEU A 54 31.02 -14.65 -32.22
C LEU A 54 31.51 -13.31 -32.91
N PRO A 55 32.69 -12.78 -32.49
CA PRO A 55 33.27 -11.56 -33.08
C PRO A 55 33.53 -11.69 -34.57
N ASN A 56 33.87 -12.91 -34.98
CA ASN A 56 34.07 -13.26 -36.39
C ASN A 56 32.79 -13.57 -37.21
N GLY A 57 31.60 -13.30 -36.65
CA GLY A 57 30.34 -13.55 -37.38
C GLY A 57 29.84 -14.99 -37.53
N MET A 58 30.47 -15.94 -36.83
CA MET A 58 30.09 -17.36 -36.85
C MET A 58 29.04 -17.67 -35.77
N ILE A 59 28.09 -18.56 -36.07
CA ILE A 59 27.05 -18.99 -35.11
C ILE A 59 27.21 -20.46 -34.75
N VAL A 60 27.92 -20.71 -33.66
CA VAL A 60 28.02 -22.06 -33.10
C VAL A 60 26.89 -22.22 -32.06
N THR A 61 26.16 -23.33 -32.15
CA THR A 61 25.01 -23.58 -31.30
C THR A 61 25.40 -24.68 -30.34
N LEU A 62 25.60 -24.30 -29.07
CA LEU A 62 25.95 -25.28 -28.02
C LEU A 62 24.68 -25.84 -27.40
N GLU A 63 24.70 -27.13 -27.05
CA GLU A 63 23.75 -27.69 -26.10
C GLU A 63 24.36 -27.44 -24.74
N CYS A 64 23.60 -26.82 -23.86
CA CYS A 64 24.05 -26.46 -22.53
C CYS A 64 23.02 -26.92 -21.56
N LEU A 65 23.42 -27.19 -20.33
CA LEU A 65 22.41 -27.44 -19.32
C LEU A 65 21.82 -26.11 -18.80
N ARG A 66 20.49 -26.07 -18.69
CA ARG A 66 19.72 -25.04 -17.98
C ARG A 66 20.47 -24.29 -16.87
N GLU A 67 21.19 -25.05 -16.05
CA GLU A 67 21.80 -24.57 -14.81
C GLU A 67 23.30 -24.17 -14.95
N ALA A 68 23.83 -24.13 -16.18
CA ALA A 68 25.28 -23.96 -16.41
C ALA A 68 25.73 -22.53 -16.39
N THR A 69 26.88 -22.28 -15.77
CA THR A 69 27.41 -20.93 -15.61
C THR A 69 28.03 -20.45 -16.89
N LEU A 70 28.02 -19.13 -17.08
CA LEU A 70 28.64 -18.52 -18.26
C LEU A 70 30.16 -18.81 -18.34
N ILE A 71 30.84 -18.98 -17.20
CA ILE A 71 32.24 -19.47 -17.14
C ILE A 71 32.35 -20.80 -17.83
N THR A 72 31.43 -21.70 -17.49
CA THR A 72 31.35 -23.03 -18.11
C THR A 72 31.03 -22.95 -19.58
N ILE A 73 30.07 -22.09 -19.95
CA ILE A 73 29.63 -21.96 -21.33
C ILE A 73 30.73 -21.36 -22.22
N LYS A 74 31.29 -20.23 -21.78
CA LYS A 74 32.41 -19.61 -22.49
C LYS A 74 33.53 -20.63 -22.65
N HIS A 75 33.97 -21.23 -21.53
CA HIS A 75 35.10 -22.19 -21.52
C HIS A 75 34.94 -23.29 -22.57
N GLU A 76 33.69 -23.68 -22.84
CA GLU A 76 33.38 -24.70 -23.85
C GLU A 76 33.16 -24.10 -25.24
N LEU A 77 32.55 -22.91 -25.30
CA LEU A 77 32.37 -22.21 -26.57
C LEU A 77 33.70 -21.96 -27.29
N PHE A 78 34.73 -21.59 -26.53
CA PHE A 78 36.07 -21.36 -27.10
C PHE A 78 36.89 -22.64 -27.30
N LYS A 79 36.34 -23.78 -26.87
CA LYS A 79 36.77 -25.06 -27.40
C LYS A 79 36.02 -25.30 -28.71
N GLU A 80 34.70 -25.41 -28.66
CA GLU A 80 33.91 -25.76 -29.86
C GLU A 80 33.98 -24.77 -31.05
N ALA A 81 34.46 -23.54 -30.85
CA ALA A 81 34.64 -22.62 -31.98
C ALA A 81 35.94 -22.88 -32.77
N ARG A 82 36.95 -23.50 -32.12
CA ARG A 82 38.14 -24.02 -32.85
C ARG A 82 37.77 -24.88 -34.06
N LYS A 83 36.77 -25.74 -33.89
CA LYS A 83 36.29 -26.66 -34.94
C LYS A 83 35.47 -25.96 -36.01
N TYR A 84 35.16 -24.69 -35.78
CA TYR A 84 34.53 -23.81 -36.78
C TYR A 84 35.58 -22.97 -37.58
N PRO A 85 35.14 -22.28 -38.66
CA PRO A 85 36.09 -21.48 -39.42
C PRO A 85 36.53 -20.18 -38.72
N LEU A 86 37.65 -19.64 -39.18
CA LEU A 86 38.16 -18.33 -38.75
C LEU A 86 38.60 -18.27 -37.28
N HIS A 87 38.99 -19.41 -36.68
CA HIS A 87 39.46 -19.46 -35.28
C HIS A 87 40.58 -18.46 -34.93
N GLN A 88 41.48 -18.16 -35.87
CA GLN A 88 42.57 -17.21 -35.58
C GLN A 88 42.13 -15.73 -35.55
N LEU A 89 40.87 -15.45 -35.91
CA LEU A 89 40.25 -14.11 -35.73
C LEU A 89 39.47 -13.96 -34.41
N LEU A 90 39.88 -14.70 -33.37
CA LEU A 90 39.31 -14.54 -32.02
C LEU A 90 40.46 -14.34 -31.07
N GLN A 91 40.28 -13.45 -30.10
CA GLN A 91 41.23 -13.28 -28.98
C GLN A 91 41.09 -14.42 -27.97
N ASP A 92 42.01 -14.49 -27.00
CA ASP A 92 41.84 -15.40 -25.85
C ASP A 92 40.46 -15.14 -25.25
N GLU A 93 39.83 -16.18 -24.72
CA GLU A 93 38.45 -16.05 -24.19
C GLU A 93 38.34 -14.93 -23.16
N SER A 94 39.32 -14.83 -22.25
CA SER A 94 39.35 -13.78 -21.23
C SER A 94 39.20 -12.34 -21.75
N SER A 95 39.46 -12.12 -23.05
CA SER A 95 39.22 -10.84 -23.72
C SER A 95 37.77 -10.65 -24.19
N TYR A 96 36.80 -11.29 -23.53
CA TYR A 96 35.41 -11.27 -23.96
C TYR A 96 34.39 -11.38 -22.83
N ILE A 97 33.19 -10.87 -23.10
CA ILE A 97 32.07 -10.84 -22.15
C ILE A 97 30.79 -11.15 -22.93
N PHE A 98 29.92 -11.98 -22.38
CA PHE A 98 28.67 -12.34 -23.07
C PHE A 98 27.68 -11.20 -23.08
N VAL A 99 26.71 -11.24 -24.00
CA VAL A 99 25.62 -10.25 -24.01
C VAL A 99 24.41 -10.74 -24.82
N SER A 100 23.22 -10.31 -24.42
CA SER A 100 21.97 -10.73 -25.08
C SER A 100 20.84 -9.79 -24.73
N VAL A 101 19.73 -9.92 -25.47
CA VAL A 101 18.48 -9.23 -25.15
C VAL A 101 17.78 -10.02 -24.09
N THR A 102 17.28 -9.32 -23.07
CA THR A 102 16.49 -9.91 -21.98
C THR A 102 14.95 -9.84 -22.25
N GLN A 103 14.15 -10.23 -21.27
CA GLN A 103 12.69 -10.08 -21.35
C GLN A 103 12.23 -8.65 -21.06
N GLU A 104 13.04 -7.88 -20.32
CA GLU A 104 12.85 -6.43 -20.21
C GLU A 104 13.18 -5.66 -21.51
N ALA A 105 13.72 -6.37 -22.53
CA ALA A 105 13.94 -5.88 -23.90
C ALA A 105 15.18 -5.02 -24.05
N GLU A 106 16.17 -5.24 -23.20
CA GLU A 106 17.36 -4.41 -23.14
C GLU A 106 18.60 -5.26 -23.32
N ARG A 107 19.49 -4.81 -24.19
CA ARG A 107 20.77 -5.48 -24.36
C ARG A 107 21.61 -5.38 -23.07
N GLU A 108 21.78 -6.50 -22.37
CA GLU A 108 22.47 -6.51 -21.09
C GLU A 108 23.81 -7.24 -21.19
N GLU A 109 24.91 -6.55 -20.91
CA GLU A 109 26.26 -7.16 -20.85
C GLU A 109 26.34 -8.05 -19.59
N PHE A 110 26.81 -9.29 -19.76
CA PHE A 110 26.88 -10.24 -18.65
C PHE A 110 28.27 -10.31 -18.10
N PHE A 111 28.49 -9.51 -17.03
CA PHE A 111 29.78 -9.40 -16.34
C PHE A 111 29.96 -10.48 -15.31
N ASP A 112 28.95 -10.73 -14.47
CA ASP A 112 29.05 -11.73 -13.40
C ASP A 112 28.90 -13.13 -14.02
N GLU A 113 30.01 -13.67 -14.53
CA GLU A 113 30.00 -14.90 -15.33
C GLU A 113 29.80 -16.12 -14.48
N THR A 114 29.73 -15.93 -13.15
CA THR A 114 29.23 -16.97 -12.24
C THR A 114 27.73 -17.25 -12.37
N ARG A 115 26.98 -16.35 -13.02
CA ARG A 115 25.51 -16.51 -13.24
C ARG A 115 25.17 -17.68 -14.14
N ARG A 116 24.02 -18.31 -13.85
CA ARG A 116 23.55 -19.46 -14.61
C ARG A 116 22.56 -19.05 -15.71
N LEU A 117 22.54 -19.85 -16.76
CA LEU A 117 21.74 -19.58 -17.97
C LEU A 117 20.23 -19.39 -17.72
N CYS A 118 19.70 -20.09 -16.73
CA CYS A 118 18.31 -19.89 -16.31
C CYS A 118 18.07 -18.55 -15.62
N ASP A 119 19.03 -18.14 -14.79
CA ASP A 119 18.90 -16.93 -13.99
C ASP A 119 19.13 -15.60 -14.76
N LEU A 120 19.33 -15.65 -16.09
CA LEU A 120 19.58 -14.44 -16.90
C LEU A 120 18.32 -13.71 -17.42
N ARG A 121 17.18 -14.39 -17.46
CA ARG A 121 15.91 -13.79 -17.89
C ARG A 121 16.05 -13.35 -19.35
N LEU A 122 16.09 -14.34 -20.24
CA LEU A 122 16.82 -14.22 -21.48
C LEU A 122 16.02 -13.98 -22.77
N PHE A 123 14.71 -14.21 -22.75
CA PHE A 123 13.92 -14.04 -23.99
C PHE A 123 14.19 -15.06 -25.13
N GLN A 124 15.31 -14.92 -25.84
CA GLN A 124 15.72 -15.93 -26.84
C GLN A 124 17.01 -16.57 -26.35
N PRO A 125 17.11 -17.90 -26.44
CA PRO A 125 18.31 -18.58 -25.92
C PRO A 125 19.53 -18.34 -26.82
N PHE A 126 20.17 -17.18 -26.66
CA PHE A 126 21.34 -16.81 -27.47
C PHE A 126 22.24 -15.79 -26.80
N LEU A 127 23.50 -15.79 -27.21
CA LEU A 127 24.56 -15.08 -26.53
C LEU A 127 25.57 -14.53 -27.52
N LYS A 128 25.66 -13.22 -27.65
CA LYS A 128 26.72 -12.58 -28.45
C LYS A 128 28.00 -12.36 -27.61
N VAL A 129 29.16 -12.54 -28.25
CA VAL A 129 30.46 -12.39 -27.62
C VAL A 129 31.08 -11.07 -28.08
N ILE A 130 31.56 -10.28 -27.12
CA ILE A 130 32.21 -9.00 -27.38
C ILE A 130 33.33 -8.72 -26.36
N GLU A 131 34.21 -7.76 -26.65
CA GLU A 131 35.20 -7.27 -25.67
C GLU A 131 34.53 -6.15 -24.85
N PRO A 132 34.78 -6.09 -23.52
CA PRO A 132 33.87 -5.29 -22.69
C PRO A 132 34.01 -3.79 -22.97
N VAL A 133 33.06 -3.30 -23.76
CA VAL A 133 32.97 -1.88 -24.08
C VAL A 133 32.57 -1.09 -22.82
N GLY A 134 32.95 0.18 -22.79
CA GLY A 134 32.61 1.06 -21.66
C GLY A 134 33.46 0.79 -20.44
N ASN A 135 34.75 0.49 -20.67
CA ASN A 135 35.76 0.03 -19.67
C ASN A 135 35.43 0.18 -18.18
N ARG A 136 34.73 1.25 -17.84
CA ARG A 136 34.19 1.45 -16.50
C ARG A 136 33.12 0.40 -16.11
N GLU A 137 33.62 -0.77 -15.67
CA GLU A 137 32.83 -2.00 -15.41
C GLU A 137 31.92 -1.85 -14.19
N GLU A 138 32.50 -1.37 -13.09
CA GLU A 138 31.80 -1.10 -11.80
C GLU A 138 30.51 -0.29 -11.92
N LYS A 139 30.50 0.79 -12.71
CA LYS A 139 29.25 1.56 -12.84
C LYS A 139 28.26 0.90 -13.75
N ILE A 140 28.67 -0.09 -14.56
CA ILE A 140 27.64 -0.87 -15.26
C ILE A 140 27.13 -2.00 -14.31
N LEU A 141 27.37 -1.85 -12.99
CA LEU A 141 26.58 -2.48 -11.92
C LEU A 141 25.60 -1.38 -11.29
N ASN A 142 24.81 -0.87 -12.26
CA ASN A 142 23.43 -0.43 -12.14
C ASN A 142 22.55 -1.64 -12.37
N ARG A 143 23.06 -2.64 -13.10
CA ARG A 143 22.39 -3.95 -13.20
C ARG A 143 21.85 -4.41 -11.84
N GLU A 144 22.69 -4.25 -10.82
CA GLU A 144 22.28 -4.52 -9.44
C GLU A 144 21.05 -3.69 -9.03
N ILE A 145 21.11 -2.38 -9.30
CA ILE A 145 19.97 -1.49 -9.00
C ILE A 145 18.71 -1.81 -9.84
N GLY A 146 18.88 -2.03 -11.13
CA GLY A 146 17.78 -2.43 -11.99
C GLY A 146 17.18 -3.80 -11.70
N PHE A 147 17.98 -4.70 -11.11
CA PHE A 147 17.47 -5.98 -10.64
C PHE A 147 16.65 -5.81 -9.37
N ALA A 148 17.25 -5.16 -8.38
CA ALA A 148 16.55 -4.77 -7.18
C ALA A 148 15.22 -4.09 -7.51
N ILE A 149 15.23 -3.16 -8.45
CA ILE A 149 14.04 -2.38 -8.79
C ILE A 149 13.10 -3.17 -9.68
N GLY A 150 13.67 -4.02 -10.52
CA GLY A 150 12.88 -4.76 -11.51
C GLY A 150 12.41 -3.89 -12.67
N MET A 151 13.22 -2.91 -13.01
CA MET A 151 13.20 -2.28 -14.32
C MET A 151 14.58 -1.67 -14.50
N PRO A 152 15.12 -1.73 -15.72
CA PRO A 152 16.51 -1.36 -15.95
C PRO A 152 16.70 0.15 -15.81
N VAL A 153 17.87 0.58 -15.35
CA VAL A 153 18.05 1.98 -14.98
C VAL A 153 18.10 2.86 -16.25
N CYS A 154 18.66 2.30 -17.34
CA CYS A 154 18.68 2.96 -18.67
C CYS A 154 17.30 3.35 -19.22
N GLU A 155 16.24 2.72 -18.73
CA GLU A 155 14.87 3.15 -19.02
C GLU A 155 14.55 4.55 -18.48
N PHE A 156 15.31 5.04 -17.50
CA PHE A 156 15.18 6.43 -17.02
C PHE A 156 16.03 7.40 -17.86
N ASP A 157 17.28 7.03 -18.15
CA ASP A 157 18.18 7.93 -18.90
C ASP A 157 17.55 8.41 -20.20
N MET A 158 16.71 7.58 -20.81
CA MET A 158 15.95 7.95 -22.00
C MET A 158 14.48 8.28 -21.66
N VAL A 159 14.26 9.06 -20.61
CA VAL A 159 12.97 9.72 -20.38
C VAL A 159 13.25 11.18 -20.68
N LYS A 160 12.34 11.82 -21.41
CA LYS A 160 12.48 13.23 -21.84
C LYS A 160 12.22 14.19 -20.68
N ASP A 161 11.00 14.14 -20.13
CA ASP A 161 10.49 14.97 -19.02
C ASP A 161 11.56 15.60 -18.13
N PRO A 162 11.58 16.94 -18.01
CA PRO A 162 12.65 17.54 -17.23
C PRO A 162 12.54 17.20 -15.76
N GLU A 163 11.31 17.15 -15.24
CA GLU A 163 11.10 16.90 -13.80
C GLU A 163 11.78 15.61 -13.34
N VAL A 164 11.65 14.59 -14.18
CA VAL A 164 12.16 13.26 -13.90
C VAL A 164 13.65 13.36 -13.72
N GLN A 165 14.28 14.00 -14.70
CA GLN A 165 15.72 14.18 -14.72
C GLN A 165 16.19 15.11 -13.62
N ASP A 166 15.37 16.12 -13.34
CA ASP A 166 15.61 17.03 -12.22
C ASP A 166 15.51 16.29 -10.89
N PHE A 167 14.51 15.43 -10.75
CA PHE A 167 14.41 14.62 -9.55
C PHE A 167 15.64 13.78 -9.34
N ARG A 168 16.11 13.10 -10.37
CA ARG A 168 17.24 12.18 -10.18
C ARG A 168 18.51 12.91 -9.74
N ARG A 169 18.75 14.10 -10.29
CA ARG A 169 19.98 14.83 -10.01
C ARG A 169 19.90 15.55 -8.66
N ASN A 170 18.77 16.18 -8.39
CA ASN A 170 18.56 16.88 -7.11
C ASN A 170 18.37 16.00 -5.84
N ILE A 171 17.83 14.79 -6.01
CA ILE A 171 17.56 13.93 -4.86
C ILE A 171 18.89 13.44 -4.27
N LEU A 172 19.96 13.45 -5.08
CA LEU A 172 21.31 13.10 -4.60
C LEU A 172 21.81 14.00 -3.47
N ASN A 173 21.31 15.24 -3.39
CA ASN A 173 21.51 16.09 -2.21
C ASN A 173 21.27 15.25 -0.95
N VAL A 174 20.11 14.60 -0.89
CA VAL A 174 19.69 13.78 0.29
C VAL A 174 20.51 12.54 0.52
N CYS A 175 20.92 11.87 -0.54
CA CYS A 175 21.77 10.69 -0.44
C CYS A 175 23.11 11.04 0.18
N LYS A 176 23.75 12.08 -0.35
CA LYS A 176 25.06 12.49 0.10
C LYS A 176 25.02 12.85 1.57
N GLU A 177 23.99 13.59 1.99
CA GLU A 177 23.82 13.98 3.41
C GLU A 177 23.66 12.79 4.40
N ALA A 178 23.01 11.72 3.92
CA ALA A 178 22.78 10.54 4.73
C ALA A 178 24.10 9.82 4.88
N VAL A 179 24.73 9.49 3.76
CA VAL A 179 26.01 8.75 3.78
C VAL A 179 27.04 9.46 4.67
N ASP A 180 26.93 10.78 4.78
CA ASP A 180 27.76 11.56 5.70
C ASP A 180 27.48 11.18 7.15
N LEU A 181 26.21 11.23 7.54
CA LEU A 181 25.84 10.80 8.89
C LEU A 181 26.29 9.37 9.25
N ARG A 182 26.32 8.47 8.27
CA ARG A 182 26.77 7.08 8.49
C ARG A 182 28.24 6.91 8.90
N ASP A 183 29.17 7.57 8.22
CA ASP A 183 30.61 7.30 8.44
C ASP A 183 31.25 8.39 9.30
N LEU A 184 30.42 8.89 10.22
CA LEU A 184 30.73 10.05 11.04
C LEU A 184 31.69 9.64 12.16
N ASN A 185 31.23 8.75 13.06
CA ASN A 185 32.08 8.12 14.09
C ASN A 185 32.20 6.62 13.81
N SER A 186 32.46 6.27 12.55
CA SER A 186 32.59 4.88 12.11
C SER A 186 33.77 4.18 12.84
N PRO A 187 33.70 2.88 13.12
CA PRO A 187 32.71 1.95 12.60
C PRO A 187 31.38 1.94 13.36
N HIS A 188 31.31 2.60 14.51
CA HIS A 188 30.13 2.49 15.37
C HIS A 188 28.86 3.02 14.70
N SER A 189 29.01 4.16 14.06
CA SER A 189 27.92 4.79 13.35
C SER A 189 27.44 3.88 12.22
N ARG A 190 28.36 3.21 11.51
CA ARG A 190 27.99 2.20 10.51
C ARG A 190 27.15 1.10 11.15
N ALA A 191 27.69 0.49 12.20
CA ALA A 191 26.99 -0.56 12.97
C ALA A 191 25.63 -0.13 13.46
N MET A 192 25.53 1.11 13.85
CA MET A 192 24.25 1.69 14.18
C MET A 192 23.21 1.78 12.99
N TYR A 193 23.71 2.05 11.78
CA TYR A 193 22.88 2.06 10.56
C TYR A 193 22.31 0.65 10.40
N VAL A 194 23.22 -0.31 10.20
CA VAL A 194 22.88 -1.68 9.90
C VAL A 194 21.99 -2.31 10.99
N TYR A 195 22.38 -2.10 12.24
CA TYR A 195 21.84 -2.87 13.36
C TYR A 195 21.23 -1.94 14.40
N PRO A 196 20.30 -1.10 13.94
CA PRO A 196 19.80 -0.08 14.88
C PRO A 196 19.13 -0.73 16.07
N PRO A 197 19.21 -0.09 17.22
CA PRO A 197 18.59 -0.67 18.40
C PRO A 197 17.07 -0.77 18.23
N ASN A 198 16.52 -1.97 18.51
CA ASN A 198 15.08 -2.24 18.37
C ASN A 198 14.40 -2.06 19.72
N VAL A 199 13.87 -0.87 19.91
CA VAL A 199 13.48 -0.35 21.20
C VAL A 199 12.06 0.22 21.14
N GLU A 200 11.33 0.21 22.27
CA GLU A 200 10.03 0.90 22.38
C GLU A 200 10.36 2.39 22.38
N SER A 201 9.39 3.27 22.07
CA SER A 201 9.65 4.72 22.14
C SER A 201 9.64 5.17 23.60
N SER A 202 8.88 4.44 24.45
CA SER A 202 8.76 4.74 25.89
C SER A 202 9.69 3.91 26.76
N PRO A 203 10.42 4.55 27.71
CA PRO A 203 11.18 3.79 28.72
C PRO A 203 10.33 3.41 29.93
N GLU A 204 9.36 4.25 30.30
CA GLU A 204 8.33 3.88 31.28
C GLU A 204 7.78 2.47 31.01
N LEU A 205 7.60 1.70 32.08
CA LEU A 205 7.11 0.33 32.01
C LEU A 205 5.63 0.31 32.42
N PRO A 206 4.77 -0.41 31.67
CA PRO A 206 3.39 -0.56 32.14
C PRO A 206 3.31 -1.31 33.46
N LYS A 207 2.26 -1.03 34.21
CA LYS A 207 2.13 -1.54 35.57
C LYS A 207 2.06 -3.06 35.62
N HIS A 208 1.39 -3.67 34.64
CA HIS A 208 1.33 -5.14 34.56
C HIS A 208 2.68 -5.82 34.23
N ILE A 209 3.55 -5.15 33.45
CA ILE A 209 4.89 -5.68 33.18
C ILE A 209 5.76 -5.58 34.45
N TYR A 210 5.78 -4.40 35.09
CA TYR A 210 6.59 -4.19 36.31
C TYR A 210 6.30 -5.24 37.37
N ASN A 211 5.01 -5.55 37.57
CA ASN A 211 4.59 -6.53 38.58
C ASN A 211 5.11 -7.95 38.33
N LYS A 212 5.48 -8.26 37.09
CA LYS A 212 6.13 -9.53 36.79
C LYS A 212 7.60 -9.56 37.18
N LEU A 213 8.16 -8.43 37.59
CA LEU A 213 9.59 -8.24 37.65
C LEU A 213 10.27 -8.38 39.02
N ASP A 214 9.60 -8.88 40.06
CA ASP A 214 10.29 -9.03 41.35
C ASP A 214 10.90 -7.67 41.82
N LYS A 215 9.99 -6.69 41.92
CA LYS A 215 10.29 -5.31 42.33
C LYS A 215 11.45 -4.73 41.54
N GLY A 216 11.29 -4.78 40.22
CA GLY A 216 12.21 -4.18 39.26
C GLY A 216 13.51 -4.92 38.95
N GLN A 217 13.43 -6.25 38.86
CA GLN A 217 14.61 -7.07 38.62
C GLN A 217 14.34 -8.28 37.72
N ILE A 218 15.16 -8.44 36.69
CA ILE A 218 15.04 -9.54 35.75
C ILE A 218 16.16 -10.53 36.04
N ILE A 219 15.96 -11.80 35.71
CA ILE A 219 17.05 -12.75 35.58
C ILE A 219 17.34 -12.81 34.10
N VAL A 220 18.61 -12.61 33.74
CA VAL A 220 19.10 -12.56 32.36
C VAL A 220 20.06 -13.74 32.19
N VAL A 221 20.64 -13.94 31.02
CA VAL A 221 21.71 -14.92 30.82
C VAL A 221 22.68 -14.40 29.79
N ILE A 222 23.89 -14.05 30.21
CA ILE A 222 24.93 -13.71 29.23
C ILE A 222 25.70 -14.96 28.83
N TRP A 223 25.91 -15.14 27.52
CA TRP A 223 26.64 -16.29 26.99
C TRP A 223 27.92 -15.78 26.39
N VAL A 224 28.97 -16.61 26.40
CA VAL A 224 30.30 -16.22 25.94
C VAL A 224 30.91 -17.38 25.18
N ILE A 225 31.92 -17.11 24.36
CA ILE A 225 32.65 -18.13 23.58
C ILE A 225 34.19 -17.92 23.75
N VAL A 226 34.96 -19.02 23.96
CA VAL A 226 36.44 -18.92 24.22
C VAL A 226 37.40 -19.65 23.23
N SER A 227 37.53 -20.99 23.29
CA SER A 227 38.51 -21.74 22.43
C SER A 227 38.24 -23.29 22.25
N PRO A 228 38.15 -23.82 21.02
CA PRO A 228 38.38 -23.11 19.73
C PRO A 228 37.31 -22.07 19.39
N ASN A 229 36.09 -22.31 19.87
CA ASN A 229 34.90 -21.52 19.61
C ASN A 229 33.75 -22.29 20.29
N ASN A 230 33.55 -23.51 19.80
CA ASN A 230 32.49 -24.43 20.21
C ASN A 230 31.86 -24.24 21.60
N ASP A 231 32.65 -24.37 22.68
CA ASP A 231 32.10 -24.29 24.04
C ASP A 231 31.62 -22.87 24.36
N LYS A 232 30.41 -22.80 24.89
CA LYS A 232 29.80 -21.57 25.35
C LYS A 232 29.54 -21.72 26.83
N GLN A 233 29.33 -20.59 27.50
CA GLN A 233 29.15 -20.61 28.95
C GLN A 233 28.15 -19.56 29.43
N LYS A 234 27.12 -20.04 30.12
CA LYS A 234 26.09 -19.20 30.77
C LYS A 234 26.68 -18.36 31.88
N TYR A 235 26.08 -17.20 32.14
CA TYR A 235 26.40 -16.40 33.30
C TYR A 235 25.13 -15.65 33.72
N THR A 236 24.29 -16.38 34.44
CA THR A 236 22.95 -15.95 34.77
C THR A 236 22.93 -14.86 35.85
N LEU A 237 22.80 -13.61 35.41
CA LEU A 237 22.71 -12.44 36.29
C LEU A 237 21.29 -12.19 36.76
N LYS A 238 21.13 -11.29 37.71
CA LYS A 238 19.82 -10.86 38.12
C LYS A 238 19.96 -9.38 38.37
N ILE A 239 19.80 -8.63 37.28
CA ILE A 239 20.11 -7.19 37.28
C ILE A 239 18.83 -6.36 37.31
N ASN A 240 18.98 -5.05 37.46
CA ASN A 240 17.83 -4.15 37.45
C ASN A 240 17.34 -3.97 36.03
N HIS A 241 16.02 -4.02 35.86
CA HIS A 241 15.42 -3.86 34.55
C HIS A 241 16.01 -2.61 33.85
N ASP A 242 16.03 -1.47 34.55
CA ASP A 242 16.45 -0.19 33.96
C ASP A 242 17.95 0.09 34.08
N CYS A 243 18.78 -0.92 33.82
CA CYS A 243 20.21 -0.69 33.67
C CYS A 243 20.55 -0.90 32.21
N VAL A 244 21.70 -0.40 31.79
CA VAL A 244 22.04 -0.31 30.36
C VAL A 244 22.94 -1.47 29.92
N PRO A 245 23.14 -1.65 28.60
CA PRO A 245 23.95 -2.78 28.13
C PRO A 245 25.38 -2.78 28.64
N GLU A 246 26.03 -1.61 28.68
CA GLU A 246 27.39 -1.46 29.24
C GLU A 246 27.48 -2.01 30.67
N GLN A 247 26.55 -1.59 31.53
CA GLN A 247 26.45 -2.09 32.93
C GLN A 247 26.30 -3.61 32.98
N VAL A 248 25.41 -4.14 32.14
CA VAL A 248 25.18 -5.59 32.02
C VAL A 248 26.43 -6.30 31.50
N ILE A 249 27.08 -5.72 30.49
CA ILE A 249 28.34 -6.26 29.92
C ILE A 249 29.44 -6.41 30.98
N ALA A 250 29.55 -5.43 31.88
CA ALA A 250 30.48 -5.49 33.01
C ALA A 250 30.15 -6.64 33.97
N GLU A 251 28.91 -6.64 34.48
CA GLU A 251 28.45 -7.66 35.44
C GLU A 251 28.65 -9.11 34.98
N ALA A 252 28.61 -9.33 33.67
CA ALA A 252 28.96 -10.61 33.10
C ALA A 252 30.47 -10.84 33.16
N ILE A 253 31.26 -9.86 32.76
CA ILE A 253 32.71 -10.03 32.77
C ILE A 253 33.23 -10.18 34.21
N ARG A 254 32.64 -9.42 35.13
CA ARG A 254 32.92 -9.60 36.55
C ARG A 254 32.78 -11.07 36.89
N LYS A 255 31.54 -11.57 36.88
CA LYS A 255 31.28 -12.95 37.27
C LYS A 255 32.13 -13.95 36.49
N LYS A 256 32.39 -13.67 35.20
CA LYS A 256 33.24 -14.55 34.38
C LYS A 256 34.68 -14.66 34.95
N THR A 257 35.21 -13.52 35.39
CA THR A 257 36.62 -13.37 35.79
C THR A 257 36.84 -13.02 37.27
N ARG A 258 35.87 -13.28 38.16
CA ARG A 258 36.14 -13.42 39.62
C ARG A 258 36.98 -14.67 39.70
N SER A 259 37.82 -14.77 40.73
CA SER A 259 38.72 -15.93 40.89
C SER A 259 39.35 -15.96 42.27
N MET A 260 39.86 -17.14 42.61
CA MET A 260 40.65 -17.30 43.85
C MET A 260 42.11 -16.82 43.70
N LEU A 261 42.50 -16.35 42.51
CA LEU A 261 43.82 -15.80 42.32
C LEU A 261 43.79 -14.32 42.09
N LEU A 262 42.63 -13.68 42.08
CA LEU A 262 42.55 -12.26 41.79
C LEU A 262 41.98 -11.54 42.98
N SER A 263 42.68 -10.53 43.49
CA SER A 263 42.13 -9.69 44.56
C SER A 263 40.92 -8.94 44.08
N SER A 264 40.20 -8.30 44.99
CA SER A 264 39.06 -7.50 44.53
C SER A 264 39.55 -6.36 43.62
N GLU A 265 40.61 -5.68 44.04
CA GLU A 265 41.20 -4.62 43.24
C GLU A 265 41.69 -5.11 41.88
N GLN A 266 42.29 -6.28 41.83
CA GLN A 266 42.78 -6.86 40.58
C GLN A 266 41.65 -7.19 39.58
N LEU A 267 40.43 -7.40 40.09
CA LEU A 267 39.26 -7.64 39.24
C LEU A 267 38.94 -6.33 38.54
N LYS A 268 38.67 -5.29 39.34
CA LYS A 268 38.35 -3.95 38.82
C LYS A 268 39.22 -3.53 37.63
N LEU A 269 40.52 -3.78 37.71
CA LEU A 269 41.47 -3.46 36.62
C LEU A 269 41.32 -4.40 35.39
N CYS A 270 41.06 -5.68 35.62
CA CYS A 270 40.81 -6.62 34.52
C CYS A 270 39.42 -6.49 33.89
N VAL A 271 38.49 -5.85 34.60
CA VAL A 271 37.16 -5.52 34.05
C VAL A 271 37.27 -4.32 33.12
N LEU A 272 37.95 -3.26 33.54
CA LEU A 272 38.01 -2.04 32.74
C LEU A 272 38.63 -2.27 31.36
N GLU A 273 39.78 -2.94 31.32
CA GLU A 273 40.41 -3.35 30.03
C GLU A 273 39.46 -4.15 29.12
N TYR A 274 38.74 -5.10 29.71
CA TYR A 274 37.78 -5.98 29.00
C TYR A 274 36.41 -5.34 28.63
N GLN A 275 35.93 -4.41 29.46
CA GLN A 275 34.50 -4.02 29.45
C GLN A 275 34.04 -3.52 28.07
N GLY A 276 34.74 -2.52 27.55
CA GLY A 276 34.40 -1.85 26.29
C GLY A 276 34.93 -2.51 25.02
N LYS A 277 35.38 -3.76 25.10
CA LYS A 277 35.72 -4.52 23.91
C LYS A 277 34.53 -5.32 23.42
N TYR A 278 33.41 -5.29 24.16
CA TYR A 278 32.27 -6.17 23.90
C TYR A 278 31.00 -5.39 23.67
N ILE A 279 30.06 -6.02 22.93
CA ILE A 279 28.65 -5.57 22.84
C ILE A 279 27.66 -6.73 22.93
N LEU A 280 26.45 -6.41 23.39
CA LEU A 280 25.39 -7.40 23.56
C LEU A 280 24.62 -7.73 22.26
N LYS A 281 24.71 -9.00 21.86
CA LYS A 281 23.87 -9.57 20.81
C LYS A 281 22.58 -10.10 21.45
N VAL A 282 21.58 -10.45 20.64
CA VAL A 282 20.56 -11.40 21.07
C VAL A 282 20.93 -12.77 20.50
N CYS A 283 20.84 -13.81 21.33
CA CYS A 283 21.13 -15.16 20.87
C CYS A 283 20.05 -15.58 19.86
N GLY A 284 20.48 -16.02 18.67
CA GLY A 284 19.57 -16.55 17.65
C GLY A 284 19.10 -15.63 16.51
N CYS A 285 19.48 -14.37 16.55
CA CYS A 285 19.14 -13.44 15.47
C CYS A 285 20.02 -12.22 15.51
N ASP A 286 20.04 -11.45 14.44
CA ASP A 286 20.93 -10.30 14.35
C ASP A 286 20.25 -9.03 14.87
N GLU A 287 19.81 -9.09 16.13
CA GLU A 287 19.50 -7.91 16.90
C GLU A 287 20.72 -7.63 17.76
N TYR A 288 20.96 -6.36 18.07
CA TYR A 288 22.01 -5.97 19.02
C TYR A 288 21.49 -4.88 19.97
N PHE A 289 22.28 -4.60 21.00
CA PHE A 289 21.93 -3.56 21.97
C PHE A 289 23.04 -2.54 21.95
N LEU A 290 22.97 -1.65 20.98
CA LEU A 290 24.11 -0.83 20.67
C LEU A 290 24.15 0.52 21.35
N GLU A 291 23.09 0.96 22.01
CA GLU A 291 23.19 2.23 22.74
C GLU A 291 22.43 2.26 24.08
N LYS A 292 22.71 3.33 24.84
CA LYS A 292 22.18 3.52 26.21
C LYS A 292 20.69 3.61 26.21
N TYR A 293 20.06 2.50 26.49
CA TYR A 293 18.66 2.45 26.78
C TYR A 293 18.55 1.50 27.94
N PRO A 294 17.60 1.76 28.87
CA PRO A 294 17.11 0.71 29.77
C PRO A 294 16.86 -0.61 29.07
N LEU A 295 17.49 -1.70 29.51
CA LEU A 295 17.24 -3.02 28.91
C LEU A 295 15.77 -3.26 28.61
N SER A 296 14.91 -2.92 29.56
CA SER A 296 13.46 -3.04 29.44
C SER A 296 12.83 -2.32 28.25
N GLN A 297 13.43 -1.21 27.85
CA GLN A 297 13.06 -0.54 26.62
C GLN A 297 13.31 -1.37 25.34
N TYR A 298 14.37 -2.19 25.28
CA TYR A 298 14.60 -3.03 24.09
C TYR A 298 13.47 -4.01 23.90
N LYS A 299 13.06 -4.21 22.66
CA LYS A 299 11.82 -4.94 22.41
C LYS A 299 11.96 -6.36 22.85
N TYR A 300 13.13 -6.94 22.61
CA TYR A 300 13.37 -8.34 22.98
C TYR A 300 13.16 -8.60 24.46
N ILE A 301 13.61 -7.67 25.30
CA ILE A 301 13.53 -7.85 26.75
C ILE A 301 12.06 -7.90 27.12
N ARG A 302 11.37 -6.80 26.82
CA ARG A 302 9.95 -6.62 27.15
C ARG A 302 9.05 -7.77 26.68
N SER A 303 9.39 -8.42 25.57
CA SER A 303 8.68 -9.63 25.12
C SER A 303 9.01 -10.84 25.98
N CYS A 304 10.27 -10.94 26.42
CA CYS A 304 10.74 -12.04 27.29
C CYS A 304 10.02 -12.00 28.64
N ILE A 305 9.85 -10.78 29.18
CA ILE A 305 9.13 -10.56 30.45
C ILE A 305 7.64 -10.92 30.34
N MET A 306 7.01 -10.56 29.22
CA MET A 306 5.61 -10.87 28.99
C MET A 306 5.39 -12.37 28.82
N LEU A 307 6.36 -13.06 28.23
CA LEU A 307 6.19 -14.47 27.89
C LEU A 307 6.72 -15.45 28.96
N GLY A 308 7.11 -14.93 30.12
CA GLY A 308 7.72 -15.76 31.17
C GLY A 308 9.02 -16.39 30.70
N ARG A 309 9.83 -15.57 30.02
CA ARG A 309 11.05 -16.05 29.42
C ARG A 309 12.24 -15.25 29.95
N MET A 310 13.37 -15.94 29.92
CA MET A 310 14.58 -15.46 30.53
C MET A 310 15.46 -15.02 29.37
N PRO A 311 15.80 -13.74 29.28
CA PRO A 311 16.57 -13.22 28.13
C PRO A 311 17.87 -13.95 27.92
N ASN A 312 18.27 -14.15 26.67
CA ASN A 312 19.52 -14.85 26.32
C ASN A 312 20.32 -14.03 25.33
N LEU A 313 21.23 -13.23 25.89
CA LEU A 313 22.08 -12.32 25.14
C LEU A 313 23.43 -13.00 24.98
N MET A 314 24.29 -12.45 24.14
CA MET A 314 25.61 -13.02 23.89
C MET A 314 26.61 -11.88 23.90
N LEU A 315 27.72 -12.07 24.62
CA LEU A 315 28.81 -11.10 24.56
C LEU A 315 29.54 -11.35 23.28
N MET A 316 29.56 -10.32 22.44
CA MET A 316 30.19 -10.35 21.15
C MET A 316 31.25 -9.24 21.10
N ALA A 317 32.45 -9.63 20.67
CA ALA A 317 33.58 -8.72 20.49
C ALA A 317 33.32 -7.70 19.38
N LYS A 318 33.43 -6.41 19.71
CA LYS A 318 33.24 -5.36 18.71
C LYS A 318 34.01 -5.59 17.43
N GLU A 319 35.20 -6.18 17.51
CA GLU A 319 36.00 -6.42 16.31
C GLU A 319 35.49 -7.57 15.48
N SER A 320 34.86 -8.58 16.09
CA SER A 320 34.23 -9.62 15.30
C SER A 320 32.91 -9.14 14.70
N LEU A 321 32.33 -8.05 15.23
CA LEU A 321 31.19 -7.37 14.59
C LEU A 321 31.66 -6.48 13.44
N TYR A 322 32.46 -5.47 13.74
CA TYR A 322 33.07 -4.62 12.70
C TYR A 322 33.90 -5.42 11.66
N SER A 323 34.14 -6.71 11.90
CA SER A 323 34.63 -7.61 10.85
C SER A 323 33.61 -7.74 9.73
N GLN A 324 32.35 -7.99 10.09
CA GLN A 324 31.26 -8.27 9.13
C GLN A 324 30.76 -7.06 8.32
N LEU A 325 30.79 -5.86 8.90
CA LEU A 325 30.27 -4.64 8.26
C LEU A 325 31.21 -4.05 7.17
N PRO A 326 30.89 -4.24 5.87
CA PRO A 326 31.82 -3.75 4.85
C PRO A 326 31.52 -2.28 4.54
N MET A 327 32.42 -1.61 3.83
CA MET A 327 32.26 -0.18 3.59
C MET A 327 31.16 0.07 2.56
N ASP A 328 30.40 1.13 2.81
CA ASP A 328 29.28 1.58 1.96
C ASP A 328 29.72 2.12 0.59
N CYS A 329 30.89 2.77 0.54
CA CYS A 329 31.52 3.27 -0.69
C CYS A 329 30.55 3.94 -1.69
N PHE A 330 30.02 5.10 -1.32
CA PHE A 330 29.07 5.85 -2.17
C PHE A 330 29.73 6.69 -3.28
N THR A 331 29.18 6.57 -4.49
CA THR A 331 29.69 7.21 -5.70
C THR A 331 28.56 7.99 -6.35
N MET A 332 28.84 9.23 -6.73
CA MET A 332 27.89 10.01 -7.51
C MET A 332 27.67 9.37 -8.89
N PRO A 333 26.42 9.38 -9.36
CA PRO A 333 26.13 8.81 -10.67
C PRO A 333 26.55 9.70 -11.86
N SER A 334 26.44 9.15 -13.06
CA SER A 334 26.99 9.76 -14.27
C SER A 334 26.20 11.00 -14.59
N TYR A 335 24.91 10.96 -14.27
CA TYR A 335 24.04 12.14 -14.27
C TYR A 335 24.46 13.16 -13.17
N SER A 336 25.67 13.72 -13.35
CA SER A 336 26.46 14.46 -12.33
C SER A 336 26.05 14.21 -10.87
N THR A 350 15.99 33.62 -18.09
CA THR A 350 14.71 34.22 -18.44
C THR A 350 14.02 34.86 -17.20
N SER A 351 13.24 35.91 -17.45
CA SER A 351 12.38 36.55 -16.42
C SER A 351 10.90 36.25 -16.75
N THR A 352 10.00 36.49 -15.79
CA THR A 352 8.62 35.95 -15.83
C THR A 352 7.57 36.90 -15.28
N LYS A 353 6.30 36.56 -15.51
CA LYS A 353 5.15 37.41 -15.12
C LYS A 353 4.31 36.84 -13.94
N SER A 354 4.45 37.41 -12.73
CA SER A 354 3.63 37.00 -11.54
C SER A 354 2.16 36.71 -11.88
N LEU A 355 1.63 35.65 -11.28
CA LEU A 355 0.27 35.22 -11.56
C LEU A 355 -0.66 36.37 -11.32
N TRP A 356 -0.35 37.19 -10.32
CA TRP A 356 -1.28 38.21 -9.84
C TRP A 356 -1.48 39.43 -10.80
N VAL A 357 -0.56 39.61 -11.75
CA VAL A 357 -0.71 40.57 -12.85
C VAL A 357 -1.88 40.20 -13.77
N ILE A 358 -2.06 38.90 -14.03
CA ILE A 358 -2.98 38.46 -15.08
C ILE A 358 -4.43 38.81 -14.69
N ASN A 359 -5.10 39.54 -15.58
CA ASN A 359 -6.44 39.99 -15.34
C ASN A 359 -7.39 39.35 -16.32
N SER A 360 -7.72 38.08 -16.07
CA SER A 360 -8.76 37.36 -16.82
C SER A 360 -9.22 36.13 -16.04
N ALA A 361 -10.46 35.70 -16.27
CA ALA A 361 -10.94 34.44 -15.71
C ALA A 361 -10.31 33.29 -16.47
N LEU A 362 -10.32 32.11 -15.86
CA LEU A 362 -9.71 30.95 -16.49
C LEU A 362 -10.63 30.44 -17.53
N ARG A 363 -10.04 30.15 -18.69
CA ARG A 363 -10.72 29.41 -19.73
C ARG A 363 -9.79 28.38 -20.34
N ILE A 364 -10.38 27.22 -20.65
CA ILE A 364 -9.65 26.04 -21.10
C ILE A 364 -10.36 25.47 -22.33
N LYS A 365 -9.59 25.33 -23.40
CA LYS A 365 -10.08 24.82 -24.66
C LYS A 365 -9.98 23.30 -24.72
N ILE A 366 -11.12 22.63 -24.86
CA ILE A 366 -11.15 21.18 -25.16
C ILE A 366 -10.99 21.05 -26.70
N LEU A 367 -10.44 19.93 -27.19
CA LEU A 367 -10.36 19.66 -28.65
C LEU A 367 -11.01 18.30 -29.03
N CYS A 368 -10.22 17.24 -29.21
CA CYS A 368 -10.75 15.99 -29.72
C CYS A 368 -10.32 14.82 -28.85
N ALA A 369 -11.28 14.07 -28.34
CA ALA A 369 -11.03 12.70 -27.95
C ALA A 369 -10.94 11.90 -29.24
N THR A 370 -10.25 10.77 -29.18
CA THR A 370 -9.96 9.95 -30.34
C THR A 370 -10.50 8.52 -30.22
N TYR A 371 -10.16 7.84 -29.11
CA TYR A 371 -10.22 6.37 -28.99
C TYR A 371 -11.37 5.90 -28.09
N VAL A 372 -12.55 6.50 -28.22
CA VAL A 372 -13.66 6.26 -27.27
C VAL A 372 -14.57 5.07 -27.64
N ASN A 373 -14.52 4.00 -26.84
CA ASN A 373 -15.18 2.71 -27.13
C ASN A 373 -16.56 2.60 -26.48
N VAL A 374 -17.60 2.86 -27.27
CA VAL A 374 -19.00 2.96 -26.81
C VAL A 374 -19.98 2.38 -27.84
N ASN A 375 -20.99 1.64 -27.36
CA ASN A 375 -22.10 1.16 -28.19
C ASN A 375 -23.07 2.29 -28.52
N ILE A 376 -23.14 2.68 -29.79
CA ILE A 376 -23.99 3.79 -30.22
C ILE A 376 -25.48 3.39 -30.12
N ARG A 377 -25.74 2.08 -30.11
CA ARG A 377 -27.08 1.55 -29.83
C ARG A 377 -27.48 1.91 -28.40
N ASP A 378 -26.62 1.51 -27.47
CA ASP A 378 -26.91 1.63 -26.04
C ASP A 378 -26.85 3.10 -25.58
N ILE A 379 -25.75 3.79 -25.90
CA ILE A 379 -25.47 5.14 -25.38
C ILE A 379 -25.89 6.23 -26.38
N ASP A 380 -26.67 7.20 -25.89
CA ASP A 380 -27.19 8.30 -26.72
C ASP A 380 -26.05 9.21 -27.22
N LYS A 381 -25.47 9.96 -26.27
CA LYS A 381 -24.61 11.11 -26.56
C LYS A 381 -23.62 11.33 -25.42
N ILE A 382 -22.43 11.85 -25.78
CA ILE A 382 -21.31 11.98 -24.83
C ILE A 382 -20.60 13.34 -24.86
N TYR A 383 -20.16 13.78 -23.66
CA TYR A 383 -19.55 15.10 -23.41
C TYR A 383 -18.36 15.00 -22.48
N VAL A 384 -17.70 16.13 -22.26
CA VAL A 384 -16.58 16.25 -21.30
C VAL A 384 -16.97 17.10 -20.09
N ARG A 385 -17.10 16.48 -18.92
CA ARG A 385 -17.26 17.25 -17.69
C ARG A 385 -15.88 17.77 -17.28
N THR A 386 -15.85 18.98 -16.71
CA THR A 386 -14.62 19.58 -16.14
C THR A 386 -14.88 20.33 -14.82
N GLY A 387 -13.79 20.66 -14.14
CA GLY A 387 -13.84 21.42 -12.91
C GLY A 387 -12.44 21.68 -12.43
N ILE A 388 -12.27 22.72 -11.62
CA ILE A 388 -11.00 22.96 -10.98
C ILE A 388 -11.15 22.38 -9.59
N TYR A 389 -10.03 21.91 -9.00
CA TYR A 389 -10.07 21.28 -7.68
C TYR A 389 -8.89 21.63 -6.76
N HIS A 390 -9.07 21.29 -5.47
CA HIS A 390 -8.09 21.44 -4.37
C HIS A 390 -8.34 20.33 -3.27
N GLY A 391 -8.55 19.07 -3.69
CA GLY A 391 -9.30 18.10 -2.87
C GLY A 391 -10.81 18.31 -3.11
N GLY A 392 -11.39 19.37 -2.53
CA GLY A 392 -12.68 19.96 -2.96
C GLY A 392 -12.51 21.11 -3.99
N GLU A 393 -13.60 21.50 -4.67
CA GLU A 393 -13.55 22.41 -5.87
C GLU A 393 -13.66 23.95 -5.61
N PRO A 394 -12.78 24.81 -6.23
CA PRO A 394 -12.92 26.27 -6.04
C PRO A 394 -13.97 27.03 -6.90
N LEU A 395 -14.85 26.33 -7.63
CA LEU A 395 -15.87 26.96 -8.50
C LEU A 395 -16.93 25.98 -8.99
N CYS A 396 -17.93 26.50 -9.73
CA CYS A 396 -18.99 25.65 -10.29
C CYS A 396 -18.41 24.68 -11.35
N ASP A 397 -18.71 23.41 -11.15
CA ASP A 397 -18.35 22.36 -12.09
C ASP A 397 -19.14 22.62 -13.37
N ASN A 398 -18.46 22.53 -14.52
CA ASN A 398 -19.13 22.71 -15.82
C ASN A 398 -18.75 21.64 -16.85
N VAL A 399 -19.62 21.47 -17.85
CA VAL A 399 -19.41 20.52 -18.92
C VAL A 399 -19.28 21.31 -20.21
N ASN A 400 -19.07 20.59 -21.31
CA ASN A 400 -19.37 21.11 -22.63
C ASN A 400 -20.65 20.46 -23.18
N THR A 401 -21.18 20.99 -24.27
CA THR A 401 -22.44 20.49 -24.85
C THR A 401 -22.22 19.08 -25.43
N GLN A 402 -23.31 18.36 -25.71
CA GLN A 402 -23.28 16.90 -25.97
C GLN A 402 -22.96 16.51 -27.44
N ARG A 403 -21.86 17.06 -27.95
CA ARG A 403 -21.60 17.15 -29.40
C ARG A 403 -20.89 15.94 -30.05
N VAL A 404 -21.00 15.91 -31.40
CA VAL A 404 -20.63 14.78 -32.31
C VAL A 404 -20.73 13.42 -31.63
N PRO A 405 -21.90 13.17 -31.02
CA PRO A 405 -22.04 12.19 -29.94
C PRO A 405 -21.68 10.79 -30.40
N CYS A 406 -20.69 10.21 -29.73
CA CYS A 406 -20.23 8.85 -29.99
C CYS A 406 -19.48 8.78 -31.33
N SER A 407 -20.20 8.82 -32.46
CA SER A 407 -19.58 8.63 -33.79
C SER A 407 -18.47 9.66 -34.08
N ASN A 408 -17.26 9.33 -33.64
CA ASN A 408 -16.07 10.18 -33.72
C ASN A 408 -16.23 11.53 -32.98
N PRO A 409 -16.01 11.54 -31.64
CA PRO A 409 -16.35 12.68 -30.79
C PRO A 409 -15.31 13.80 -30.78
N ARG A 410 -15.78 15.02 -31.02
CA ARG A 410 -14.95 16.22 -31.12
C ARG A 410 -15.82 17.40 -30.66
N TRP A 411 -15.28 18.26 -29.79
CA TRP A 411 -15.89 19.54 -29.39
C TRP A 411 -14.77 20.54 -29.43
N ASN A 412 -14.93 21.65 -30.15
CA ASN A 412 -13.94 22.73 -30.11
C ASN A 412 -14.52 23.94 -29.44
N GLU A 413 -14.55 23.85 -28.11
CA GLU A 413 -15.12 24.84 -27.20
C GLU A 413 -14.03 25.43 -26.31
N TRP A 414 -14.28 26.62 -25.77
CA TRP A 414 -13.52 27.19 -24.66
C TRP A 414 -14.44 27.16 -23.48
N LEU A 415 -14.10 26.39 -22.45
CA LEU A 415 -14.86 26.39 -21.22
C LEU A 415 -14.39 27.59 -20.40
N ASN A 416 -15.34 28.26 -19.73
CA ASN A 416 -15.09 29.48 -18.93
C ASN A 416 -15.43 29.21 -17.47
N TYR A 417 -14.45 29.39 -16.59
CA TYR A 417 -14.57 29.04 -15.17
C TYR A 417 -14.58 30.32 -14.34
N ASP A 418 -15.58 30.46 -13.46
CA ASP A 418 -15.79 31.71 -12.67
C ASP A 418 -14.84 31.85 -11.45
N ILE A 419 -13.56 32.02 -11.77
CA ILE A 419 -12.50 32.29 -10.81
C ILE A 419 -11.50 33.13 -11.58
N TYR A 420 -10.92 34.14 -10.95
CA TYR A 420 -9.91 34.97 -11.63
C TYR A 420 -8.58 34.20 -11.54
N ILE A 421 -7.78 34.30 -12.56
CA ILE A 421 -6.48 33.62 -12.60
C ILE A 421 -5.54 33.88 -11.39
N PRO A 422 -5.59 35.09 -10.77
CA PRO A 422 -4.78 35.29 -9.54
C PRO A 422 -5.27 34.51 -8.28
N ASP A 423 -6.55 34.18 -8.26
CA ASP A 423 -7.15 33.45 -7.15
C ASP A 423 -7.01 31.92 -7.23
N LEU A 424 -6.39 31.41 -8.29
CA LEU A 424 -5.94 30.03 -8.32
C LEU A 424 -4.93 29.79 -7.17
N PRO A 425 -5.19 28.76 -6.34
CA PRO A 425 -4.21 28.39 -5.31
C PRO A 425 -3.07 27.55 -5.92
N ARG A 426 -1.88 27.60 -5.32
CA ARG A 426 -0.69 26.87 -5.84
C ARG A 426 -0.94 25.41 -6.22
N ALA A 427 -1.74 24.77 -5.38
CA ALA A 427 -1.98 23.35 -5.49
C ALA A 427 -3.18 23.01 -6.38
N ALA A 428 -3.61 23.92 -7.25
CA ALA A 428 -4.83 23.70 -7.99
C ALA A 428 -4.57 22.78 -9.15
N ARG A 429 -5.59 21.99 -9.46
CA ARG A 429 -5.54 20.97 -10.51
C ARG A 429 -6.92 20.89 -11.19
N LEU A 430 -6.88 20.91 -12.51
CA LEU A 430 -8.03 20.60 -13.36
C LEU A 430 -8.36 19.10 -13.31
N CYS A 431 -9.58 18.76 -12.96
CA CYS A 431 -10.08 17.38 -13.11
C CYS A 431 -11.02 17.36 -14.29
N LEU A 432 -10.94 16.30 -15.08
CA LEU A 432 -11.85 16.11 -16.21
C LEU A 432 -12.20 14.63 -16.42
N SER A 433 -13.22 14.41 -17.25
CA SER A 433 -13.81 13.09 -17.52
C SER A 433 -14.76 13.14 -18.71
N ILE A 434 -14.74 12.12 -19.56
CA ILE A 434 -15.73 11.95 -20.63
C ILE A 434 -16.94 11.16 -20.07
N CYS A 435 -18.16 11.61 -20.36
CA CYS A 435 -19.38 11.02 -19.76
C CYS A 435 -20.44 10.59 -20.80
N SER A 436 -21.45 9.84 -20.34
CA SER A 436 -22.54 9.32 -21.18
C SER A 436 -23.92 9.72 -20.65
N VAL A 437 -24.91 9.65 -21.54
CA VAL A 437 -26.33 9.82 -21.19
C VAL A 437 -27.16 8.71 -21.80
N HIS A 447 -26.70 9.34 -16.93
CA HIS A 447 -25.45 10.00 -16.56
C HIS A 447 -24.37 8.99 -16.16
N CYS A 448 -23.30 8.84 -16.95
CA CYS A 448 -22.31 7.79 -16.69
C CYS A 448 -20.88 8.02 -17.24
N PRO A 449 -19.85 7.94 -16.35
CA PRO A 449 -18.47 8.27 -16.75
C PRO A 449 -17.79 7.21 -17.59
N LEU A 450 -17.10 7.61 -18.66
CA LEU A 450 -16.32 6.70 -19.50
C LEU A 450 -14.86 6.59 -19.08
N ALA A 451 -14.17 7.73 -19.06
CA ALA A 451 -12.73 7.81 -18.77
C ALA A 451 -12.45 9.02 -17.88
N TRP A 452 -11.20 9.20 -17.46
CA TRP A 452 -10.81 10.38 -16.66
C TRP A 452 -9.32 10.69 -16.73
N GLY A 453 -8.93 11.85 -16.20
CA GLY A 453 -7.52 12.21 -16.06
C GLY A 453 -7.45 13.61 -15.51
N ASN A 454 -6.49 13.88 -14.63
CA ASN A 454 -6.36 15.21 -14.03
C ASN A 454 -4.97 15.84 -14.28
N ILE A 455 -4.92 17.15 -14.54
CA ILE A 455 -3.63 17.86 -14.69
C ILE A 455 -3.42 18.93 -13.63
N ASN A 456 -2.17 19.05 -13.18
CA ASN A 456 -1.76 20.15 -12.31
C ASN A 456 -1.78 21.42 -13.11
N LEU A 457 -2.40 22.47 -12.55
CA LEU A 457 -2.51 23.74 -13.26
C LEU A 457 -1.20 24.49 -13.28
N PHE A 458 -0.36 24.22 -12.28
CA PHE A 458 1.05 24.68 -12.30
C PHE A 458 1.95 23.49 -12.49
N ASP A 459 3.11 23.70 -13.09
CA ASP A 459 4.12 22.63 -13.18
C ASP A 459 4.98 22.62 -11.89
N TYR A 460 5.92 21.68 -11.84
CA TYR A 460 6.81 21.58 -10.69
C TYR A 460 7.74 22.78 -10.49
N THR A 461 7.97 23.57 -11.56
CA THR A 461 8.72 24.83 -11.49
C THR A 461 7.85 26.08 -11.17
N ASP A 462 6.66 25.87 -10.57
CA ASP A 462 5.68 26.94 -10.24
C ASP A 462 4.95 27.60 -11.42
N THR A 463 5.16 27.12 -12.65
CA THR A 463 4.75 27.80 -13.87
C THR A 463 3.33 27.47 -14.32
N LEU A 464 2.47 28.48 -14.36
CA LEU A 464 1.08 28.34 -14.81
C LEU A 464 1.05 27.72 -16.20
N VAL A 465 0.26 26.66 -16.37
CA VAL A 465 0.33 25.84 -17.57
C VAL A 465 -0.39 26.56 -18.72
N SER A 466 0.28 26.63 -19.89
CA SER A 466 -0.20 27.39 -21.05
C SER A 466 0.24 26.74 -22.35
N GLY A 467 -0.70 26.52 -23.26
CA GLY A 467 -0.37 25.85 -24.53
C GLY A 467 -1.26 24.67 -24.81
N LYS A 468 -0.77 23.72 -25.59
CA LYS A 468 -1.51 22.49 -25.89
C LYS A 468 -0.98 21.30 -25.07
N MET A 469 -1.92 20.48 -24.58
CA MET A 469 -1.59 19.33 -23.72
C MET A 469 -2.25 18.07 -24.26
N ALA A 470 -1.46 16.99 -24.34
CA ALA A 470 -1.94 15.67 -24.69
C ALA A 470 -2.14 14.84 -23.42
N LEU A 471 -3.39 14.51 -23.12
CA LEU A 471 -3.72 13.71 -21.92
C LEU A 471 -4.45 12.40 -22.28
N ASN A 472 -3.82 11.28 -21.98
CA ASN A 472 -4.39 9.95 -22.19
C ASN A 472 -5.10 9.61 -20.89
N LEU A 473 -6.25 8.96 -20.95
CA LEU A 473 -7.09 8.81 -19.76
C LEU A 473 -7.05 7.43 -19.07
N TRP A 474 -7.51 7.42 -17.82
CA TRP A 474 -7.61 6.22 -16.95
C TRP A 474 -9.06 5.73 -16.86
N PRO A 475 -9.33 4.40 -16.83
CA PRO A 475 -10.73 3.97 -16.68
C PRO A 475 -11.24 4.21 -15.27
N VAL A 476 -12.54 4.40 -15.10
CA VAL A 476 -13.11 4.48 -13.75
C VAL A 476 -12.92 3.10 -13.09
N PRO A 477 -12.54 3.08 -11.79
CA PRO A 477 -12.49 1.79 -11.07
C PRO A 477 -13.82 1.20 -10.56
N HIS A 478 -13.70 0.02 -9.93
CA HIS A 478 -14.81 -0.84 -9.48
C HIS A 478 -15.98 -0.13 -8.81
N GLY A 479 -15.75 0.35 -7.59
CA GLY A 479 -16.82 0.92 -6.75
C GLY A 479 -16.88 2.42 -6.88
N LEU A 480 -16.68 2.91 -8.11
CA LEU A 480 -16.71 4.32 -8.42
C LEU A 480 -17.86 4.60 -9.38
N GLU A 481 -18.89 5.27 -8.82
CA GLU A 481 -20.07 5.72 -9.54
C GLU A 481 -19.95 7.18 -10.02
N ASP A 482 -19.29 8.02 -9.19
CA ASP A 482 -19.12 9.46 -9.46
C ASP A 482 -18.55 9.80 -10.83
N LEU A 483 -18.82 11.03 -11.28
CA LEU A 483 -18.57 11.44 -12.65
C LEU A 483 -17.12 11.82 -12.98
N LEU A 484 -16.31 12.21 -11.99
CA LEU A 484 -15.12 13.03 -12.27
C LEU A 484 -13.71 12.62 -11.70
N ASN A 485 -13.65 12.08 -10.48
CA ASN A 485 -12.38 11.58 -9.85
C ASN A 485 -11.32 12.64 -9.53
N PRO A 486 -11.56 13.46 -8.50
CA PRO A 486 -10.53 14.40 -8.08
C PRO A 486 -9.37 13.73 -7.31
N ILE A 487 -9.67 12.79 -6.42
CA ILE A 487 -8.66 12.15 -5.57
C ILE A 487 -7.67 11.30 -6.39
N GLY A 488 -8.10 10.79 -7.54
CA GLY A 488 -7.23 10.05 -8.48
C GLY A 488 -5.97 10.77 -8.92
N VAL A 489 -4.99 10.03 -9.43
CA VAL A 489 -3.65 10.56 -9.63
C VAL A 489 -3.51 11.61 -10.76
N THR A 490 -2.69 12.60 -10.44
CA THR A 490 -2.39 13.71 -11.32
C THR A 490 -1.39 13.30 -12.40
N GLY A 491 -1.58 13.85 -13.59
CA GLY A 491 -0.80 13.48 -14.77
C GLY A 491 -1.53 12.51 -15.70
N SER A 492 -0.88 12.29 -16.85
CA SER A 492 -1.43 11.46 -17.92
C SER A 492 -1.23 9.99 -17.62
N ASN A 493 -2.07 9.16 -18.22
CA ASN A 493 -1.79 7.74 -18.37
C ASN A 493 -0.54 7.56 -19.29
N PRO A 494 0.38 6.64 -18.94
CA PRO A 494 1.45 6.36 -19.90
C PRO A 494 1.10 5.25 -20.90
N ASN A 495 0.03 4.50 -20.62
CA ASN A 495 -0.58 3.58 -21.58
C ASN A 495 -1.11 4.33 -22.81
N LYS A 496 -0.52 4.08 -23.97
CA LYS A 496 -0.88 4.81 -25.20
C LYS A 496 -2.32 4.53 -25.65
N GLU A 497 -2.62 3.27 -26.00
CA GLU A 497 -3.93 2.93 -26.61
C GLU A 497 -5.09 3.05 -25.61
N THR A 498 -5.39 4.31 -25.26
CA THR A 498 -6.45 4.71 -24.33
C THR A 498 -7.02 6.05 -24.82
N PRO A 499 -8.23 6.43 -24.38
CA PRO A 499 -8.82 7.73 -24.76
C PRO A 499 -7.90 8.95 -24.59
N CYS A 500 -7.25 9.37 -25.68
CA CYS A 500 -6.36 10.55 -25.68
C CYS A 500 -7.11 11.86 -25.94
N LEU A 501 -7.62 12.47 -24.87
CA LEU A 501 -8.39 13.73 -24.96
C LEU A 501 -7.46 14.94 -24.90
N GLU A 502 -7.05 15.46 -26.06
CA GLU A 502 -6.14 16.64 -26.10
C GLU A 502 -6.89 17.95 -25.85
N LEU A 503 -6.13 19.01 -25.54
CA LEU A 503 -6.71 20.29 -25.11
C LEU A 503 -5.68 21.43 -25.16
N GLU A 504 -6.14 22.66 -24.89
CA GLU A 504 -5.30 23.87 -24.98
C GLU A 504 -5.58 24.88 -23.85
N PHE A 505 -4.50 25.47 -23.33
CA PHE A 505 -4.51 26.40 -22.20
C PHE A 505 -4.17 27.82 -22.65
N ASP A 506 -4.93 28.78 -22.08
CA ASP A 506 -4.84 30.21 -22.41
C ASP A 506 -3.40 30.71 -22.15
N TRP A 507 -2.85 31.44 -23.14
CA TRP A 507 -1.42 31.81 -23.17
C TRP A 507 -1.27 33.31 -23.13
N PHE A 508 -0.65 33.82 -22.07
CA PHE A 508 -0.64 35.26 -21.80
C PHE A 508 0.69 35.91 -22.18
N SER A 509 1.15 35.61 -23.40
CA SER A 509 2.36 36.19 -24.00
C SER A 509 3.69 36.02 -23.21
N SER A 510 3.62 35.36 -22.05
CA SER A 510 4.73 35.29 -21.08
C SER A 510 4.52 34.02 -20.22
N VAL A 511 5.61 33.39 -19.77
CA VAL A 511 5.48 32.26 -18.85
C VAL A 511 5.06 32.75 -17.45
N VAL A 512 3.78 32.56 -17.14
CA VAL A 512 3.19 33.06 -15.89
C VAL A 512 3.57 32.17 -14.71
N LYS A 513 4.13 32.77 -13.66
CA LYS A 513 4.54 32.03 -12.46
C LYS A 513 3.75 32.39 -11.17
N PHE A 514 3.81 31.50 -10.17
CA PHE A 514 3.15 31.73 -8.88
C PHE A 514 4.05 32.66 -8.07
N PRO A 515 3.45 33.59 -7.29
CA PRO A 515 4.21 34.59 -6.51
C PRO A 515 5.27 34.03 -5.56
N ASP A 516 6.31 34.82 -5.26
CA ASP A 516 7.27 34.48 -4.18
C ASP A 516 6.57 34.44 -2.81
N MET A 517 7.28 34.06 -1.75
CA MET A 517 6.67 34.11 -0.43
C MET A 517 6.71 35.54 0.05
N SER A 518 7.87 36.19 -0.09
CA SER A 518 8.01 37.64 0.18
C SER A 518 6.79 38.45 -0.32
N VAL A 519 6.38 38.18 -1.55
CA VAL A 519 5.21 38.84 -2.15
C VAL A 519 3.90 38.49 -1.46
N ILE A 520 3.71 37.23 -1.10
CA ILE A 520 2.47 36.77 -0.44
C ILE A 520 2.40 37.28 1.02
N GLU A 521 3.55 37.34 1.70
CA GLU A 521 3.65 37.93 3.04
C GLU A 521 3.17 39.37 3.02
N GLU A 522 3.67 40.16 2.06
CA GLU A 522 3.24 41.56 1.87
C GLU A 522 1.73 41.67 1.68
N HIS A 523 1.18 40.90 0.74
CA HIS A 523 -0.25 40.95 0.47
C HIS A 523 -1.08 40.41 1.63
N ALA A 524 -0.49 39.55 2.45
CA ALA A 524 -1.15 39.14 3.68
C ALA A 524 -1.26 40.29 4.67
N ASN A 525 -0.12 40.92 4.96
CA ASN A 525 -0.02 42.07 5.88
C ASN A 525 -0.82 43.29 5.45
N TRP A 526 -1.02 43.42 4.15
CA TRP A 526 -1.91 44.43 3.62
C TRP A 526 -3.37 44.03 3.96
N SER A 527 -3.82 42.86 3.51
CA SER A 527 -5.20 42.39 3.80
C SER A 527 -5.56 42.42 5.29
N VAL A 528 -4.55 42.17 6.13
CA VAL A 528 -4.63 42.33 7.59
C VAL A 528 -5.08 43.75 7.98
N SER A 529 -4.25 44.74 7.67
CA SER A 529 -4.51 46.13 8.04
C SER A 529 -5.73 46.70 7.33
N ARG A 530 -5.96 46.30 6.08
CA ARG A 530 -7.22 46.61 5.36
C ARG A 530 -8.47 46.24 6.18
N GLU A 531 -8.44 45.07 6.85
CA GLU A 531 -9.54 44.61 7.69
C GLU A 531 -9.73 45.43 8.98
N ALA A 532 -8.64 45.94 9.55
CA ALA A 532 -8.70 46.80 10.76
C ALA A 532 -9.52 48.11 10.62
N GLY A 533 -9.59 48.67 9.40
CA GLY A 533 -10.37 49.88 9.10
C GLY A 533 -11.78 49.65 8.57
N PHE A 534 -12.12 48.39 8.25
CA PHE A 534 -13.51 48.01 7.94
C PHE A 534 -14.38 48.38 9.12
N SER A 535 -15.68 48.54 8.88
CA SER A 535 -16.45 49.45 9.71
C SER A 535 -17.74 48.89 10.32
N TYR A 536 -17.79 49.02 11.65
CA TYR A 536 -18.95 48.72 12.49
C TYR A 536 -19.66 47.45 12.07
N SER A 537 -20.94 47.52 11.69
CA SER A 537 -21.62 46.43 11.01
C SER A 537 -20.92 45.91 9.76
N HIS A 538 -20.99 44.60 9.62
CA HIS A 538 -20.91 43.95 8.33
C HIS A 538 -21.96 42.83 8.28
N ALA A 539 -22.81 42.85 7.24
CA ALA A 539 -23.86 41.85 7.00
C ALA A 539 -23.22 40.64 6.35
N GLY A 540 -23.19 39.53 7.08
CA GLY A 540 -22.17 38.52 6.84
C GLY A 540 -20.85 39.18 7.21
N LEU A 541 -20.80 39.75 8.43
CA LEU A 541 -19.51 40.00 9.08
C LEU A 541 -18.89 38.62 9.21
N SER A 542 -19.66 37.67 9.75
CA SER A 542 -19.37 36.21 9.73
C SER A 542 -17.89 35.81 9.85
N ASN A 543 -17.06 36.18 8.87
CA ASN A 543 -15.59 36.03 8.97
C ASN A 543 -14.81 37.29 9.44
N ARG A 544 -15.45 38.45 9.44
CA ARG A 544 -14.98 39.59 10.23
C ARG A 544 -15.46 39.38 11.68
N LEU A 545 -14.57 39.63 12.64
CA LEU A 545 -14.89 39.44 14.06
C LEU A 545 -15.93 40.47 14.55
N ALA A 546 -15.50 41.73 14.60
CA ALA A 546 -16.15 42.82 15.36
C ALA A 546 -15.89 42.75 16.88
N ARG A 547 -15.43 41.60 17.38
CA ARG A 547 -15.14 41.38 18.81
C ARG A 547 -13.87 42.05 19.28
N ASP A 548 -12.90 42.21 18.37
CA ASP A 548 -11.60 42.83 18.66
C ASP A 548 -10.67 41.79 19.30
N ASN A 549 -9.63 42.24 20.02
CA ASN A 549 -8.80 41.37 20.86
C ASN A 549 -9.57 40.66 21.97
N GLU A 550 -10.71 41.21 22.37
CA GLU A 550 -11.58 40.57 23.36
C GLU A 550 -12.72 39.75 22.70
N LEU A 551 -12.53 38.42 22.66
CA LEU A 551 -13.57 37.46 22.21
C LEU A 551 -14.32 36.92 23.43
N ARG A 552 -15.57 36.47 23.22
CA ARG A 552 -16.43 35.99 24.32
C ARG A 552 -16.02 34.59 24.80
N GLU A 553 -16.31 34.29 26.06
CA GLU A 553 -15.95 33.01 26.69
C GLU A 553 -16.70 31.81 26.10
N ASN A 554 -17.92 32.03 25.63
CA ASN A 554 -18.70 30.99 24.95
C ASN A 554 -18.13 30.62 23.58
N ASP A 555 -17.44 31.57 22.94
CA ASP A 555 -16.72 31.34 21.68
C ASP A 555 -15.52 30.43 21.92
N LYS A 556 -14.60 30.84 22.80
CA LYS A 556 -13.40 30.06 23.14
C LYS A 556 -13.68 28.63 23.63
N GLU A 557 -14.91 28.40 24.13
CA GLU A 557 -15.41 27.05 24.46
C GLU A 557 -15.91 26.29 23.23
N GLN A 558 -16.63 26.97 22.32
CA GLN A 558 -17.09 26.33 21.08
C GLN A 558 -15.96 25.99 20.09
N LEU A 559 -14.76 26.55 20.28
CA LEU A 559 -13.60 26.21 19.42
C LEU A 559 -12.88 24.94 19.87
N LYS A 560 -12.65 24.77 21.17
CA LYS A 560 -12.10 23.52 21.71
C LYS A 560 -13.10 22.39 21.59
N ALA A 561 -14.40 22.72 21.54
CA ALA A 561 -15.47 21.77 21.20
C ALA A 561 -15.32 21.22 19.80
N ILE A 562 -15.02 22.11 18.86
CA ILE A 562 -14.77 21.75 17.47
C ILE A 562 -13.43 21.01 17.36
N SER A 563 -12.37 21.62 17.87
CA SER A 563 -11.01 21.03 17.87
C SER A 563 -10.99 19.52 18.03
N THR A 564 -11.74 19.05 19.04
CA THR A 564 -11.78 17.64 19.44
C THR A 564 -12.46 16.73 18.44
N ARG A 565 -13.49 17.24 17.76
CA ARG A 565 -14.25 16.45 16.77
C ARG A 565 -13.33 15.75 15.77
N ASP A 566 -13.66 14.51 15.38
CA ASP A 566 -12.82 13.74 14.47
C ASP A 566 -12.74 14.37 13.05
N PRO A 567 -11.84 13.86 12.19
CA PRO A 567 -11.73 14.45 10.86
C PRO A 567 -12.92 14.26 9.96
N LEU A 568 -13.71 13.21 10.17
CA LEU A 568 -14.88 12.96 9.28
C LEU A 568 -16.22 13.63 9.67
N SER A 569 -16.30 14.22 10.86
CA SER A 569 -17.45 15.07 11.24
C SER A 569 -17.34 16.37 10.46
N GLU A 570 -17.93 16.36 9.27
CA GLU A 570 -17.86 17.48 8.33
C GLU A 570 -18.34 18.76 9.00
N ILE A 571 -17.70 19.87 8.66
CA ILE A 571 -17.92 21.14 9.34
C ILE A 571 -18.92 21.99 8.56
N THR A 572 -19.82 22.67 9.29
CA THR A 572 -20.87 23.52 8.71
C THR A 572 -20.30 24.87 8.30
N GLU A 573 -20.94 25.52 7.33
CA GLU A 573 -20.44 26.79 6.78
C GLU A 573 -20.39 27.90 7.85
N GLN A 574 -21.34 27.85 8.79
CA GLN A 574 -21.29 28.68 10.01
C GLN A 574 -19.97 28.45 10.75
N GLU A 575 -19.74 27.20 11.15
CA GLU A 575 -18.55 26.81 11.90
C GLU A 575 -17.25 27.12 11.16
N LYS A 576 -17.30 27.04 9.84
CA LYS A 576 -16.15 27.37 8.97
C LYS A 576 -15.82 28.83 9.07
N ASP A 577 -16.81 29.68 8.81
CA ASP A 577 -16.57 31.12 8.91
C ASP A 577 -16.28 31.52 10.36
N PHE A 578 -16.97 30.88 11.30
CA PHE A 578 -16.67 31.04 12.73
C PHE A 578 -15.19 30.76 13.04
N LEU A 579 -14.68 29.64 12.54
CA LEU A 579 -13.25 29.32 12.68
C LEU A 579 -12.40 30.38 11.98
N TRP A 580 -12.77 30.68 10.73
CA TRP A 580 -11.99 31.57 9.88
C TRP A 580 -11.92 33.00 10.41
N SER A 581 -12.95 33.43 11.14
CA SER A 581 -12.86 34.70 11.85
C SER A 581 -11.78 34.58 12.92
N HIS A 582 -12.01 33.71 13.90
CA HIS A 582 -11.10 33.61 15.03
C HIS A 582 -9.87 32.76 14.70
N ARG A 583 -9.47 32.72 13.42
CA ARG A 583 -8.20 32.14 12.98
C ARG A 583 -6.96 32.49 13.83
N HIS A 584 -6.96 33.66 14.47
CA HIS A 584 -5.83 34.08 15.29
C HIS A 584 -5.85 33.52 16.71
N TYR A 585 -7.04 33.38 17.32
CA TYR A 585 -7.16 32.64 18.58
C TYR A 585 -6.98 31.13 18.36
N CYS A 586 -7.20 30.67 17.13
CA CYS A 586 -6.92 29.28 16.80
C CYS A 586 -5.44 28.90 16.99
N VAL A 587 -4.52 29.87 16.97
CA VAL A 587 -3.08 29.64 17.30
C VAL A 587 -2.85 29.21 18.79
N THR A 588 -3.77 29.55 19.68
CA THR A 588 -3.77 29.02 21.06
C THR A 588 -4.09 27.51 21.11
N ILE A 589 -4.93 27.03 20.19
CA ILE A 589 -5.31 25.61 20.10
C ILE A 589 -4.72 24.97 18.83
N PRO A 590 -3.39 24.74 18.79
CA PRO A 590 -2.77 24.18 17.58
C PRO A 590 -3.57 23.06 16.89
N GLU A 591 -4.03 22.09 17.68
CA GLU A 591 -4.74 20.90 17.18
C GLU A 591 -5.95 21.23 16.29
N ILE A 592 -6.48 22.45 16.38
CA ILE A 592 -7.57 22.91 15.50
C ILE A 592 -7.18 23.00 14.01
N LEU A 593 -5.88 23.14 13.71
CA LEU A 593 -5.39 23.46 12.36
C LEU A 593 -6.03 22.68 11.19
N PRO A 594 -6.09 21.35 11.28
CA PRO A 594 -6.74 20.59 10.19
C PRO A 594 -8.15 21.06 9.88
N LYS A 595 -8.87 21.43 10.92
CA LYS A 595 -10.24 21.93 10.78
C LYS A 595 -10.17 23.30 10.13
N LEU A 596 -9.32 24.16 10.70
CA LEU A 596 -9.16 25.52 10.24
C LEU A 596 -8.89 25.52 8.75
N LEU A 597 -7.89 24.77 8.30
CA LEU A 597 -7.52 24.74 6.87
C LEU A 597 -8.69 24.41 5.91
N LEU A 598 -9.53 23.45 6.27
CA LEU A 598 -10.74 23.13 5.49
C LEU A 598 -11.84 24.20 5.60
N SER A 599 -11.62 25.24 6.42
CA SER A 599 -12.50 26.41 6.49
C SER A 599 -12.05 27.57 5.59
N VAL A 600 -10.75 27.65 5.29
CA VAL A 600 -10.25 28.66 4.36
C VAL A 600 -10.95 28.48 3.04
N LYS A 601 -11.22 29.60 2.36
CA LYS A 601 -11.68 29.58 0.98
C LYS A 601 -10.43 29.71 0.12
N TRP A 602 -10.10 28.64 -0.61
CA TRP A 602 -8.85 28.55 -1.38
C TRP A 602 -8.92 29.30 -2.72
N ASN A 603 -10.16 29.53 -3.17
CA ASN A 603 -10.49 30.53 -4.22
C ASN A 603 -10.36 32.01 -3.85
N SER A 604 -10.01 32.38 -2.61
CA SER A 604 -9.71 33.79 -2.26
C SER A 604 -8.26 33.95 -1.84
N ARG A 605 -7.40 34.38 -2.77
CA ARG A 605 -5.98 34.52 -2.48
C ARG A 605 -5.74 35.47 -1.30
N ASP A 606 -6.69 36.40 -1.07
CA ASP A 606 -6.76 37.23 0.16
C ASP A 606 -6.72 36.38 1.41
N GLU A 607 -7.61 35.38 1.47
CA GLU A 607 -7.65 34.41 2.58
C GLU A 607 -6.39 33.53 2.60
N VAL A 608 -6.14 32.81 1.49
CA VAL A 608 -4.98 31.90 1.30
C VAL A 608 -3.62 32.51 1.68
N ALA A 609 -3.35 33.72 1.21
CA ALA A 609 -2.14 34.44 1.60
C ALA A 609 -2.02 34.61 3.13
N GLN A 610 -3.15 34.91 3.79
CA GLN A 610 -3.14 35.06 5.23
C GLN A 610 -2.89 33.72 5.93
N MET A 611 -3.49 32.66 5.41
CA MET A 611 -3.29 31.31 5.96
C MET A 611 -1.81 30.93 5.83
N TYR A 612 -1.21 31.14 4.65
CA TYR A 612 0.24 30.92 4.46
C TYR A 612 1.13 31.56 5.53
N CYS A 613 0.66 32.63 6.16
CA CYS A 613 1.42 33.33 7.23
C CYS A 613 1.19 32.81 8.64
N LEU A 614 0.01 32.24 8.90
CA LEU A 614 -0.23 31.54 10.17
C LEU A 614 0.55 30.23 10.18
N VAL A 615 0.41 29.50 9.09
CA VAL A 615 1.08 28.21 8.89
C VAL A 615 2.61 28.37 8.88
N LYS A 616 3.11 29.53 8.46
CA LYS A 616 4.54 29.81 8.49
C LYS A 616 5.13 29.58 9.89
N ASP A 617 4.43 30.06 10.91
CA ASP A 617 4.88 29.90 12.31
C ASP A 617 3.69 29.50 13.18
N TRP A 618 3.11 28.36 12.82
CA TRP A 618 2.11 27.70 13.64
C TRP A 618 2.86 26.77 14.61
N PRO A 619 2.31 26.54 15.82
CA PRO A 619 2.98 25.63 16.74
C PRO A 619 2.97 24.21 16.20
N PRO A 620 4.14 23.55 16.14
CA PRO A 620 4.09 22.19 15.64
C PRO A 620 3.25 21.32 16.56
N ILE A 621 2.67 20.28 15.96
CA ILE A 621 1.77 19.39 16.66
C ILE A 621 2.24 17.94 16.61
N LYS A 622 1.55 17.13 17.40
CA LYS A 622 1.86 15.72 17.48
C LYS A 622 1.73 15.11 16.06
N PRO A 623 2.66 14.20 15.68
CA PRO A 623 2.60 13.42 14.45
C PRO A 623 1.27 12.72 14.17
N GLU A 624 0.67 12.11 15.19
CA GLU A 624 -0.64 11.44 15.05
C GLU A 624 -1.74 12.34 14.47
N GLN A 625 -1.63 13.65 14.76
CA GLN A 625 -2.53 14.70 14.23
C GLN A 625 -2.04 15.26 12.91
N ALA A 626 -0.71 15.37 12.80
CA ALA A 626 -0.04 15.96 11.62
C ALA A 626 -0.07 15.10 10.35
N MET A 627 -0.36 13.80 10.46
CA MET A 627 -0.48 12.95 9.28
C MET A 627 -1.78 13.18 8.55
N GLU A 628 -2.83 13.58 9.27
CA GLU A 628 -4.08 14.05 8.66
C GLU A 628 -3.71 14.99 7.51
N LEU A 629 -2.75 15.89 7.77
CA LEU A 629 -2.32 16.93 6.83
C LEU A 629 -1.48 16.45 5.62
N LEU A 630 -1.20 15.16 5.49
CA LEU A 630 -0.61 14.64 4.26
C LEU A 630 -1.59 13.71 3.51
N ASP A 631 -2.88 13.70 3.89
CA ASP A 631 -3.90 12.99 3.10
C ASP A 631 -4.30 13.82 1.88
N CYS A 632 -5.19 13.27 1.05
CA CYS A 632 -5.70 13.98 -0.13
C CYS A 632 -6.35 15.35 0.14
N ASN A 633 -7.09 15.49 1.26
CA ASN A 633 -7.76 16.77 1.61
C ASN A 633 -6.87 17.93 2.10
N TYR A 634 -5.56 17.76 2.09
CA TYR A 634 -4.65 18.88 2.36
C TYR A 634 -3.55 18.84 1.31
N PRO A 635 -3.85 19.39 0.12
CA PRO A 635 -2.92 19.30 -1.00
C PRO A 635 -1.91 20.44 -1.05
N ASP A 636 -2.09 21.50 -0.25
CA ASP A 636 -1.18 22.64 -0.36
C ASP A 636 0.27 22.31 0.06
N PRO A 637 1.28 22.83 -0.68
CA PRO A 637 2.69 22.67 -0.32
C PRO A 637 3.12 23.21 1.04
N MET A 638 2.57 24.36 1.43
CA MET A 638 2.93 24.98 2.70
C MET A 638 2.39 24.16 3.86
N VAL A 639 1.15 23.70 3.74
CA VAL A 639 0.53 22.85 4.76
C VAL A 639 1.35 21.58 4.91
N ARG A 640 1.63 20.94 3.78
CA ARG A 640 2.35 19.69 3.78
C ARG A 640 3.76 19.85 4.26
N GLY A 641 4.36 21.01 4.01
CA GLY A 641 5.65 21.32 4.61
C GLY A 641 5.57 21.29 6.13
N PHE A 642 4.65 22.08 6.69
CA PHE A 642 4.40 22.14 8.15
C PHE A 642 4.30 20.72 8.73
N ALA A 643 3.46 19.89 8.11
CA ALA A 643 3.31 18.50 8.52
C ALA A 643 4.62 17.68 8.54
N VAL A 644 5.47 17.85 7.53
CA VAL A 644 6.78 17.20 7.52
C VAL A 644 7.66 17.80 8.63
N ARG A 645 7.55 19.11 8.85
CA ARG A 645 8.31 19.80 9.91
C ARG A 645 7.93 19.22 11.25
N CYS A 646 6.63 18.89 11.42
CA CYS A 646 6.14 18.19 12.63
C CYS A 646 6.93 16.87 12.78
N LEU A 647 6.75 15.94 11.84
CA LEU A 647 7.50 14.66 11.84
C LEU A 647 9.01 14.79 12.10
N GLU A 648 9.65 15.73 11.42
CA GLU A 648 11.08 15.97 11.57
C GLU A 648 11.45 16.19 13.04
N LYS A 649 10.57 16.89 13.76
CA LYS A 649 10.76 17.18 15.18
C LYS A 649 10.37 15.99 16.05
N TYR A 650 9.11 15.60 16.02
CA TYR A 650 8.55 14.67 17.02
C TYR A 650 8.66 13.17 16.65
N LEU A 651 8.14 12.76 15.50
CA LEU A 651 8.12 11.34 15.05
C LEU A 651 9.46 10.57 15.11
N THR A 652 9.51 9.63 16.05
CA THR A 652 10.69 8.78 16.27
C THR A 652 10.82 7.72 15.19
N ASP A 653 12.02 7.18 15.06
CA ASP A 653 12.28 6.07 14.14
C ASP A 653 11.44 4.85 14.44
N ASP A 654 11.06 4.67 15.70
CA ASP A 654 10.14 3.63 16.08
C ASP A 654 8.78 3.87 15.48
N LYS A 655 8.25 5.05 15.78
CA LYS A 655 6.89 5.39 15.39
C LYS A 655 6.78 5.56 13.88
N LEU A 656 7.89 5.93 13.22
CA LEU A 656 7.97 5.97 11.75
C LEU A 656 7.71 4.61 11.17
N SER A 657 8.52 3.62 11.55
CA SER A 657 8.30 2.28 10.98
C SER A 657 6.94 1.68 11.39
N GLN A 658 6.33 2.15 12.48
CA GLN A 658 4.94 1.75 12.81
C GLN A 658 3.98 2.15 11.70
N TYR A 659 4.13 3.41 11.26
CA TYR A 659 3.30 4.03 10.22
C TYR A 659 3.92 4.17 8.78
N LEU A 660 4.93 3.37 8.43
CA LEU A 660 5.62 3.52 7.16
C LEU A 660 4.75 3.21 5.96
N ILE A 661 3.95 2.13 6.07
CA ILE A 661 2.89 1.79 5.09
C ILE A 661 2.08 3.02 4.72
N GLN A 662 1.58 3.75 5.72
CA GLN A 662 0.80 4.96 5.47
C GLN A 662 1.57 6.14 4.90
N LEU A 663 2.84 6.28 5.25
CA LEU A 663 3.66 7.41 4.75
C LEU A 663 4.12 7.20 3.32
N VAL A 664 4.34 5.94 2.95
CA VAL A 664 4.66 5.59 1.58
C VAL A 664 3.42 5.75 0.72
N GLN A 665 2.29 5.25 1.19
CA GLN A 665 0.99 5.45 0.49
C GLN A 665 0.65 6.92 0.24
N VAL A 666 0.84 7.74 1.26
CA VAL A 666 0.57 9.18 1.18
C VAL A 666 1.40 9.92 0.10
N LEU A 667 2.55 9.36 -0.33
CA LEU A 667 3.37 9.93 -1.41
C LEU A 667 2.65 10.15 -2.75
N LYS A 668 1.67 9.30 -3.04
CA LYS A 668 0.87 9.41 -4.27
C LYS A 668 0.09 10.72 -4.40
N TYR A 669 -0.34 11.28 -3.26
CA TYR A 669 -1.04 12.59 -3.23
C TYR A 669 -0.12 13.81 -3.31
N GLU A 670 1.20 13.61 -3.43
CA GLU A 670 2.08 14.74 -3.60
C GLU A 670 2.04 15.17 -5.06
N GLN A 671 2.03 16.48 -5.31
CA GLN A 671 1.82 17.02 -6.68
C GLN A 671 2.99 16.68 -7.58
N TYR A 672 4.21 16.75 -7.05
CA TYR A 672 5.41 16.62 -7.88
C TYR A 672 6.36 15.58 -7.27
N LEU A 673 7.24 15.04 -8.14
CA LEU A 673 8.23 14.04 -7.77
C LEU A 673 9.08 14.46 -6.61
N ASP A 674 9.62 15.66 -6.73
CA ASP A 674 10.53 16.23 -5.77
C ASP A 674 9.72 17.04 -4.79
N ASN A 675 9.77 16.63 -3.52
CA ASN A 675 9.03 17.31 -2.47
C ASN A 675 9.68 17.02 -1.12
N LEU A 676 9.13 17.59 -0.04
CA LEU A 676 9.74 17.47 1.30
C LEU A 676 9.49 16.13 1.93
N LEU A 677 8.25 15.65 1.82
CA LEU A 677 7.94 14.32 2.32
C LEU A 677 8.86 13.23 1.75
N VAL A 678 9.16 13.26 0.45
CA VAL A 678 10.05 12.27 -0.15
C VAL A 678 11.49 12.39 0.37
N ARG A 679 11.94 13.63 0.56
CA ARG A 679 13.29 13.91 1.05
C ARG A 679 13.48 13.51 2.52
N PHE A 680 12.38 13.51 3.26
CA PHE A 680 12.37 13.08 4.66
C PHE A 680 12.54 11.54 4.75
N LEU A 681 11.60 10.84 4.12
CA LEU A 681 11.56 9.39 4.09
C LEU A 681 12.80 8.76 3.43
N LEU A 682 13.23 9.30 2.29
CA LEU A 682 14.44 8.81 1.65
C LEU A 682 15.58 8.89 2.67
N LYS A 683 15.66 9.99 3.41
CA LYS A 683 16.75 10.17 4.37
C LYS A 683 16.66 9.22 5.54
N LYS A 684 15.47 9.09 6.12
CA LYS A 684 15.26 8.12 7.22
C LYS A 684 15.67 6.76 6.77
N ALA A 685 15.19 6.34 5.61
CA ALA A 685 15.59 5.06 4.96
C ALA A 685 17.09 4.81 4.89
N LEU A 686 17.83 5.87 4.55
CA LEU A 686 19.29 5.81 4.38
C LEU A 686 20.09 6.01 5.69
N THR A 687 19.37 6.34 6.76
CA THR A 687 19.92 6.50 8.09
C THR A 687 19.72 5.23 8.96
N ASN A 688 18.57 4.57 8.83
CA ASN A 688 18.21 3.43 9.66
C ASN A 688 17.75 2.27 8.77
N GLN A 689 18.53 1.20 8.73
CA GLN A 689 18.36 0.12 7.73
C GLN A 689 17.15 -0.79 7.98
N ARG A 690 16.59 -0.75 9.18
CA ARG A 690 15.35 -1.46 9.47
C ARG A 690 14.20 -0.77 8.72
N ILE A 691 14.17 0.56 8.76
CA ILE A 691 13.24 1.35 7.93
C ILE A 691 13.54 1.11 6.45
N GLY A 692 14.79 1.32 6.08
CA GLY A 692 15.23 1.12 4.72
C GLY A 692 14.62 -0.16 4.19
N HIS A 693 14.77 -1.24 4.95
CA HIS A 693 14.35 -2.54 4.47
C HIS A 693 12.90 -2.53 4.01
N PHE A 694 12.04 -1.96 4.85
CA PHE A 694 10.61 -1.99 4.58
C PHE A 694 10.21 -0.94 3.56
N PHE A 695 10.88 0.19 3.62
CA PHE A 695 10.74 1.22 2.59
C PHE A 695 11.00 0.68 1.16
N PHE A 696 11.96 -0.23 1.03
CA PHE A 696 12.24 -0.84 -0.26
C PHE A 696 11.02 -1.66 -0.62
N TRP A 697 10.70 -2.59 0.27
CA TRP A 697 9.70 -3.59 -0.04
C TRP A 697 8.30 -3.02 -0.33
N HIS A 698 7.93 -1.93 0.35
CA HIS A 698 6.60 -1.35 0.13
C HIS A 698 6.51 -0.64 -1.20
N LEU A 699 7.58 0.04 -1.59
CA LEU A 699 7.70 0.65 -2.92
C LEU A 699 7.76 -0.43 -4.01
N LYS A 700 8.70 -1.33 -3.88
CA LYS A 700 8.81 -2.47 -4.78
C LYS A 700 7.49 -3.28 -4.88
N SER A 701 6.74 -3.35 -3.78
CA SER A 701 5.41 -3.99 -3.76
C SER A 701 4.51 -3.44 -4.83
N GLU A 702 4.49 -2.12 -4.94
CA GLU A 702 3.59 -1.41 -5.84
C GLU A 702 4.20 -1.16 -7.20
N MET A 703 5.33 -1.74 -7.56
CA MET A 703 5.96 -1.39 -8.84
C MET A 703 5.18 -1.83 -10.06
N HIS A 704 4.38 -2.88 -9.96
CA HIS A 704 3.44 -3.24 -11.05
C HIS A 704 2.46 -2.11 -11.42
N ASN A 705 2.02 -1.32 -10.43
CA ASN A 705 0.91 -0.36 -10.59
C ASN A 705 1.35 0.95 -11.28
N LYS A 706 1.00 1.14 -12.55
CA LYS A 706 1.55 2.26 -13.35
C LYS A 706 1.11 3.67 -12.92
N THR A 707 0.17 3.76 -11.98
CA THR A 707 -0.09 5.04 -11.33
C THR A 707 1.09 5.51 -10.48
N VAL A 708 2.06 4.61 -10.22
CA VAL A 708 3.25 4.94 -9.41
C VAL A 708 4.60 4.40 -9.91
N SER A 709 4.60 3.54 -10.93
CA SER A 709 5.82 2.89 -11.39
C SER A 709 6.97 3.83 -11.67
N GLN A 710 6.67 5.02 -12.20
CA GLN A 710 7.71 5.99 -12.46
C GLN A 710 8.18 6.56 -11.15
N ARG A 711 7.26 7.13 -10.38
CA ARG A 711 7.63 7.79 -9.14
C ARG A 711 8.50 6.93 -8.22
N PHE A 712 7.96 5.76 -7.89
CA PHE A 712 8.58 4.79 -6.99
C PHE A 712 9.83 4.20 -7.56
N GLY A 713 9.82 3.91 -8.87
CA GLY A 713 11.03 3.54 -9.56
C GLY A 713 12.18 4.53 -9.34
N LEU A 714 11.90 5.80 -9.58
CA LEU A 714 12.91 6.86 -9.39
C LEU A 714 13.45 6.91 -7.95
N LEU A 715 12.51 6.76 -7.02
CA LEU A 715 12.79 6.77 -5.59
C LEU A 715 13.62 5.59 -5.20
N LEU A 716 13.19 4.41 -5.62
CA LEU A 716 13.89 3.15 -5.37
C LEU A 716 15.29 3.14 -5.98
N GLU A 717 15.49 3.85 -7.08
CA GLU A 717 16.81 3.97 -7.70
C GLU A 717 17.77 4.67 -6.75
N SER A 718 17.28 5.78 -6.20
CA SER A 718 18.01 6.62 -5.27
C SER A 718 18.37 5.86 -4.02
N TYR A 719 17.36 5.29 -3.35
CA TYR A 719 17.59 4.43 -2.18
C TYR A 719 18.66 3.38 -2.48
N CYS A 720 18.48 2.65 -3.57
CA CYS A 720 19.39 1.56 -3.93
C CYS A 720 20.79 2.03 -4.20
N ARG A 721 20.91 3.16 -4.88
CA ARG A 721 22.22 3.71 -5.20
C ARG A 721 23.01 4.12 -3.95
N ALA A 722 22.32 4.45 -2.86
CA ALA A 722 22.95 4.98 -1.64
C ALA A 722 22.95 4.07 -0.42
N CYS A 723 22.11 3.04 -0.38
CA CYS A 723 22.03 2.14 0.80
C CYS A 723 23.26 1.23 1.04
N GLY A 724 24.18 1.20 0.07
CA GLY A 724 25.48 0.60 0.28
C GLY A 724 25.34 -0.88 0.11
N MET A 725 25.81 -1.64 1.10
CA MET A 725 25.85 -3.10 0.99
C MET A 725 24.50 -3.78 1.16
N TYR A 726 23.52 -3.11 1.76
CA TYR A 726 22.19 -3.69 1.80
C TYR A 726 21.61 -3.97 0.42
N LEU A 727 22.01 -3.22 -0.61
CA LEU A 727 21.56 -3.52 -1.97
C LEU A 727 21.78 -4.97 -2.28
N LYS A 728 22.99 -5.44 -2.00
CA LYS A 728 23.39 -6.81 -2.33
C LYS A 728 22.61 -7.86 -1.54
N HIS A 729 22.27 -7.52 -0.30
CA HIS A 729 21.31 -8.28 0.48
C HIS A 729 19.91 -8.27 -0.12
N LEU A 730 19.42 -7.09 -0.46
CA LEU A 730 18.12 -6.97 -1.08
C LEU A 730 18.10 -7.81 -2.33
N ASN A 731 19.17 -7.77 -3.12
CA ASN A 731 19.22 -8.58 -4.35
C ASN A 731 19.06 -10.07 -4.15
N ARG A 732 19.59 -10.60 -3.05
CA ARG A 732 19.36 -12.01 -2.76
C ARG A 732 17.89 -12.27 -2.40
N GLN A 733 17.30 -11.38 -1.61
CA GLN A 733 15.90 -11.51 -1.22
C GLN A 733 15.04 -11.49 -2.46
N VAL A 734 15.30 -10.52 -3.33
CA VAL A 734 14.54 -10.36 -4.56
C VAL A 734 14.69 -11.62 -5.40
N GLU A 735 15.93 -12.06 -5.59
CA GLU A 735 16.23 -13.26 -6.41
C GLU A 735 15.49 -14.50 -5.90
N ALA A 736 15.40 -14.62 -4.58
CA ALA A 736 14.66 -15.69 -3.89
C ALA A 736 13.15 -15.61 -4.14
N MET A 737 12.58 -14.42 -3.97
CA MET A 737 11.15 -14.23 -4.25
C MET A 737 10.80 -14.51 -5.73
N GLU A 738 11.66 -14.10 -6.66
CA GLU A 738 11.41 -14.34 -8.07
C GLU A 738 11.33 -15.80 -8.37
N LYS A 739 12.25 -16.58 -7.81
CA LYS A 739 12.21 -18.05 -7.99
C LYS A 739 10.93 -18.68 -7.46
N LEU A 740 10.50 -18.21 -6.29
CA LEU A 740 9.28 -18.70 -5.68
C LEU A 740 8.02 -18.33 -6.46
N ILE A 741 8.02 -17.13 -7.04
CA ILE A 741 6.91 -16.68 -7.88
C ILE A 741 6.81 -17.60 -9.07
N ASN A 742 7.92 -17.81 -9.75
CA ASN A 742 7.90 -18.71 -10.89
C ASN A 742 7.45 -20.07 -10.48
N LEU A 743 7.97 -20.57 -9.38
CA LEU A 743 7.66 -21.92 -8.93
C LEU A 743 6.16 -22.12 -8.77
N THR A 744 5.51 -21.20 -8.07
CA THR A 744 4.07 -21.27 -7.86
C THR A 744 3.28 -20.94 -9.15
N ASP A 745 3.82 -20.10 -10.02
CA ASP A 745 3.18 -19.84 -11.32
C ASP A 745 3.02 -21.16 -12.13
N ILE A 746 3.99 -22.06 -12.00
CA ILE A 746 3.96 -23.32 -12.75
C ILE A 746 2.94 -24.22 -12.07
N LEU A 747 2.98 -24.31 -10.75
CA LEU A 747 2.05 -25.16 -10.01
C LEU A 747 0.60 -24.76 -10.22
N LYS A 748 0.34 -23.47 -10.46
CA LYS A 748 -1.03 -23.02 -10.58
C LYS A 748 -1.56 -23.05 -12.02
N GLN A 749 -0.78 -23.58 -12.95
CA GLN A 749 -1.14 -23.73 -14.37
C GLN A 749 -0.47 -25.02 -14.85
N GLU A 750 -1.12 -25.80 -15.70
CA GLU A 750 -0.54 -27.09 -16.18
C GLU A 750 -0.47 -28.17 -15.10
N LYS A 751 0.23 -27.90 -13.99
CA LYS A 751 0.32 -28.83 -12.84
C LYS A 751 -0.88 -28.76 -11.88
N LYS A 752 -1.84 -27.87 -12.16
CA LYS A 752 -3.21 -28.04 -11.63
C LYS A 752 -3.83 -29.23 -12.37
N ASP A 753 -4.85 -29.84 -11.76
CA ASP A 753 -5.37 -31.14 -12.22
C ASP A 753 -4.23 -32.18 -12.26
N GLU A 754 -3.56 -32.30 -11.12
CA GLU A 754 -2.59 -33.35 -10.81
C GLU A 754 -2.77 -33.57 -9.33
N THR A 755 -2.41 -34.74 -8.82
CA THR A 755 -2.47 -34.98 -7.36
C THR A 755 -1.40 -34.17 -6.61
N GLN A 756 -1.77 -33.65 -5.43
CA GLN A 756 -0.82 -33.12 -4.49
C GLN A 756 0.42 -34.00 -4.55
N LYS A 757 0.19 -35.31 -4.48
CA LYS A 757 1.24 -36.30 -4.69
C LYS A 757 2.18 -35.92 -5.85
N VAL A 758 1.61 -35.71 -7.04
CA VAL A 758 2.36 -35.42 -8.28
C VAL A 758 3.05 -34.06 -8.24
N GLN A 759 2.29 -33.06 -7.78
CA GLN A 759 2.82 -31.71 -7.55
C GLN A 759 4.03 -31.72 -6.61
N MET A 760 3.85 -32.20 -5.38
CA MET A 760 4.95 -32.29 -4.39
C MET A 760 6.19 -32.99 -4.91
N LYS A 761 6.03 -33.98 -5.79
CA LYS A 761 7.18 -34.56 -6.48
C LYS A 761 7.85 -33.46 -7.28
N PHE A 762 7.07 -32.86 -8.17
CA PHE A 762 7.58 -31.73 -8.95
C PHE A 762 8.25 -30.62 -8.11
N LEU A 763 7.68 -30.26 -6.95
CA LEU A 763 8.24 -29.19 -6.09
C LEU A 763 9.63 -29.55 -5.62
N VAL A 764 9.76 -30.71 -4.97
CA VAL A 764 11.02 -31.09 -4.36
C VAL A 764 12.05 -31.32 -5.43
N GLU A 765 11.68 -32.01 -6.49
CA GLU A 765 12.55 -32.18 -7.66
C GLU A 765 13.20 -30.86 -8.06
N GLN A 766 12.35 -29.83 -8.17
CA GLN A 766 12.78 -28.49 -8.59
C GLN A 766 13.66 -27.82 -7.57
N MET A 767 13.21 -27.78 -6.33
CA MET A 767 13.98 -27.16 -5.27
C MET A 767 15.42 -27.73 -5.15
N ARG A 768 15.60 -28.99 -5.49
CA ARG A 768 16.93 -29.59 -5.45
C ARG A 768 17.88 -29.06 -6.50
N ARG A 769 17.38 -28.61 -7.64
CA ARG A 769 18.28 -28.13 -8.67
C ARG A 769 19.13 -26.98 -8.14
N PRO A 770 20.42 -26.93 -8.54
CA PRO A 770 21.42 -26.03 -7.95
C PRO A 770 21.02 -24.56 -8.00
N ASP A 771 20.51 -24.11 -9.15
CA ASP A 771 20.01 -22.73 -9.26
C ASP A 771 19.03 -22.35 -8.15
N PHE A 772 18.18 -23.29 -7.72
CA PHE A 772 17.27 -23.02 -6.60
C PHE A 772 18.02 -23.08 -5.30
N MET A 773 18.86 -24.09 -5.17
CA MET A 773 19.65 -24.25 -3.96
C MET A 773 20.48 -23.00 -3.70
N ASP A 774 21.18 -22.50 -4.71
CA ASP A 774 21.86 -21.19 -4.64
C ASP A 774 20.92 -20.07 -4.19
N ALA A 775 19.84 -19.93 -4.95
CA ALA A 775 19.02 -18.72 -4.92
C ALA A 775 18.06 -18.66 -3.77
N LEU A 776 17.77 -19.82 -3.17
CA LEU A 776 16.83 -19.91 -2.04
C LEU A 776 17.43 -20.16 -0.66
N GLN A 777 18.74 -20.33 -0.53
CA GLN A 777 19.28 -20.87 0.73
C GLN A 777 19.89 -19.86 1.71
N GLY A 778 20.78 -19.00 1.26
CA GLY A 778 21.43 -18.07 2.18
C GLY A 778 20.94 -16.67 1.96
N PHE A 779 19.95 -16.24 2.75
CA PHE A 779 19.43 -14.84 2.69
C PHE A 779 18.66 -14.39 3.95
N LEU A 780 18.13 -13.18 3.94
CA LEU A 780 17.45 -12.62 5.11
C LEU A 780 15.95 -12.65 4.91
N SER A 781 15.19 -12.99 5.95
CA SER A 781 13.73 -12.96 5.84
C SER A 781 13.25 -11.56 5.48
N PRO A 782 12.45 -11.43 4.42
CA PRO A 782 11.83 -10.13 4.18
C PRO A 782 10.79 -9.72 5.24
N LEU A 783 10.18 -10.72 5.91
CA LEU A 783 9.32 -10.42 7.05
C LEU A 783 10.07 -9.77 8.20
N ASN A 784 11.35 -10.08 8.31
CA ASN A 784 12.19 -9.49 9.35
C ASN A 784 13.65 -9.81 9.12
N PRO A 785 14.39 -8.90 8.47
CA PRO A 785 15.74 -9.22 8.04
C PRO A 785 16.73 -9.53 9.17
N ALA A 786 16.30 -9.33 10.43
CA ALA A 786 17.01 -9.87 11.60
C ALA A 786 17.24 -11.37 11.54
N HIS A 787 16.21 -12.11 11.13
CA HIS A 787 16.33 -13.56 11.10
C HIS A 787 17.09 -13.85 9.85
N GLN A 788 18.04 -14.78 9.92
CA GLN A 788 18.66 -15.25 8.71
C GLN A 788 17.98 -16.53 8.28
N LEU A 789 18.16 -16.82 7.01
CA LEU A 789 17.64 -18.01 6.37
C LEU A 789 18.86 -18.62 5.69
N GLY A 790 19.10 -19.88 5.98
CA GLY A 790 20.22 -20.59 5.39
C GLY A 790 19.71 -21.98 5.18
N ASN A 791 20.16 -22.66 4.15
CA ASN A 791 19.90 -24.09 4.02
C ASN A 791 18.47 -24.49 4.32
N LEU A 792 17.68 -24.66 3.28
CA LEU A 792 16.31 -24.98 3.51
C LEU A 792 16.29 -26.48 3.75
N ARG A 793 15.55 -26.90 4.78
CA ARG A 793 15.25 -28.32 4.98
C ARG A 793 14.06 -28.63 4.06
N LEU A 794 14.32 -29.41 3.01
CA LEU A 794 13.32 -29.74 1.99
C LEU A 794 12.36 -30.83 2.45
N GLU A 795 12.66 -31.44 3.59
CA GLU A 795 11.86 -32.49 4.16
C GLU A 795 10.61 -31.89 4.78
N GLU A 796 10.79 -30.73 5.40
CA GLU A 796 9.71 -30.01 6.05
C GLU A 796 9.12 -28.93 5.14
N CYS A 797 9.60 -28.82 3.90
CA CYS A 797 9.03 -27.88 2.92
C CYS A 797 7.91 -28.57 2.17
N ARG A 798 6.79 -27.88 1.99
CA ARG A 798 5.62 -28.48 1.33
C ARG A 798 4.57 -27.48 0.87
N ILE A 799 3.76 -27.93 -0.10
CA ILE A 799 2.60 -27.18 -0.63
C ILE A 799 1.43 -27.40 0.30
N MET A 800 0.88 -26.34 0.87
CA MET A 800 -0.33 -26.50 1.63
C MET A 800 -1.51 -26.94 0.74
N SER A 801 -2.61 -27.29 1.39
CA SER A 801 -3.79 -27.84 0.74
C SER A 801 -4.59 -26.83 -0.08
N SER A 802 -4.53 -25.53 0.26
CA SER A 802 -5.32 -24.53 -0.46
C SER A 802 -5.13 -24.56 -1.97
N ALA A 803 -6.14 -24.10 -2.69
CA ALA A 803 -6.13 -24.12 -4.15
C ALA A 803 -5.29 -23.00 -4.76
N LYS A 804 -4.88 -22.04 -3.94
CA LYS A 804 -3.95 -20.99 -4.34
C LYS A 804 -2.50 -21.53 -4.36
N ARG A 805 -2.30 -22.74 -3.84
CA ARG A 805 -1.02 -23.44 -3.82
C ARG A 805 0.03 -22.58 -3.10
N PRO A 806 -0.21 -22.35 -1.80
CA PRO A 806 0.76 -21.64 -1.01
C PRO A 806 1.84 -22.60 -0.60
N LEU A 807 3.09 -22.11 -0.58
CA LEU A 807 4.23 -22.90 -0.18
C LEU A 807 4.51 -22.64 1.27
N TRP A 808 4.86 -23.74 1.95
CA TRP A 808 5.23 -23.75 3.36
C TRP A 808 6.70 -24.10 3.36
N LEU A 809 7.52 -23.09 3.64
CA LEU A 809 8.96 -23.20 3.50
C LEU A 809 9.60 -23.15 4.87
N ASN A 810 10.70 -23.90 5.01
CA ASN A 810 11.42 -24.11 6.26
C ASN A 810 12.89 -23.92 6.01
N TRP A 811 13.62 -23.37 6.99
CA TRP A 811 15.05 -23.08 6.85
C TRP A 811 15.82 -23.29 8.19
N GLU A 812 17.07 -23.71 8.10
CA GLU A 812 17.93 -23.77 9.31
C GLU A 812 18.27 -22.35 9.77
N ASN A 813 18.11 -22.07 11.06
CA ASN A 813 18.58 -20.77 11.60
C ASN A 813 20.09 -20.85 11.78
N PRO A 814 20.85 -20.19 10.89
CA PRO A 814 22.28 -20.43 10.90
C PRO A 814 23.04 -19.68 12.00
N ASP A 815 22.34 -18.90 12.83
CA ASP A 815 22.94 -18.27 14.00
C ASP A 815 23.78 -19.25 14.80
N ILE A 816 24.76 -18.72 15.51
CA ILE A 816 25.65 -19.54 16.35
C ILE A 816 24.82 -20.19 17.48
N MET A 817 23.85 -19.42 17.97
CA MET A 817 22.92 -19.78 19.04
C MET A 817 21.50 -20.09 18.56
N GLU A 819 19.88 -22.79 18.60
CA GLU A 819 19.30 -23.53 19.70
C GLU A 819 18.59 -22.68 20.76
N LEU A 820 19.12 -21.51 21.10
CA LEU A 820 18.48 -20.63 22.10
C LEU A 820 17.22 -19.85 21.65
N LEU A 821 16.91 -19.80 20.35
CA LEU A 821 15.79 -18.98 19.82
C LEU A 821 14.85 -19.78 18.93
N PHE A 822 15.34 -20.25 17.80
CA PHE A 822 14.65 -21.31 17.10
C PHE A 822 15.66 -21.94 16.19
N GLN A 823 15.67 -23.25 16.10
CA GLN A 823 16.61 -23.93 15.21
C GLN A 823 16.08 -23.90 13.78
N ASN A 824 14.78 -23.72 13.65
CA ASN A 824 14.11 -23.72 12.37
C ASN A 824 13.24 -22.50 12.17
N ASN A 825 13.40 -21.90 10.99
CA ASN A 825 12.75 -20.66 10.62
C ASN A 825 11.83 -21.01 9.50
N GLU A 826 10.55 -20.67 9.60
CA GLU A 826 9.59 -21.09 8.58
C GLU A 826 8.49 -20.06 8.34
N ILE A 827 8.25 -19.79 7.05
CA ILE A 827 7.31 -18.77 6.63
C ILE A 827 6.62 -19.17 5.31
N ILE A 828 5.38 -18.71 5.15
CA ILE A 828 4.52 -19.18 4.07
C ILE A 828 4.58 -18.13 3.01
N PHE A 829 4.70 -18.59 1.77
CA PHE A 829 4.74 -17.74 0.58
C PHE A 829 3.48 -18.01 -0.22
N LYS A 830 2.68 -16.98 -0.49
CA LYS A 830 1.36 -17.16 -1.14
C LYS A 830 1.17 -16.32 -2.39
N ASN A 831 1.60 -16.91 -3.50
CA ASN A 831 1.21 -16.42 -4.81
C ASN A 831 -0.26 -16.65 -4.98
N GLY A 832 -0.97 -15.54 -5.17
CA GLY A 832 -2.37 -15.58 -5.55
C GLY A 832 -3.34 -14.68 -4.82
N ASP A 833 -2.98 -14.19 -3.66
CA ASP A 833 -3.97 -13.52 -2.85
C ASP A 833 -3.42 -12.16 -2.56
N ASP A 834 -4.27 -11.15 -2.59
CA ASP A 834 -3.83 -9.80 -2.28
C ASP A 834 -3.68 -9.60 -0.78
N LEU A 835 -2.43 -9.68 -0.31
CA LEU A 835 -2.14 -9.58 1.12
C LEU A 835 -2.47 -8.19 1.72
N ARG A 836 -2.46 -7.13 0.93
CA ARG A 836 -2.45 -5.80 1.51
C ARG A 836 -3.65 -5.35 2.33
N GLN A 837 -4.76 -6.07 2.28
CA GLN A 837 -5.85 -5.82 3.24
C GLN A 837 -5.44 -6.41 4.60
N ASP A 838 -5.02 -7.69 4.57
CA ASP A 838 -4.44 -8.37 5.76
C ASP A 838 -3.35 -7.46 6.35
N MET A 839 -2.35 -7.16 5.53
CA MET A 839 -1.23 -6.30 5.93
C MET A 839 -1.67 -5.10 6.81
N LEU A 840 -2.78 -4.46 6.42
CA LEU A 840 -3.27 -3.28 7.12
C LEU A 840 -4.03 -3.61 8.39
N THR A 841 -4.98 -4.53 8.34
CA THR A 841 -5.73 -4.90 9.56
C THR A 841 -4.78 -5.34 10.71
N LEU A 842 -3.81 -6.19 10.38
CA LEU A 842 -2.78 -6.62 11.32
C LEU A 842 -2.01 -5.42 11.87
N GLN A 843 -1.67 -4.47 11.01
CA GLN A 843 -1.06 -3.21 11.44
C GLN A 843 -1.96 -2.45 12.42
N ILE A 844 -3.27 -2.47 12.16
CA ILE A 844 -4.25 -1.75 12.99
C ILE A 844 -4.34 -2.44 14.36
N ILE A 845 -4.54 -3.76 14.33
CA ILE A 845 -4.47 -4.58 15.55
C ILE A 845 -3.20 -4.23 16.34
N ARG A 846 -2.03 -4.34 15.72
CA ARG A 846 -0.73 -4.03 16.38
C ARG A 846 -0.76 -2.68 17.13
N ILE A 847 -1.43 -1.70 16.52
CA ILE A 847 -1.58 -0.38 17.14
C ILE A 847 -2.56 -0.41 18.31
N MET A 848 -3.73 -1.01 18.11
CA MET A 848 -4.70 -1.17 19.22
C MET A 848 -4.06 -1.87 20.43
N GLU A 849 -3.16 -2.83 20.18
CA GLU A 849 -2.49 -3.52 21.27
C GLU A 849 -1.69 -2.47 22.03
N ASN A 850 -0.80 -1.78 21.32
CA ASN A 850 0.13 -0.84 21.95
C ASN A 850 -0.60 0.28 22.65
N ILE A 851 -1.67 0.78 22.04
CA ILE A 851 -2.59 1.70 22.71
C ILE A 851 -3.06 1.14 24.04
N TRP A 852 -3.64 -0.06 23.99
CA TRP A 852 -4.18 -0.69 25.18
C TRP A 852 -3.14 -0.95 26.26
N GLN A 853 -2.01 -1.52 25.84
CA GLN A 853 -0.98 -2.01 26.76
C GLN A 853 -0.28 -0.86 27.42
N ASN A 854 0.14 0.12 26.61
CA ASN A 854 0.81 1.32 27.12
C ASN A 854 -0.13 2.31 27.85
N GLN A 855 -1.40 1.94 28.00
CA GLN A 855 -2.33 2.56 28.92
C GLN A 855 -2.53 1.71 30.20
N GLY A 856 -1.73 0.65 30.35
CA GLY A 856 -1.92 -0.34 31.39
C GLY A 856 -3.25 -1.06 31.29
N LEU A 857 -3.39 -1.95 30.30
CA LEU A 857 -4.43 -2.97 30.29
C LEU A 857 -4.10 -4.03 29.23
N ASP A 858 -3.92 -5.27 29.70
CA ASP A 858 -3.14 -6.31 29.01
C ASP A 858 -4.02 -7.27 28.24
N LEU A 859 -4.58 -6.81 27.14
CA LEU A 859 -5.19 -7.69 26.16
C LEU A 859 -4.05 -8.12 25.26
N ARG A 860 -3.96 -9.40 24.94
CA ARG A 860 -2.83 -9.88 24.17
C ARG A 860 -3.30 -10.33 22.77
N MET A 861 -3.06 -9.44 21.81
CA MET A 861 -3.33 -9.70 20.43
C MET A 861 -2.05 -10.26 19.84
N LEU A 862 -2.19 -11.04 18.76
CA LEU A 862 -1.06 -11.63 18.04
C LEU A 862 -1.10 -11.14 16.59
N PRO A 863 -0.59 -9.93 16.36
CA PRO A 863 -0.54 -9.41 15.01
C PRO A 863 0.61 -10.10 14.27
N TYR A 864 0.32 -11.29 13.77
CA TYR A 864 1.31 -12.06 13.04
C TYR A 864 1.85 -11.29 11.83
N GLY A 865 3.06 -11.64 11.43
CA GLY A 865 3.72 -10.95 10.33
C GLY A 865 3.09 -11.21 8.98
N CYS A 866 2.89 -10.13 8.21
CA CYS A 866 2.43 -10.20 6.82
C CYS A 866 3.17 -9.19 5.97
N LEU A 867 3.48 -9.54 4.72
CA LEU A 867 4.19 -8.61 3.84
C LEU A 867 3.90 -8.87 2.38
N SER A 868 3.33 -7.88 1.69
CA SER A 868 3.08 -7.97 0.25
C SER A 868 4.29 -7.50 -0.47
N ILE A 869 4.71 -8.29 -1.46
CA ILE A 869 5.95 -8.06 -2.22
C ILE A 869 5.71 -7.92 -3.73
N GLY A 870 4.46 -7.67 -4.12
CA GLY A 870 4.09 -7.76 -5.53
C GLY A 870 2.60 -7.81 -5.76
N ASP A 871 2.19 -8.17 -6.96
CA ASP A 871 0.76 -8.17 -7.30
C ASP A 871 0.17 -9.48 -6.81
N CYS A 872 -0.54 -9.39 -5.68
CA CYS A 872 -1.05 -10.57 -5.01
C CYS A 872 0.05 -11.61 -4.82
N VAL A 873 1.11 -11.17 -4.15
CA VAL A 873 2.23 -12.01 -3.74
C VAL A 873 2.79 -11.50 -2.42
N GLY A 874 3.10 -12.42 -1.52
CA GLY A 874 3.51 -12.03 -0.18
C GLY A 874 3.93 -13.16 0.73
N LEU A 875 4.01 -12.82 2.00
CA LEU A 875 4.62 -13.69 3.00
C LEU A 875 3.85 -13.58 4.29
N ILE A 876 3.62 -14.74 4.93
CA ILE A 876 2.91 -14.79 6.20
C ILE A 876 3.75 -15.59 7.19
N GLU A 877 4.05 -14.96 8.34
CA GLU A 877 4.76 -15.55 9.47
C GLU A 877 3.98 -16.71 9.99
N VAL A 878 4.63 -17.86 10.11
CA VAL A 878 4.00 -18.99 10.80
C VAL A 878 4.03 -18.79 12.32
N VAL A 879 2.99 -19.23 12.99
CA VAL A 879 2.97 -19.25 14.45
C VAL A 879 2.94 -20.73 14.84
N ARG A 880 4.06 -21.21 15.38
CA ARG A 880 4.23 -22.62 15.74
C ARG A 880 3.24 -22.93 16.84
N ASN A 881 2.77 -24.18 16.90
CA ASN A 881 1.92 -24.63 18.00
C ASN A 881 0.64 -23.82 18.05
N SER A 882 -0.04 -23.73 16.93
CA SER A 882 -1.38 -23.14 16.97
C SER A 882 -2.27 -23.80 15.93
N HIS A 883 -3.55 -23.86 16.27
CA HIS A 883 -4.49 -24.67 15.54
C HIS A 883 -5.80 -23.94 15.42
N THR A 884 -6.45 -24.14 14.28
CA THR A 884 -7.80 -23.65 14.05
C THR A 884 -8.77 -24.46 14.89
N ILE A 885 -9.73 -23.76 15.49
CA ILE A 885 -10.73 -24.39 16.34
C ILE A 885 -11.18 -25.69 15.68
N MET A 886 -11.46 -25.64 14.38
CA MET A 886 -11.84 -26.84 13.64
C MET A 886 -10.89 -28.02 13.83
N GLN A 887 -9.58 -27.80 13.80
CA GLN A 887 -8.63 -28.88 14.07
C GLN A 887 -8.85 -29.43 15.47
N ILE A 888 -8.95 -28.53 16.45
CA ILE A 888 -9.22 -28.94 17.82
C ILE A 888 -10.37 -29.95 17.86
N GLN A 889 -11.47 -29.60 17.18
CA GLN A 889 -12.70 -30.37 17.26
C GLN A 889 -12.66 -31.63 16.43
N CYS A 890 -11.87 -31.66 15.35
CA CYS A 890 -11.65 -32.90 14.58
C CYS A 890 -10.76 -33.89 15.31
N LYS A 891 -9.73 -33.40 15.99
CA LYS A 891 -8.95 -34.25 16.88
C LYS A 891 -9.79 -34.78 18.07
N GLY A 892 -10.36 -33.87 18.87
CA GLY A 892 -11.15 -34.26 20.07
C GLY A 892 -12.53 -34.93 19.92
N GLY A 893 -13.09 -34.92 18.70
CA GLY A 893 -14.41 -35.49 18.44
C GLY A 893 -14.37 -37.01 18.29
N LEU A 894 -15.47 -37.65 18.69
CA LEU A 894 -15.58 -39.12 18.82
C LEU A 894 -15.59 -39.86 17.47
N LYS A 895 -15.24 -41.15 17.53
CA LYS A 895 -15.00 -42.00 16.35
C LYS A 895 -16.24 -42.15 15.47
N GLY A 896 -17.39 -42.43 16.10
CA GLY A 896 -18.67 -42.52 15.42
C GLY A 896 -19.15 -41.14 15.09
N ALA A 897 -18.81 -40.68 13.89
CA ALA A 897 -19.05 -39.29 13.44
C ALA A 897 -20.51 -38.86 13.64
N LEU A 898 -20.79 -38.22 14.80
CA LEU A 898 -22.17 -37.92 15.25
C LEU A 898 -22.43 -36.42 15.49
N GLN A 899 -21.66 -35.81 16.41
CA GLN A 899 -21.74 -34.37 16.74
C GLN A 899 -20.49 -33.98 17.54
N PHE A 900 -19.88 -32.83 17.22
CA PHE A 900 -18.68 -32.36 17.97
C PHE A 900 -19.08 -31.63 19.24
N ASN A 901 -18.25 -31.77 20.26
CA ASN A 901 -18.57 -31.31 21.61
C ASN A 901 -18.17 -29.85 21.83
N SER A 902 -19.02 -29.07 22.51
CA SER A 902 -18.67 -27.70 22.90
C SER A 902 -17.43 -27.67 23.81
N HIS A 903 -17.34 -28.69 24.66
CA HIS A 903 -16.27 -28.79 25.62
C HIS A 903 -14.91 -29.19 25.02
N THR A 904 -14.87 -29.87 23.86
CA THR A 904 -13.58 -30.37 23.36
C THR A 904 -12.51 -29.29 23.36
N LEU A 905 -12.88 -28.05 22.98
CA LEU A 905 -11.91 -26.94 23.03
C LEU A 905 -11.28 -26.87 24.40
N HIS A 906 -12.13 -26.69 25.40
CA HIS A 906 -11.72 -26.69 26.79
C HIS A 906 -10.92 -27.94 27.17
N GLN A 907 -11.39 -29.12 26.77
CA GLN A 907 -10.70 -30.40 27.05
C GLN A 907 -9.30 -30.40 26.47
N TRP A 908 -9.22 -30.06 25.19
CA TRP A 908 -7.93 -29.93 24.48
C TRP A 908 -6.99 -28.92 25.15
N LEU A 909 -7.58 -27.88 25.73
CA LEU A 909 -6.84 -26.81 26.38
C LEU A 909 -6.33 -27.26 27.74
N LYS A 910 -7.23 -27.83 28.56
CA LYS A 910 -6.87 -28.49 29.85
C LYS A 910 -5.76 -29.52 29.73
N ASP A 911 -5.85 -30.34 28.67
CA ASP A 911 -4.84 -31.35 28.35
C ASP A 911 -3.45 -30.75 28.20
N LYS A 912 -3.38 -29.48 27.76
CA LYS A 912 -2.12 -28.75 27.61
C LYS A 912 -1.64 -28.13 28.91
N ASN A 913 -2.53 -27.36 29.52
CA ASN A 913 -2.22 -26.55 30.70
C ASN A 913 -2.81 -27.14 31.99
N LYS A 914 -1.93 -27.72 32.84
CA LYS A 914 -2.33 -28.50 34.04
C LYS A 914 -1.61 -28.05 35.32
N GLY A 915 -2.38 -27.62 36.32
CA GLY A 915 -1.79 -27.17 37.59
C GLY A 915 -2.12 -25.71 37.80
N GLU A 916 -1.18 -24.96 38.38
CA GLU A 916 -1.28 -23.48 38.42
C GLU A 916 -1.28 -22.91 36.99
N ILE A 917 -0.63 -23.66 36.09
CA ILE A 917 -0.57 -23.35 34.66
C ILE A 917 -1.96 -23.20 34.06
N TYR A 918 -2.87 -24.15 34.32
CA TYR A 918 -4.28 -24.05 33.85
C TYR A 918 -4.92 -22.68 34.08
N ASP A 919 -4.89 -22.19 35.31
CA ASP A 919 -5.55 -20.91 35.62
C ASP A 919 -5.03 -19.79 34.71
N ALA A 920 -3.72 -19.76 34.52
CA ALA A 920 -3.04 -18.72 33.73
C ALA A 920 -3.35 -18.78 32.25
N ALA A 921 -3.53 -19.99 31.70
CA ALA A 921 -3.95 -20.15 30.30
C ALA A 921 -5.35 -19.56 30.04
N ILE A 922 -6.26 -19.65 31.02
CA ILE A 922 -7.64 -19.13 30.84
C ILE A 922 -7.65 -17.61 30.83
N ASP A 923 -6.93 -17.02 31.78
CA ASP A 923 -6.62 -15.58 31.80
C ASP A 923 -6.18 -15.10 30.42
N LEU A 924 -5.28 -15.85 29.78
CA LEU A 924 -4.72 -15.47 28.49
C LEU A 924 -5.73 -15.57 27.35
N PHE A 925 -6.41 -16.71 27.29
CA PHE A 925 -7.53 -16.89 26.38
C PHE A 925 -8.53 -15.77 26.57
N THR A 926 -8.91 -15.53 27.82
CA THR A 926 -9.87 -14.49 28.15
C THR A 926 -9.34 -13.07 27.87
N ARG A 927 -8.06 -12.84 28.10
CA ARG A 927 -7.46 -11.55 27.73
C ARG A 927 -7.42 -11.32 26.20
N SER A 928 -6.94 -12.32 25.45
CA SER A 928 -6.89 -12.22 23.99
C SER A 928 -8.28 -12.15 23.39
N CYS A 929 -9.12 -13.12 23.75
CA CYS A 929 -10.49 -13.19 23.28
C CYS A 929 -11.26 -11.88 23.50
N ALA A 930 -10.97 -11.22 24.61
CA ALA A 930 -11.53 -9.90 24.88
C ALA A 930 -11.11 -8.85 23.86
N GLY A 931 -9.81 -8.77 23.60
CA GLY A 931 -9.29 -7.79 22.65
C GLY A 931 -9.73 -8.05 21.22
N TYR A 932 -9.60 -9.29 20.78
CA TYR A 932 -10.01 -9.66 19.44
C TYR A 932 -11.51 -9.42 19.28
N CYS A 933 -12.30 -9.60 20.34
CA CYS A 933 -13.74 -9.29 20.26
C CYS A 933 -14.02 -7.83 19.84
N VAL A 934 -13.26 -6.92 20.45
CA VAL A 934 -13.41 -5.48 20.25
C VAL A 934 -12.78 -5.02 18.94
N ALA A 935 -11.55 -5.47 18.67
CA ALA A 935 -10.85 -5.10 17.43
C ALA A 935 -11.67 -5.51 16.21
N THR A 936 -12.04 -6.78 16.17
CA THR A 936 -12.94 -7.36 15.17
C THR A 936 -14.21 -6.55 14.91
N PHE A 937 -15.00 -6.34 15.96
CA PHE A 937 -16.21 -5.53 15.88
C PHE A 937 -16.01 -4.13 15.27
N ILE A 938 -15.06 -3.38 15.83
CA ILE A 938 -14.76 -2.01 15.38
C ILE A 938 -14.32 -1.96 13.90
N LEU A 939 -13.45 -2.87 13.50
CA LEU A 939 -12.97 -2.92 12.11
C LEU A 939 -13.96 -3.55 11.16
N GLY A 940 -14.91 -4.30 11.69
CA GLY A 940 -15.95 -4.90 10.88
C GLY A 940 -15.44 -6.04 10.02
N ILE A 941 -14.32 -6.64 10.42
CA ILE A 941 -13.64 -7.71 9.64
C ILE A 941 -14.55 -8.90 9.29
N GLY A 942 -14.19 -9.67 8.26
CA GLY A 942 -15.04 -10.77 7.75
C GLY A 942 -15.51 -11.70 8.86
N ASP A 943 -16.75 -12.16 8.78
CA ASP A 943 -17.37 -12.97 9.86
C ASP A 943 -16.46 -14.12 10.34
N ARG A 944 -16.37 -14.30 11.66
CA ARG A 944 -15.50 -15.32 12.28
C ARG A 944 -16.19 -16.67 12.46
N HIS A 945 -15.47 -17.76 12.19
CA HIS A 945 -15.97 -19.12 12.46
C HIS A 945 -14.80 -20.12 12.51
N ASN A 946 -15.11 -21.34 12.98
CA ASN A 946 -14.11 -22.36 13.36
C ASN A 946 -12.82 -22.56 12.52
N SER A 947 -12.85 -22.23 11.24
CA SER A 947 -11.68 -22.42 10.36
C SER A 947 -10.86 -21.14 10.13
N ASN A 948 -11.23 -20.04 10.79
CA ASN A 948 -10.38 -18.84 10.79
C ASN A 948 -10.06 -18.24 12.18
N ILE A 949 -10.42 -18.95 13.25
CA ILE A 949 -10.03 -18.57 14.62
C ILE A 949 -8.98 -19.59 15.05
N MET A 950 -7.98 -19.14 15.80
CA MET A 950 -6.91 -20.01 16.23
C MET A 950 -6.55 -19.90 17.72
N VAL A 951 -6.21 -21.07 18.27
CA VAL A 951 -5.83 -21.19 19.66
C VAL A 951 -4.50 -21.89 19.71
N LYS A 952 -3.61 -21.32 20.54
CA LYS A 952 -2.24 -21.80 20.77
C LYS A 952 -2.19 -22.72 21.96
N ASP A 953 -1.21 -23.62 21.98
CA ASP A 953 -1.01 -24.55 23.11
C ASP A 953 -1.05 -23.84 24.47
N ASP A 954 -0.42 -22.68 24.57
CA ASP A 954 -0.46 -21.91 25.82
C ASP A 954 -1.77 -21.15 26.11
N GLY A 955 -2.74 -21.23 25.19
CA GLY A 955 -4.09 -20.74 25.46
C GLY A 955 -4.53 -19.43 24.82
N GLN A 956 -3.61 -18.73 24.15
CA GLN A 956 -3.93 -17.46 23.48
C GLN A 956 -4.74 -17.70 22.24
N LEU A 957 -5.76 -16.85 22.05
CA LEU A 957 -6.65 -16.88 20.89
C LEU A 957 -6.31 -15.72 19.96
N PHE A 958 -6.40 -15.98 18.67
CA PHE A 958 -6.10 -14.96 17.68
C PHE A 958 -6.71 -15.34 16.33
N HIS A 959 -7.25 -14.34 15.63
CA HIS A 959 -7.89 -14.56 14.32
C HIS A 959 -6.90 -14.51 13.17
N ILE A 960 -7.28 -15.15 12.06
CA ILE A 960 -6.55 -15.10 10.79
C ILE A 960 -7.48 -14.88 9.59
N ASP A 961 -6.93 -14.82 8.37
CA ASP A 961 -7.70 -14.67 7.13
C ASP A 961 -8.92 -13.77 7.35
N PHE A 962 -8.65 -12.47 7.41
CA PHE A 962 -9.63 -11.50 7.88
C PHE A 962 -10.62 -11.14 6.77
N GLY A 963 -10.14 -11.09 5.53
CA GLY A 963 -10.96 -10.80 4.35
C GLY A 963 -11.14 -9.31 4.11
N HIS A 964 -12.40 -8.90 3.99
CA HIS A 964 -12.72 -7.50 3.71
C HIS A 964 -12.98 -6.77 5.00
N PHE A 965 -12.26 -5.67 5.25
CA PHE A 965 -12.27 -5.04 6.59
C PHE A 965 -13.49 -4.17 6.89
N LEU A 966 -13.65 -3.00 6.31
CA LEU A 966 -14.69 -2.08 6.83
C LEU A 966 -16.13 -2.45 6.40
N ASP A 967 -16.42 -3.76 6.30
CA ASP A 967 -17.71 -4.30 5.90
C ASP A 967 -17.90 -4.06 4.40
N HIS A 968 -17.30 -4.93 3.58
CA HIS A 968 -17.31 -4.78 2.11
C HIS A 968 -18.29 -5.72 1.38
N LYS A 969 -18.85 -6.72 2.08
CA LYS A 969 -20.09 -7.38 1.61
C LYS A 969 -21.33 -6.48 1.82
N LYS A 970 -21.18 -5.39 2.58
CA LYS A 970 -22.21 -4.34 2.78
C LYS A 970 -22.66 -3.59 1.51
N LYS A 971 -21.79 -3.52 0.50
CA LYS A 971 -22.12 -2.89 -0.81
C LYS A 971 -23.26 -3.64 -1.51
N LYS A 972 -23.47 -4.90 -1.14
CA LYS A 972 -24.74 -5.59 -1.35
C LYS A 972 -25.61 -5.22 -0.15
N PHE A 973 -26.83 -4.74 -0.40
CA PHE A 973 -27.82 -4.28 0.63
C PHE A 973 -27.33 -3.38 1.80
N GLY A 974 -26.49 -3.91 2.70
CA GLY A 974 -25.97 -3.17 3.84
C GLY A 974 -27.03 -2.71 4.82
N LYS A 976 -27.36 -0.33 7.41
CA LYS A 976 -27.01 -0.11 8.81
C LYS A 976 -26.89 -1.46 9.51
N ARG A 977 -26.00 -2.30 8.97
CA ARG A 977 -25.84 -3.66 9.48
C ARG A 977 -24.95 -3.78 10.73
N GLU A 978 -24.17 -2.73 11.05
CA GLU A 978 -23.37 -2.62 12.29
C GLU A 978 -23.10 -3.98 12.91
N ARG A 979 -22.33 -4.78 12.17
CA ARG A 979 -22.22 -6.21 12.41
C ARG A 979 -21.32 -6.59 13.62
N VAL A 980 -21.61 -7.75 14.21
CA VAL A 980 -20.72 -8.42 15.16
C VAL A 980 -20.15 -9.62 14.41
N PRO A 981 -18.84 -9.58 14.08
CA PRO A 981 -18.20 -10.71 13.36
C PRO A 981 -17.63 -11.78 14.27
N PHE A 982 -17.14 -11.40 15.46
CA PHE A 982 -16.74 -12.38 16.46
C PHE A 982 -17.90 -12.62 17.42
N VAL A 983 -18.64 -13.70 17.11
CA VAL A 983 -19.82 -14.14 17.86
C VAL A 983 -19.43 -15.35 18.72
N LEU A 984 -19.33 -15.12 20.03
CA LEU A 984 -18.86 -16.10 20.98
C LEU A 984 -19.83 -17.25 21.20
N THR A 985 -19.64 -18.34 20.46
CA THR A 985 -20.40 -19.57 20.66
C THR A 985 -20.24 -20.08 22.10
N GLN A 986 -20.98 -21.14 22.44
CA GLN A 986 -20.80 -21.84 23.71
C GLN A 986 -19.30 -22.08 23.95
N ASP A 987 -18.68 -22.78 23.00
CA ASP A 987 -17.28 -23.22 23.07
C ASP A 987 -16.37 -22.30 23.86
N PHE A 988 -16.42 -21.01 23.46
CA PHE A 988 -15.55 -19.97 24.01
C PHE A 988 -15.98 -19.63 25.42
N LEU A 989 -17.30 -19.57 25.62
CA LEU A 989 -17.88 -19.17 26.90
C LEU A 989 -17.56 -20.15 28.02
N ILE A 990 -17.67 -21.45 27.71
CA ILE A 990 -17.26 -22.51 28.62
C ILE A 990 -15.89 -22.17 29.16
N VAL A 991 -14.96 -22.06 28.21
CA VAL A 991 -13.54 -21.85 28.44
C VAL A 991 -13.29 -20.57 29.26
N ILE A 992 -14.08 -19.52 28.98
CA ILE A 992 -13.95 -18.26 29.72
C ILE A 992 -14.29 -18.43 31.19
N SER A 993 -15.33 -19.23 31.48
CA SER A 993 -15.81 -19.44 32.86
C SER A 993 -15.38 -20.81 33.41
N LYS A 994 -14.06 -21.04 33.34
CA LYS A 994 -13.40 -22.31 33.68
C LYS A 994 -14.08 -23.52 33.06
N GLY A 995 -15.08 -24.10 33.72
CA GLY A 995 -15.85 -25.17 33.13
C GLY A 995 -17.18 -25.26 33.83
N ALA A 996 -18.07 -24.34 33.48
CA ALA A 996 -19.32 -24.14 34.21
C ALA A 996 -20.46 -24.55 33.34
N GLN A 997 -21.66 -24.42 33.89
CA GLN A 997 -22.88 -24.56 33.12
C GLN A 997 -23.64 -23.28 33.29
N GLU A 998 -24.18 -22.80 32.17
CA GLU A 998 -24.85 -21.51 32.10
C GLU A 998 -23.83 -20.41 32.52
N CYS A 999 -22.81 -20.37 31.67
CA CYS A 999 -21.57 -19.59 31.79
C CYS A 999 -21.79 -18.11 31.84
N THR A 1000 -22.80 -17.65 31.09
CA THR A 1000 -23.22 -16.24 31.02
C THR A 1000 -23.40 -15.53 32.37
N LYS A 1001 -23.32 -16.27 33.50
CA LYS A 1001 -23.72 -15.77 34.81
C LYS A 1001 -22.61 -15.84 35.89
N THR A 1002 -21.39 -16.20 35.49
CA THR A 1002 -20.22 -16.31 36.38
C THR A 1002 -19.51 -14.95 36.53
N ARG A 1003 -18.76 -14.76 37.61
CA ARG A 1003 -17.91 -13.56 37.76
C ARG A 1003 -16.71 -13.59 36.79
N GLU A 1004 -16.29 -14.80 36.41
CA GLU A 1004 -15.25 -15.00 35.37
C GLU A 1004 -15.59 -14.17 34.14
N PHE A 1005 -16.87 -14.28 33.72
CA PHE A 1005 -17.45 -13.57 32.57
C PHE A 1005 -17.72 -12.10 32.81
N GLU A 1006 -18.17 -11.73 34.01
CA GLU A 1006 -18.25 -10.31 34.39
C GLU A 1006 -16.93 -9.60 34.10
N ARG A 1007 -15.83 -10.20 34.56
CA ARG A 1007 -14.47 -9.72 34.31
C ARG A 1007 -14.23 -9.46 32.83
N PHE A 1008 -14.43 -10.51 32.02
CA PHE A 1008 -14.29 -10.48 30.55
C PHE A 1008 -15.06 -9.32 29.94
N GLN A 1009 -16.34 -9.20 30.29
CA GLN A 1009 -17.16 -8.09 29.81
C GLN A 1009 -16.53 -6.73 30.08
N GLU A 1010 -16.03 -6.53 31.29
CA GLU A 1010 -15.37 -5.27 31.65
C GLU A 1010 -14.07 -5.04 30.89
N MET A 1011 -13.39 -6.11 30.50
CA MET A 1011 -12.24 -5.99 29.61
C MET A 1011 -12.72 -5.39 28.28
N CYS A 1012 -13.76 -5.99 27.70
CA CYS A 1012 -14.37 -5.50 26.47
C CYS A 1012 -14.83 -4.03 26.57
N TYR A 1013 -15.42 -3.63 27.70
CA TYR A 1013 -15.91 -2.25 27.86
C TYR A 1013 -14.76 -1.23 28.00
N LYS A 1014 -13.77 -1.55 28.83
CA LYS A 1014 -12.60 -0.69 28.99
C LYS A 1014 -11.66 -0.69 27.77
N ALA A 1015 -11.74 -1.75 26.95
CA ALA A 1015 -11.04 -1.81 25.65
C ALA A 1015 -11.73 -0.95 24.63
N TYR A 1016 -13.02 -1.22 24.39
CA TYR A 1016 -13.82 -0.44 23.44
C TYR A 1016 -13.68 1.07 23.62
N LEU A 1017 -13.71 1.54 24.86
CA LEU A 1017 -13.55 2.96 25.12
C LEU A 1017 -12.15 3.45 24.79
N ALA A 1018 -11.13 2.73 25.21
CA ALA A 1018 -9.74 3.18 25.07
C ALA A 1018 -9.36 3.45 23.61
N ILE A 1019 -9.90 2.63 22.71
CA ILE A 1019 -9.78 2.85 21.26
C ILE A 1019 -10.56 4.09 20.83
N ARG A 1020 -11.78 4.22 21.35
CA ARG A 1020 -12.65 5.37 21.08
C ARG A 1020 -11.98 6.72 21.37
N GLN A 1021 -11.10 6.75 22.35
CA GLN A 1021 -10.31 7.96 22.63
C GLN A 1021 -9.26 8.30 21.56
N HIS A 1022 -8.78 7.28 20.85
CA HIS A 1022 -7.84 7.48 19.74
C HIS A 1022 -8.48 7.35 18.35
N ALA A 1023 -9.81 7.43 18.28
CA ALA A 1023 -10.56 7.31 17.01
C ALA A 1023 -10.04 8.21 15.90
N ASN A 1024 -9.51 9.36 16.24
CA ASN A 1024 -8.95 10.27 15.25
C ASN A 1024 -7.85 9.60 14.44
N LEU A 1025 -6.91 8.96 15.14
CA LEU A 1025 -5.84 8.19 14.52
C LEU A 1025 -6.36 7.16 13.53
N PHE A 1026 -7.29 6.34 13.98
CA PHE A 1026 -7.74 5.23 13.14
C PHE A 1026 -8.40 5.73 11.85
N ILE A 1027 -9.22 6.76 11.98
CA ILE A 1027 -9.80 7.48 10.83
C ILE A 1027 -8.63 7.87 9.91
N ASN A 1028 -7.67 8.63 10.44
CA ASN A 1028 -6.51 9.13 9.69
C ASN A 1028 -5.66 8.08 9.02
N LEU A 1029 -5.41 6.98 9.74
CA LEU A 1029 -4.69 5.85 9.17
C LEU A 1029 -5.44 5.26 7.99
N PHE A 1030 -6.74 5.08 8.15
CA PHE A 1030 -7.57 4.67 7.02
C PHE A 1030 -7.62 5.71 5.90
N SER A 1031 -7.66 7.00 6.26
CA SER A 1031 -7.64 8.09 5.27
C SER A 1031 -6.41 8.06 4.35
N MET A 1032 -5.27 7.82 4.96
CA MET A 1032 -4.00 7.81 4.24
C MET A 1032 -3.89 6.65 3.24
N MET A 1033 -4.67 5.59 3.45
CA MET A 1033 -4.62 4.39 2.61
C MET A 1033 -5.55 4.43 1.41
N LEU A 1034 -6.34 5.51 1.29
CA LEU A 1034 -7.21 5.69 0.12
C LEU A 1034 -6.44 5.71 -1.22
N GLY A 1035 -5.19 6.16 -1.15
CA GLY A 1035 -4.25 6.10 -2.28
C GLY A 1035 -4.25 4.75 -2.97
N SER A 1036 -3.81 3.72 -2.24
CA SER A 1036 -3.77 2.35 -2.78
C SER A 1036 -5.11 2.00 -3.41
N GLY A 1037 -5.05 1.23 -4.47
CA GLY A 1037 -6.26 0.79 -5.13
C GLY A 1037 -6.85 -0.40 -4.42
N MET A 1038 -7.08 -0.28 -3.13
CA MET A 1038 -7.81 -1.30 -2.40
C MET A 1038 -9.30 -1.04 -2.64
N PRO A 1039 -10.06 -2.07 -3.03
CA PRO A 1039 -11.47 -1.85 -3.23
C PRO A 1039 -12.22 -1.45 -1.95
N GLU A 1040 -11.75 -1.93 -0.80
CA GLU A 1040 -12.42 -1.66 0.48
C GLU A 1040 -12.22 -0.23 0.97
N LEU A 1041 -11.32 0.52 0.31
CA LEU A 1041 -11.01 1.91 0.64
C LEU A 1041 -11.00 2.76 -0.63
N GLN A 1042 -12.17 2.95 -1.22
CA GLN A 1042 -12.30 3.80 -2.41
C GLN A 1042 -12.49 5.26 -2.07
N SER A 1043 -13.36 5.59 -1.12
CA SER A 1043 -13.47 6.97 -0.60
C SER A 1043 -14.05 7.06 0.82
N PHE A 1044 -13.93 8.25 1.39
CA PHE A 1044 -14.11 8.51 2.85
C PHE A 1044 -15.32 7.89 3.58
N ASP A 1045 -16.41 7.61 2.87
CA ASP A 1045 -17.56 6.97 3.54
C ASP A 1045 -17.31 5.49 3.73
N ASP A 1046 -16.44 4.88 2.92
CA ASP A 1046 -15.90 3.55 3.29
C ASP A 1046 -15.38 3.60 4.74
N ILE A 1047 -14.49 4.56 4.98
CA ILE A 1047 -13.91 4.84 6.29
C ILE A 1047 -14.95 5.18 7.34
N ALA A 1048 -16.05 5.79 6.93
CA ALA A 1048 -17.10 6.17 7.86
C ALA A 1048 -17.80 5.04 8.66
N TYR A 1049 -17.72 3.78 8.18
CA TYR A 1049 -18.19 2.64 9.00
C TYR A 1049 -17.61 2.70 10.43
N ILE A 1050 -16.32 2.96 10.52
CA ILE A 1050 -15.59 3.06 11.78
C ILE A 1050 -16.11 4.17 12.73
N ARG A 1051 -16.92 5.10 12.21
CA ARG A 1051 -17.53 6.13 13.03
C ARG A 1051 -18.72 5.57 13.79
N LYS A 1052 -19.59 4.87 13.06
CA LYS A 1052 -20.83 4.29 13.62
C LYS A 1052 -20.53 3.27 14.71
N THR A 1053 -19.55 2.43 14.40
CA THR A 1053 -19.14 1.31 15.23
C THR A 1053 -18.37 1.77 16.49
N LEU A 1054 -17.61 2.86 16.40
CA LEU A 1054 -17.06 3.52 17.59
C LEU A 1054 -18.07 4.49 18.22
N ALA A 1055 -19.13 4.84 17.48
CA ALA A 1055 -20.21 5.71 17.95
C ALA A 1055 -19.67 7.04 18.43
N LEU A 1056 -19.22 7.85 17.47
CA LEU A 1056 -18.50 9.11 17.74
C LEU A 1056 -19.42 10.32 17.75
N ASP A 1057 -20.57 10.20 17.06
CA ASP A 1057 -21.62 11.21 17.09
C ASP A 1057 -22.36 11.24 18.45
N LYS A 1058 -22.21 10.19 19.26
CA LYS A 1058 -22.84 10.12 20.60
C LYS A 1058 -21.88 10.55 21.72
N THR A 1059 -22.36 10.49 22.97
CA THR A 1059 -21.49 10.61 24.17
C THR A 1059 -20.96 9.25 24.50
N GLU A 1060 -19.82 9.22 25.21
CA GLU A 1060 -19.17 7.95 25.50
C GLU A 1060 -20.02 7.03 26.38
N GLN A 1061 -20.85 7.60 27.24
CA GLN A 1061 -21.82 6.79 28.00
C GLN A 1061 -22.79 6.08 27.05
N GLU A 1062 -23.26 6.80 26.03
CA GLU A 1062 -24.13 6.18 25.04
C GLU A 1062 -23.36 5.11 24.28
N ALA A 1063 -22.18 5.48 23.80
CA ALA A 1063 -21.32 4.57 23.03
C ALA A 1063 -21.21 3.19 23.68
N LEU A 1064 -20.93 3.18 24.98
CA LEU A 1064 -20.89 1.92 25.76
C LEU A 1064 -22.18 1.14 25.64
N GLU A 1065 -23.28 1.86 25.84
CA GLU A 1065 -24.61 1.28 25.77
C GLU A 1065 -24.90 0.77 24.37
N TYR A 1066 -24.44 1.52 23.36
CA TYR A 1066 -24.51 1.08 21.96
C TYR A 1066 -23.76 -0.23 21.79
N PHE A 1067 -22.55 -0.29 22.33
CA PHE A 1067 -21.71 -1.47 22.22
C PHE A 1067 -22.30 -2.65 23.00
N MET A 1068 -22.81 -2.37 24.20
CA MET A 1068 -23.45 -3.42 24.99
C MET A 1068 -24.63 -3.97 24.19
N LYS A 1069 -25.51 -3.07 23.74
CA LYS A 1069 -26.65 -3.43 22.88
C LYS A 1069 -26.21 -4.25 21.69
N GLN A 1070 -25.23 -3.71 20.96
CA GLN A 1070 -24.70 -4.39 19.77
C GLN A 1070 -24.22 -5.78 20.09
N MET A 1071 -23.47 -5.91 21.19
CA MET A 1071 -22.97 -7.22 21.66
C MET A 1071 -24.08 -8.14 22.16
N ASN A 1072 -25.08 -7.55 22.82
CA ASN A 1072 -26.17 -8.33 23.40
C ASN A 1072 -26.99 -9.09 22.35
N ASP A 1073 -27.36 -8.42 21.26
CA ASP A 1073 -28.22 -9.01 20.21
C ASP A 1073 -27.56 -10.10 19.33
N ALA A 1074 -26.23 -10.12 19.26
CA ALA A 1074 -25.51 -11.17 18.52
C ALA A 1074 -25.47 -12.49 19.31
N HIS A 1075 -25.47 -12.38 20.64
CA HIS A 1075 -25.48 -13.54 21.55
C HIS A 1075 -26.87 -13.87 22.13
N HIS A 1076 -27.82 -12.92 22.06
CA HIS A 1076 -29.16 -13.06 22.67
C HIS A 1076 -29.13 -13.32 24.19
N GLY A 1077 -28.65 -12.31 24.92
CA GLY A 1077 -28.55 -12.33 26.37
C GLY A 1077 -27.13 -12.17 26.85
N GLY A 1078 -26.96 -11.47 27.98
CA GLY A 1078 -25.67 -11.35 28.65
C GLY A 1078 -25.28 -9.95 29.07
N TRP A 1079 -25.66 -8.93 28.30
CA TRP A 1079 -24.99 -7.62 28.34
C TRP A 1079 -25.90 -6.44 28.72
N THR A 1080 -26.25 -6.32 30.01
CA THR A 1080 -27.03 -5.16 30.54
C THR A 1080 -26.85 -4.89 32.05
N THR A 1081 -25.60 -4.65 32.47
CA THR A 1081 -25.30 -4.10 33.81
C THR A 1081 -24.06 -3.16 33.77
N LYS A 1082 -24.02 -2.22 34.71
CA LYS A 1082 -22.88 -1.35 34.93
C LYS A 1082 -23.03 -0.67 36.29
N SER B 6 -47.16 17.42 9.08
CA SER B 6 -46.53 18.37 8.09
C SER B 6 -45.05 18.63 8.38
N LEU B 7 -44.73 19.09 9.59
CA LEU B 7 -43.34 19.29 10.02
C LEU B 7 -42.58 17.97 10.18
N GLN B 8 -43.31 16.91 10.58
CA GLN B 8 -42.77 15.55 10.74
C GLN B 8 -42.70 14.80 9.40
N ASP B 9 -43.74 14.95 8.57
CA ASP B 9 -43.72 14.35 7.23
C ASP B 9 -42.77 15.20 6.35
N ALA B 10 -43.18 16.44 6.03
CA ALA B 10 -42.29 17.46 5.42
C ALA B 10 -41.52 17.12 4.13
N GLU B 11 -41.85 16.00 3.46
CA GLU B 11 -41.14 15.51 2.25
C GLU B 11 -39.63 15.26 2.45
N TRP B 12 -38.84 16.34 2.49
CA TRP B 12 -37.37 16.28 2.52
C TRP B 12 -36.77 15.94 3.90
N TYR B 13 -37.54 16.10 4.97
CA TYR B 13 -36.98 16.08 6.33
C TYR B 13 -36.23 14.80 6.74
N ARG B 19 -26.23 10.74 8.91
CA ARG B 19 -25.10 11.57 8.49
C ARG B 19 -24.32 10.90 7.38
N GLU B 20 -24.02 9.63 7.59
CA GLU B 20 -23.32 8.83 6.60
C GLU B 20 -24.31 8.59 5.46
N GLU B 21 -25.49 8.09 5.82
CA GLU B 21 -26.59 7.82 4.86
C GLU B 21 -27.21 9.07 4.21
N VAL B 22 -27.00 10.24 4.83
CA VAL B 22 -27.29 11.53 4.19
C VAL B 22 -26.38 11.73 2.98
N ASN B 23 -25.07 11.48 3.17
CA ASN B 23 -24.08 11.59 2.09
C ASN B 23 -24.34 10.58 0.97
N GLU B 24 -24.85 9.40 1.33
CA GLU B 24 -25.24 8.36 0.35
C GLU B 24 -26.49 8.74 -0.44
N LYS B 25 -27.45 9.40 0.22
CA LYS B 25 -28.60 9.98 -0.48
C LYS B 25 -28.20 11.18 -1.36
N LEU B 26 -27.15 11.89 -0.97
CA LEU B 26 -26.56 12.97 -1.78
C LEU B 26 -25.67 12.46 -2.93
N ARG B 27 -25.02 11.32 -2.76
CA ARG B 27 -24.18 10.71 -3.82
C ARG B 27 -24.85 10.73 -5.20
N ASP B 28 -24.16 11.31 -6.19
CA ASP B 28 -24.58 11.32 -7.61
C ASP B 28 -25.92 12.00 -7.96
N THR B 29 -26.34 12.97 -7.15
CA THR B 29 -27.39 13.93 -7.57
C THR B 29 -26.70 15.19 -8.13
N ALA B 30 -27.44 15.96 -8.92
CA ALA B 30 -26.89 17.12 -9.63
C ALA B 30 -26.74 18.33 -8.70
N ASP B 31 -26.30 19.45 -9.28
CA ASP B 31 -26.05 20.69 -8.52
C ASP B 31 -27.38 21.32 -8.05
N GLY B 32 -27.52 21.54 -6.75
CA GLY B 32 -28.73 22.16 -6.17
C GLY B 32 -29.47 21.30 -5.14
N THR B 33 -29.43 19.98 -5.34
CA THR B 33 -30.14 19.00 -4.50
C THR B 33 -29.88 19.12 -2.98
N PHE B 34 -30.90 18.84 -2.17
CA PHE B 34 -30.84 19.06 -0.72
C PHE B 34 -31.80 18.18 0.13
N LEU B 35 -31.60 18.28 1.45
CA LEU B 35 -32.49 17.70 2.48
C LEU B 35 -32.12 18.26 3.87
N VAL B 36 -33.00 18.12 4.86
CA VAL B 36 -32.75 18.64 6.24
C VAL B 36 -32.55 17.52 7.29
N ARG B 37 -31.51 17.69 8.11
CA ARG B 37 -31.12 16.75 9.18
C ARG B 37 -31.52 17.27 10.56
N ASP B 38 -31.27 16.43 11.58
CA ASP B 38 -31.54 16.75 12.98
C ASP B 38 -30.23 17.04 13.71
N THR B 41 -25.50 15.66 18.79
CA THR B 41 -25.49 16.45 20.00
C THR B 41 -26.62 17.47 19.88
N LYS B 42 -27.56 17.45 20.83
CA LYS B 42 -28.57 18.51 20.96
C LYS B 42 -27.88 19.81 21.42
N MET B 43 -26.93 19.68 22.35
CA MET B 43 -26.05 20.78 22.81
C MET B 43 -24.94 21.07 21.76
N HIS B 44 -25.37 21.67 20.65
CA HIS B 44 -24.55 21.84 19.42
C HIS B 44 -25.31 22.77 18.44
N GLY B 45 -26.50 22.32 18.02
CA GLY B 45 -27.44 23.11 17.21
C GLY B 45 -28.87 22.58 17.39
N ASP B 46 -29.62 22.43 16.30
CA ASP B 46 -30.94 21.76 16.31
C ASP B 46 -31.23 20.94 15.05
N TYR B 47 -31.32 21.60 13.88
CA TYR B 47 -31.43 20.92 12.57
C TYR B 47 -30.25 21.32 11.65
N THR B 48 -30.11 20.66 10.49
CA THR B 48 -29.00 20.95 9.54
C THR B 48 -29.38 20.77 8.05
N LEU B 49 -29.39 21.88 7.31
CA LEU B 49 -29.63 21.86 5.86
C LEU B 49 -28.38 21.37 5.13
N THR B 50 -28.40 20.12 4.67
CA THR B 50 -27.36 19.58 3.80
C THR B 50 -27.75 19.91 2.34
N LEU B 51 -26.82 20.50 1.59
CA LEU B 51 -27.07 20.99 0.23
C LEU B 51 -25.92 20.58 -0.69
N ARG B 52 -26.21 19.80 -1.73
CA ARG B 52 -25.18 19.34 -2.68
C ARG B 52 -24.86 20.40 -3.74
N LYS B 53 -23.57 20.69 -3.93
CA LYS B 53 -23.09 21.68 -4.92
C LYS B 53 -21.86 21.20 -5.70
N GLY B 54 -22.12 20.61 -6.87
CA GLY B 54 -21.08 20.22 -7.83
C GLY B 54 -20.19 19.08 -7.38
N GLY B 55 -20.75 18.10 -6.68
CA GLY B 55 -20.00 16.95 -6.15
C GLY B 55 -19.40 17.15 -4.77
N ASN B 56 -19.89 18.16 -4.06
CA ASN B 56 -19.49 18.46 -2.67
C ASN B 56 -20.72 18.90 -1.86
N ASN B 57 -21.08 18.11 -0.83
CA ASN B 57 -22.12 18.51 0.14
C ASN B 57 -21.70 19.76 0.93
N LYS B 58 -22.68 20.62 1.24
CA LYS B 58 -22.46 21.90 1.95
C LYS B 58 -23.45 22.04 3.13
N LEU B 59 -22.95 21.89 4.36
CA LEU B 59 -23.77 21.83 5.58
C LEU B 59 -24.05 23.22 6.16
N ILE B 60 -25.34 23.51 6.38
CA ILE B 60 -25.78 24.79 6.94
C ILE B 60 -26.59 24.55 8.22
N LYS B 61 -26.10 25.10 9.33
CA LYS B 61 -26.78 25.04 10.64
C LYS B 61 -28.11 25.80 10.72
N ILE B 62 -29.07 25.20 11.44
CA ILE B 62 -30.39 25.81 11.73
C ILE B 62 -30.52 26.00 13.25
N PHE B 63 -30.58 27.25 13.69
CA PHE B 63 -30.68 27.62 15.10
C PHE B 63 -32.11 28.03 15.47
N HIS B 64 -32.65 27.37 16.51
CA HIS B 64 -34.05 27.51 16.94
C HIS B 64 -34.16 28.46 18.14
N GLY B 67 -38.08 30.62 19.73
CA GLY B 67 -39.16 30.56 18.74
C GLY B 67 -38.65 30.61 17.31
N LYS B 68 -37.80 31.59 17.01
CA LYS B 68 -37.25 31.79 15.64
C LYS B 68 -36.31 30.67 15.23
N TYR B 69 -36.41 30.25 13.97
CA TYR B 69 -35.59 29.20 13.39
C TYR B 69 -34.58 29.80 12.41
N LEU B 75 -33.31 36.46 11.66
CA LEU B 75 -33.83 35.42 12.52
C LEU B 75 -35.34 35.11 12.29
N THR B 76 -36.14 36.11 11.91
CA THR B 76 -37.61 35.95 11.84
C THR B 76 -38.09 34.99 10.74
N PHE B 77 -38.03 33.69 11.06
CA PHE B 77 -38.70 32.62 10.32
C PHE B 77 -39.21 31.66 11.40
N SER B 78 -40.53 31.46 11.45
CA SER B 78 -41.19 30.79 12.60
C SER B 78 -41.25 29.24 12.57
N SER B 79 -40.56 28.60 11.62
CA SER B 79 -40.54 27.14 11.53
C SER B 79 -39.39 26.57 10.70
N VAL B 80 -39.25 25.25 10.79
CA VAL B 80 -38.35 24.48 9.94
C VAL B 80 -38.85 24.48 8.49
N VAL B 81 -40.16 24.29 8.30
CA VAL B 81 -40.81 24.32 6.97
C VAL B 81 -40.88 25.76 6.40
N GLU B 82 -40.86 26.77 7.29
CA GLU B 82 -40.87 28.18 6.91
C GLU B 82 -39.63 28.53 6.08
N LEU B 83 -38.48 28.33 6.70
CA LEU B 83 -37.19 28.84 6.19
C LEU B 83 -36.74 28.22 4.86
N ILE B 84 -37.19 26.99 4.58
CA ILE B 84 -36.76 26.25 3.39
C ILE B 84 -37.58 26.63 2.13
N ASN B 85 -38.90 26.77 2.27
CA ASN B 85 -39.80 27.20 1.17
C ASN B 85 -39.37 28.55 0.57
N HIS B 86 -38.91 29.45 1.45
CA HIS B 86 -38.32 30.74 1.08
C HIS B 86 -37.11 30.61 0.13
N TYR B 87 -36.21 29.66 0.44
CA TYR B 87 -34.97 29.45 -0.34
C TYR B 87 -35.06 28.42 -1.48
N ARG B 88 -36.24 27.81 -1.70
CA ARG B 88 -36.45 26.94 -2.86
C ARG B 88 -36.54 27.81 -4.13
N ASN B 89 -37.29 28.92 -4.04
CA ASN B 89 -37.37 29.91 -5.11
C ASN B 89 -36.04 30.65 -5.38
N GLU B 90 -35.24 30.84 -4.32
CA GLU B 90 -34.17 31.85 -4.29
C GLU B 90 -32.77 31.31 -3.96
N SER B 91 -31.75 32.09 -4.31
CA SER B 91 -30.34 31.75 -4.05
C SER B 91 -29.98 31.94 -2.59
N LEU B 92 -28.82 31.40 -2.21
CA LEU B 92 -28.29 31.55 -0.85
C LEU B 92 -27.24 32.65 -0.71
N ALA B 93 -26.95 33.37 -1.80
CA ALA B 93 -25.85 34.35 -1.83
C ALA B 93 -26.02 35.54 -0.87
N GLN B 94 -27.25 36.06 -0.77
CA GLN B 94 -27.55 37.26 0.09
C GLN B 94 -27.30 37.12 1.61
N TYR B 95 -27.30 35.90 2.13
CA TYR B 95 -26.97 35.63 3.54
C TYR B 95 -25.44 35.52 3.71
N ASN B 96 -24.78 34.87 2.75
CA ASN B 96 -23.32 34.66 2.78
C ASN B 96 -22.72 34.47 1.37
N PRO B 97 -21.61 35.16 1.05
CA PRO B 97 -20.94 34.96 -0.26
C PRO B 97 -20.51 33.51 -0.53
N VAL B 101 -26.21 29.47 -6.01
CA VAL B 101 -27.00 28.24 -6.17
C VAL B 101 -28.23 28.25 -5.26
N LYS B 102 -29.32 27.65 -5.75
CA LYS B 102 -30.59 27.56 -5.03
C LYS B 102 -30.74 26.19 -4.36
N LEU B 103 -31.87 26.01 -3.67
CA LEU B 103 -32.32 24.71 -3.19
C LEU B 103 -33.29 24.09 -4.23
N LEU B 104 -32.76 23.75 -5.41
CA LEU B 104 -33.61 23.40 -6.59
C LEU B 104 -34.27 22.01 -6.51
N TYR B 105 -33.57 21.01 -5.95
CA TYR B 105 -34.00 19.58 -5.98
C TYR B 105 -34.36 19.01 -4.58
N PRO B 106 -35.62 19.15 -4.13
CA PRO B 106 -36.01 18.59 -2.83
C PRO B 106 -36.20 17.07 -2.87
N VAL B 107 -35.11 16.33 -2.68
CA VAL B 107 -35.13 14.87 -2.82
C VAL B 107 -34.37 14.26 -1.64
N GLN B 114 -42.58 5.59 -8.22
CA GLN B 114 -42.89 4.43 -9.06
C GLN B 114 -43.12 3.17 -8.21
N VAL B 115 -42.07 2.34 -8.03
CA VAL B 115 -42.13 1.01 -7.37
C VAL B 115 -43.32 0.08 -7.71
N VAL B 116 -43.87 0.24 -8.93
CA VAL B 116 -45.15 -0.38 -9.35
C VAL B 116 -46.30 -0.12 -8.34
N LYS B 117 -46.25 1.04 -7.67
CA LYS B 117 -47.23 1.47 -6.63
C LYS B 117 -47.85 0.35 -5.75
N GLU B 118 -47.06 -0.70 -5.49
CA GLU B 118 -47.59 -1.94 -4.91
C GLU B 118 -47.86 -1.76 -3.42
N ASP B 119 -49.14 -1.57 -3.07
CA ASP B 119 -49.55 -1.43 -1.65
C ASP B 119 -49.63 -2.80 -1.00
N ASN B 120 -48.57 -3.58 -1.19
CA ASN B 120 -48.58 -5.02 -0.96
C ASN B 120 -47.74 -5.47 0.23
N ILE B 121 -46.66 -4.75 0.52
CA ILE B 121 -45.74 -5.11 1.61
C ILE B 121 -44.91 -6.36 1.22
N GLU B 122 -45.56 -7.52 1.10
CA GLU B 122 -44.88 -8.78 0.74
C GLU B 122 -44.36 -8.83 -0.70
N ALA B 123 -45.09 -8.25 -1.66
CA ALA B 123 -44.77 -8.34 -3.10
C ALA B 123 -43.78 -7.28 -3.58
N VAL B 124 -43.69 -6.17 -2.86
CA VAL B 124 -42.61 -5.20 -3.04
C VAL B 124 -41.30 -5.85 -2.53
N GLY B 125 -41.42 -6.73 -1.51
CA GLY B 125 -40.28 -7.46 -0.93
C GLY B 125 -39.64 -8.58 -1.73
N LYS B 126 -40.40 -9.19 -2.65
CA LYS B 126 -39.83 -10.18 -3.59
C LYS B 126 -39.13 -9.50 -4.76
N LYS B 127 -39.65 -8.35 -5.21
CA LYS B 127 -38.98 -7.49 -6.19
C LYS B 127 -37.62 -7.04 -5.69
N LEU B 128 -37.55 -6.76 -4.39
CA LEU B 128 -36.30 -6.47 -3.69
C LEU B 128 -35.31 -7.66 -3.74
N HIS B 129 -35.80 -8.89 -3.60
CA HIS B 129 -34.97 -10.10 -3.83
C HIS B 129 -34.54 -10.23 -5.31
N GLU B 130 -35.48 -9.97 -6.22
CA GLU B 130 -35.24 -10.17 -7.66
C GLU B 130 -34.35 -9.12 -8.29
N TYR B 131 -34.60 -7.84 -7.99
CA TYR B 131 -33.71 -6.76 -8.41
C TYR B 131 -32.34 -6.88 -7.79
N ASN B 132 -32.27 -7.40 -6.56
CA ASN B 132 -30.99 -7.75 -5.93
C ASN B 132 -30.26 -8.88 -6.68
N THR B 133 -30.97 -9.94 -7.11
CA THR B 133 -30.36 -11.01 -7.93
C THR B 133 -29.97 -10.52 -9.35
N GLN B 134 -30.72 -9.56 -9.87
CA GLN B 134 -30.37 -8.88 -11.14
C GLN B 134 -29.13 -8.04 -10.91
N PHE B 135 -29.23 -7.12 -9.95
CA PHE B 135 -28.09 -6.29 -9.53
C PHE B 135 -26.82 -7.14 -9.27
N GLN B 136 -26.92 -8.13 -8.36
CA GLN B 136 -25.76 -8.96 -7.96
C GLN B 136 -25.21 -9.88 -9.06
N GLU B 137 -26.06 -10.29 -10.00
CA GLU B 137 -25.60 -10.88 -11.25
C GLU B 137 -24.83 -9.82 -12.03
N LYS B 138 -25.46 -8.66 -12.19
CA LYS B 138 -24.93 -7.56 -12.99
C LYS B 138 -23.54 -7.11 -12.50
N SER B 139 -23.39 -7.04 -11.17
CA SER B 139 -22.11 -6.71 -10.54
C SER B 139 -21.03 -7.75 -10.85
N ARG B 140 -21.37 -9.04 -10.85
CA ARG B 140 -20.42 -10.09 -11.26
C ARG B 140 -19.94 -9.86 -12.69
N GLU B 141 -20.89 -9.56 -13.59
CA GLU B 141 -20.56 -9.29 -14.99
C GLU B 141 -19.56 -8.14 -15.04
N TYR B 142 -19.90 -7.03 -14.40
CA TYR B 142 -18.99 -5.88 -14.30
C TYR B 142 -17.64 -6.22 -13.62
N ASP B 143 -17.68 -7.07 -12.58
CA ASP B 143 -16.46 -7.47 -11.86
C ASP B 143 -15.56 -8.41 -12.67
N ARG B 144 -16.18 -9.37 -13.36
CA ARG B 144 -15.47 -10.30 -14.27
C ARG B 144 -14.74 -9.54 -15.38
N LEU B 145 -15.52 -8.72 -16.08
CA LEU B 145 -15.03 -7.96 -17.23
C LEU B 145 -13.86 -7.00 -16.90
N TYR B 146 -13.83 -6.46 -15.67
CA TYR B 146 -12.72 -5.61 -15.22
C TYR B 146 -11.41 -6.41 -15.13
N GLU B 147 -11.49 -7.68 -14.69
CA GLU B 147 -10.29 -8.56 -14.71
C GLU B 147 -9.87 -8.82 -16.16
N GLU B 148 -10.82 -9.22 -17.00
CA GLU B 148 -10.57 -9.48 -18.42
C GLU B 148 -9.89 -8.28 -19.06
N TYR B 149 -10.50 -7.11 -18.87
CA TYR B 149 -9.96 -5.82 -19.28
C TYR B 149 -8.50 -5.63 -18.83
N THR B 150 -8.23 -5.83 -17.53
CA THR B 150 -6.91 -5.51 -16.96
C THR B 150 -5.84 -6.57 -17.29
N ARG B 151 -6.24 -7.83 -17.33
CA ARG B 151 -5.35 -8.91 -17.79
C ARG B 151 -4.98 -8.63 -19.22
N THR B 152 -5.99 -8.28 -20.01
CA THR B 152 -5.79 -7.93 -21.41
C THR B 152 -4.85 -6.73 -21.59
N SER B 153 -5.02 -5.71 -20.73
CA SER B 153 -4.11 -4.57 -20.74
C SER B 153 -2.65 -5.02 -20.55
N GLN B 154 -2.44 -5.88 -19.56
CA GLN B 154 -1.11 -6.38 -19.24
C GLN B 154 -0.54 -7.24 -20.37
N GLU B 155 -1.28 -8.31 -20.70
CA GLU B 155 -0.90 -9.22 -21.79
C GLU B 155 -0.52 -8.50 -23.07
N ILE B 156 -1.24 -7.42 -23.40
CA ILE B 156 -0.91 -6.56 -24.55
C ILE B 156 0.48 -5.93 -24.39
N GLN B 157 0.72 -5.30 -23.26
CA GLN B 157 1.97 -4.59 -23.08
C GLN B 157 3.16 -5.56 -23.05
N MET B 158 2.97 -6.70 -22.37
CA MET B 158 3.90 -7.85 -22.44
C MET B 158 4.29 -8.21 -23.88
N LYS B 159 3.29 -8.22 -24.76
CA LYS B 159 3.53 -8.39 -26.19
C LYS B 159 4.38 -7.23 -26.74
N ARG B 160 3.96 -5.99 -26.46
CA ARG B 160 4.67 -4.79 -26.97
C ARG B 160 6.14 -4.82 -26.58
N THR B 161 6.40 -5.17 -25.32
CA THR B 161 7.77 -5.32 -24.81
C THR B 161 8.48 -6.41 -25.58
N ALA B 162 7.80 -7.55 -25.73
CA ALA B 162 8.33 -8.69 -26.48
C ALA B 162 8.70 -8.32 -27.93
N ILE B 163 7.87 -7.48 -28.54
CA ILE B 163 8.12 -7.00 -29.89
C ILE B 163 9.41 -6.16 -29.94
N GLU B 164 9.58 -5.26 -28.97
CA GLU B 164 10.82 -4.50 -28.82
C GLU B 164 12.02 -5.45 -28.65
N ALA B 165 11.84 -6.47 -27.81
CA ALA B 165 12.90 -7.48 -27.55
C ALA B 165 13.23 -8.29 -28.77
N PHE B 166 12.19 -8.70 -29.50
CA PHE B 166 12.37 -9.33 -30.82
C PHE B 166 13.17 -8.42 -31.74
N ASN B 167 12.65 -7.22 -31.94
CA ASN B 167 13.30 -6.23 -32.79
C ASN B 167 14.73 -6.01 -32.40
N GLU B 168 15.02 -6.00 -31.11
CA GLU B 168 16.39 -5.85 -30.65
C GLU B 168 17.20 -7.11 -30.99
N THR B 169 16.59 -8.28 -30.73
CA THR B 169 17.21 -9.58 -31.06
C THR B 169 17.60 -9.62 -32.53
N ILE B 170 16.63 -9.24 -33.37
CA ILE B 170 16.80 -9.17 -34.83
C ILE B 170 18.02 -8.34 -35.20
N LYS B 171 18.11 -7.15 -34.62
CA LYS B 171 19.20 -6.23 -34.93
C LYS B 171 20.57 -6.83 -34.66
N ILE B 172 20.70 -7.66 -33.62
CA ILE B 172 21.99 -8.27 -33.27
C ILE B 172 22.37 -9.35 -34.29
N PHE B 173 21.35 -9.99 -34.86
CA PHE B 173 21.53 -11.02 -35.89
C PHE B 173 21.79 -10.37 -37.26
N GLU B 174 21.11 -9.26 -37.55
CA GLU B 174 21.37 -8.49 -38.77
C GLU B 174 22.82 -8.07 -38.73
N GLU B 175 23.18 -7.39 -37.64
CA GLU B 175 24.58 -7.01 -37.33
C GLU B 175 25.60 -8.16 -37.45
N GLN B 176 25.19 -9.38 -37.14
CA GLN B 176 26.03 -10.56 -37.29
C GLN B 176 26.32 -10.90 -38.76
N CYS B 177 25.27 -11.02 -39.59
CA CYS B 177 25.48 -11.37 -41.02
C CYS B 177 26.24 -10.27 -41.75
N GLN B 178 26.14 -9.02 -41.27
CA GLN B 178 27.06 -7.95 -41.64
C GLN B 178 28.46 -8.35 -41.18
N THR B 179 28.65 -8.49 -39.87
CA THR B 179 29.96 -8.77 -39.27
C THR B 179 30.74 -9.89 -39.98
N GLN B 180 30.05 -10.96 -40.36
CA GLN B 180 30.75 -12.07 -41.02
C GLN B 180 31.26 -11.63 -42.40
N GLU B 181 30.38 -11.08 -43.24
CA GLU B 181 30.75 -10.68 -44.61
C GLU B 181 32.11 -9.96 -44.69
N ARG B 182 32.36 -9.03 -43.78
CA ARG B 182 33.62 -8.30 -43.75
C ARG B 182 34.82 -9.23 -43.56
N TYR B 183 34.84 -9.95 -42.43
CA TYR B 183 35.94 -10.88 -42.10
C TYR B 183 35.89 -12.19 -42.91
N SER B 184 34.71 -12.49 -43.47
CA SER B 184 34.51 -13.64 -44.35
C SER B 184 35.15 -13.40 -45.71
N LYS B 185 34.80 -12.27 -46.33
CA LYS B 185 35.29 -11.92 -47.68
C LYS B 185 36.65 -11.20 -47.70
N GLU B 186 37.32 -11.10 -46.56
CA GLU B 186 38.77 -10.89 -46.51
C GLU B 186 39.48 -12.23 -46.70
N TYR B 187 38.92 -13.27 -46.08
CA TYR B 187 39.45 -14.65 -46.17
C TYR B 187 38.85 -15.45 -47.32
N ILE B 188 38.09 -14.81 -48.22
CA ILE B 188 37.83 -15.36 -49.56
C ILE B 188 38.99 -14.98 -50.51
N GLU B 189 39.42 -13.72 -50.47
CA GLU B 189 40.31 -13.19 -51.50
C GLU B 189 41.80 -13.38 -51.19
N LYS B 190 42.18 -13.25 -49.92
CA LYS B 190 43.52 -13.70 -49.51
C LYS B 190 43.58 -15.21 -49.75
N PHE B 191 44.66 -15.65 -50.42
CA PHE B 191 44.96 -17.07 -50.68
C PHE B 191 44.12 -17.72 -51.82
N LYS B 192 42.81 -17.89 -51.59
CA LYS B 192 41.86 -18.59 -52.52
C LYS B 192 42.15 -20.06 -52.91
N ARG B 193 43.31 -20.34 -53.50
CA ARG B 193 43.73 -21.73 -53.78
C ARG B 193 43.85 -22.62 -52.54
N GLU B 194 44.31 -22.03 -51.43
CA GLU B 194 44.42 -22.74 -50.14
C GLU B 194 43.03 -22.94 -49.50
N GLY B 195 42.57 -24.19 -49.41
CA GLY B 195 41.22 -24.51 -48.92
C GLY B 195 40.18 -24.42 -50.03
N ASN B 196 39.95 -23.20 -50.53
CA ASN B 196 39.08 -22.94 -51.70
C ASN B 196 37.61 -23.29 -51.40
N GLU B 197 37.11 -24.45 -51.84
CA GLU B 197 35.73 -24.88 -51.54
C GLU B 197 35.64 -25.69 -50.25
N LYS B 198 36.74 -26.35 -49.84
CA LYS B 198 36.84 -26.89 -48.48
C LYS B 198 36.86 -25.79 -47.40
N GLU B 199 37.22 -24.56 -47.78
CA GLU B 199 37.11 -23.41 -46.89
C GLU B 199 35.74 -22.76 -47.06
N ILE B 200 35.47 -22.23 -48.24
CA ILE B 200 34.35 -21.29 -48.46
C ILE B 200 32.96 -21.95 -48.37
N GLN B 201 32.84 -23.23 -48.74
CA GLN B 201 31.55 -23.93 -48.59
C GLN B 201 31.14 -24.00 -47.12
N ARG B 202 32.07 -24.41 -46.25
CA ARG B 202 31.78 -24.49 -44.81
C ARG B 202 31.70 -23.11 -44.11
N ILE B 203 32.19 -22.06 -44.79
CA ILE B 203 31.92 -20.65 -44.44
C ILE B 203 30.56 -20.19 -44.96
N MET B 204 30.23 -20.61 -46.18
CA MET B 204 28.93 -20.33 -46.79
C MET B 204 27.76 -21.07 -46.13
N HIS B 205 28.03 -22.23 -45.51
CA HIS B 205 27.02 -22.99 -44.75
C HIS B 205 26.58 -22.18 -43.54
N ASN B 206 27.56 -21.83 -42.72
CA ASN B 206 27.38 -20.95 -41.57
C ASN B 206 26.48 -19.75 -41.88
N TYR B 207 26.78 -19.06 -43.00
CA TYR B 207 26.03 -17.90 -43.46
C TYR B 207 24.60 -18.24 -43.87
N ASP B 208 24.41 -19.36 -44.57
CA ASP B 208 23.06 -19.78 -44.96
C ASP B 208 22.18 -20.04 -43.73
N LYS B 209 22.76 -20.65 -42.69
CA LYS B 209 22.04 -20.83 -41.41
C LYS B 209 21.66 -19.47 -40.83
N LEU B 210 22.63 -18.57 -40.80
CA LEU B 210 22.44 -17.25 -40.19
C LEU B 210 21.22 -16.46 -40.70
N LYS B 211 21.02 -16.41 -42.02
CA LYS B 211 19.93 -15.61 -42.60
C LYS B 211 18.57 -16.29 -42.58
N SER B 212 18.54 -17.62 -42.74
CA SER B 212 17.26 -18.34 -42.66
C SER B 212 16.77 -18.46 -41.20
N ARG B 213 17.69 -18.27 -40.24
CA ARG B 213 17.33 -18.08 -38.82
C ARG B 213 16.64 -16.73 -38.67
N ILE B 214 17.29 -15.66 -39.15
CA ILE B 214 16.69 -14.31 -39.17
C ILE B 214 15.30 -14.39 -39.81
N SER B 215 15.18 -15.17 -40.89
CA SER B 215 13.91 -15.41 -41.56
C SER B 215 12.85 -15.86 -40.55
N GLU B 216 13.18 -16.90 -39.77
CA GLU B 216 12.29 -17.42 -38.70
C GLU B 216 11.97 -16.35 -37.66
N ILE B 217 13.02 -15.63 -37.22
CA ILE B 217 12.88 -14.62 -36.16
C ILE B 217 11.89 -13.55 -36.58
N ILE B 218 12.07 -13.03 -37.78
CA ILE B 218 11.20 -11.96 -38.30
C ILE B 218 9.75 -12.46 -38.39
N ASP B 219 9.57 -13.69 -38.87
CA ASP B 219 8.24 -14.29 -38.92
C ASP B 219 7.64 -14.45 -37.52
N SER B 220 8.48 -14.83 -36.55
CA SER B 220 8.05 -14.93 -35.14
C SER B 220 7.54 -13.61 -34.54
N ARG B 221 8.11 -12.49 -35.02
CA ARG B 221 7.67 -11.14 -34.61
C ARG B 221 6.34 -10.75 -35.26
N ARG B 222 6.28 -10.91 -36.59
CA ARG B 222 5.05 -10.69 -37.35
C ARG B 222 3.91 -11.41 -36.64
N ARG B 223 4.10 -12.71 -36.45
CA ARG B 223 3.11 -13.60 -35.86
C ARG B 223 2.65 -13.15 -34.47
N LEU B 224 3.51 -12.43 -33.77
CA LEU B 224 3.17 -11.81 -32.50
C LEU B 224 2.29 -10.56 -32.70
N GLU B 225 2.65 -9.75 -33.69
CA GLU B 225 1.95 -8.47 -33.98
C GLU B 225 0.48 -8.69 -34.35
N GLU B 226 0.23 -9.65 -35.24
CA GLU B 226 -1.13 -10.02 -35.57
C GLU B 226 -1.94 -10.35 -34.31
N ASP B 227 -1.34 -11.10 -33.37
CA ASP B 227 -2.02 -11.49 -32.12
C ASP B 227 -2.31 -10.29 -31.25
N LEU B 228 -1.38 -9.33 -31.25
CA LEU B 228 -1.53 -8.06 -30.55
C LEU B 228 -2.80 -7.33 -30.99
N LYS B 229 -2.99 -7.22 -32.30
CA LYS B 229 -4.17 -6.56 -32.88
C LYS B 229 -5.47 -7.26 -32.46
N LYS B 230 -5.46 -8.58 -32.54
CA LYS B 230 -6.62 -9.41 -32.14
C LYS B 230 -6.87 -9.30 -30.65
N GLN B 231 -5.80 -9.24 -29.87
CA GLN B 231 -5.89 -8.92 -28.45
C GLN B 231 -6.43 -7.51 -28.21
N ALA B 232 -5.87 -6.54 -28.91
CA ALA B 232 -6.22 -5.12 -28.75
C ALA B 232 -7.64 -4.84 -29.21
N ALA B 233 -8.08 -5.58 -30.22
CA ALA B 233 -9.47 -5.55 -30.68
C ALA B 233 -10.42 -5.99 -29.57
N GLU B 234 -10.13 -7.16 -28.98
CA GLU B 234 -10.89 -7.69 -27.82
C GLU B 234 -10.80 -6.74 -26.60
N TYR B 235 -9.64 -6.08 -26.45
CA TYR B 235 -9.44 -5.04 -25.42
C TYR B 235 -10.46 -3.92 -25.57
N ARG B 236 -10.60 -3.40 -26.80
CA ARG B 236 -11.63 -2.41 -27.13
C ARG B 236 -13.04 -2.98 -26.87
N GLU B 237 -13.28 -4.21 -27.32
CA GLU B 237 -14.59 -4.86 -27.19
C GLU B 237 -15.06 -5.10 -25.75
N ILE B 238 -14.13 -5.41 -24.85
CA ILE B 238 -14.45 -5.57 -23.42
C ILE B 238 -14.99 -4.23 -22.89
N ASP B 239 -14.18 -3.18 -23.08
CA ASP B 239 -14.51 -1.81 -22.64
C ASP B 239 -15.86 -1.36 -23.18
N LYS B 240 -16.05 -1.61 -24.47
CA LYS B 240 -17.28 -1.30 -25.18
C LYS B 240 -18.53 -1.82 -24.47
N ARG B 241 -18.47 -3.07 -23.98
CA ARG B 241 -19.58 -3.69 -23.22
C ARG B 241 -19.60 -3.31 -21.73
N MET B 242 -18.42 -3.13 -21.12
CA MET B 242 -18.31 -2.55 -19.77
C MET B 242 -19.17 -1.29 -19.69
N ASN B 243 -18.89 -0.36 -20.60
CA ASN B 243 -19.55 0.94 -20.68
C ASN B 243 -21.05 0.86 -20.90
N SER B 244 -21.49 -0.14 -21.65
CA SER B 244 -22.91 -0.39 -21.87
C SER B 244 -23.61 -0.93 -20.63
N ILE B 245 -22.92 -1.78 -19.88
CA ILE B 245 -23.46 -2.36 -18.64
C ILE B 245 -23.66 -1.28 -17.58
N LYS B 246 -22.58 -0.54 -17.30
CA LYS B 246 -22.56 0.54 -16.28
C LYS B 246 -23.85 1.37 -16.01
N PRO B 247 -24.42 2.03 -17.04
CA PRO B 247 -25.58 2.93 -16.83
C PRO B 247 -26.83 2.23 -16.32
N ASP B 248 -27.03 0.99 -16.74
CA ASP B 248 -28.14 0.17 -16.28
C ASP B 248 -27.84 -0.46 -14.92
N LEU B 249 -26.57 -0.74 -14.64
CA LEU B 249 -26.13 -1.14 -13.29
C LEU B 249 -26.47 -0.05 -12.25
N ILE B 250 -26.42 1.23 -12.64
CA ILE B 250 -26.78 2.32 -11.72
C ILE B 250 -28.29 2.42 -11.51
N GLN B 251 -29.06 2.29 -12.58
CA GLN B 251 -30.52 2.41 -12.50
C GLN B 251 -31.15 1.22 -11.78
N LEU B 252 -30.66 0.01 -12.08
CA LEU B 252 -30.98 -1.21 -11.31
C LEU B 252 -30.71 -1.02 -9.82
N ARG B 253 -29.58 -0.38 -9.53
CA ARG B 253 -29.19 -0.05 -8.17
C ARG B 253 -30.09 1.04 -7.60
N LYS B 254 -30.39 2.06 -8.40
CA LYS B 254 -31.20 3.21 -7.94
C LYS B 254 -32.66 2.85 -7.66
N THR B 255 -33.25 2.03 -8.52
CA THR B 255 -34.62 1.54 -8.33
C THR B 255 -34.72 0.62 -7.10
N ARG B 256 -33.71 -0.26 -6.92
CA ARG B 256 -33.59 -1.12 -5.74
C ARG B 256 -33.60 -0.33 -4.43
N ASP B 257 -32.90 0.80 -4.40
CA ASP B 257 -32.81 1.64 -3.19
C ASP B 257 -34.13 2.37 -2.89
N GLN B 258 -34.82 2.83 -3.94
CA GLN B 258 -36.15 3.45 -3.80
C GLN B 258 -37.23 2.42 -3.41
N TYR B 259 -37.12 1.21 -3.93
CA TYR B 259 -37.96 0.07 -3.48
C TYR B 259 -37.82 -0.19 -1.99
N LEU B 260 -36.57 -0.34 -1.54
CA LEU B 260 -36.26 -0.56 -0.12
C LEU B 260 -36.46 0.70 0.75
N MET B 261 -36.46 1.89 0.12
CA MET B 261 -36.91 3.13 0.79
C MET B 261 -38.44 3.12 1.03
N TRP B 262 -39.21 2.68 0.03
CA TRP B 262 -40.68 2.63 0.16
C TRP B 262 -41.17 1.65 1.24
N LEU B 263 -40.48 0.52 1.39
CA LEU B 263 -40.81 -0.50 2.42
C LEU B 263 -40.61 -0.01 3.85
N THR B 264 -39.43 0.55 4.10
CA THR B 264 -39.00 0.96 5.44
C THR B 264 -39.86 2.09 6.07
N GLN B 265 -40.75 2.70 5.28
CA GLN B 265 -41.77 3.62 5.82
C GLN B 265 -43.03 2.83 6.19
N LYS B 271 -35.10 -5.78 10.17
CA LYS B 271 -34.59 -7.12 10.46
C LYS B 271 -35.20 -8.21 9.57
N LYS B 272 -36.30 -7.87 8.88
CA LYS B 272 -37.03 -8.80 7.99
C LYS B 272 -36.44 -8.92 6.58
N LEU B 273 -35.50 -8.02 6.24
CA LEU B 273 -35.07 -7.81 4.87
C LEU B 273 -34.01 -8.82 4.36
N ASN B 274 -33.04 -9.19 5.22
CA ASN B 274 -31.80 -9.90 4.80
C ASN B 274 -31.91 -11.24 4.01
N GLU B 275 -33.04 -11.93 4.07
CA GLU B 275 -33.19 -13.20 3.31
C GLU B 275 -33.46 -12.95 1.82
N TRP B 276 -34.32 -11.97 1.52
CA TRP B 276 -34.52 -11.45 0.16
C TRP B 276 -33.20 -10.95 -0.41
N LEU B 277 -32.52 -10.13 0.40
CA LEU B 277 -31.24 -9.54 0.04
C LEU B 277 -30.07 -10.48 0.38
#